data_7E4Z
#
_entry.id   7E4Z
#
_cell.length_a   104.431
_cell.length_b   156.635
_cell.length_c   182.275
_cell.angle_alpha   90.000
_cell.angle_beta   90.000
_cell.angle_gamma   90.000
#
_symmetry.space_group_name_H-M   'P 21 21 21'
#
loop_
_entity.id
_entity.type
_entity.pdbx_description
1 polymer 'Tubulin alpha-1B chain'
2 polymer 'Tubulin beta-2B chain'
3 polymer Stathmin-4
4 polymer 'Tubulin tyrosine ligase'
5 non-polymer "GUANOSINE-5'-TRIPHOSPHATE"
6 non-polymer 'MAGNESIUM ION'
7 non-polymer 'CALCIUM ION'
8 non-polymer 'CHLORIDE ION'
9 non-polymer '2-(N-MORPHOLINO)-ETHANESULFONIC ACID'
10 non-polymer "GUANOSINE-5'-DIPHOSPHATE"
11 non-polymer (1R,2S,3S,5S,6S,16E,18E,20R,21S)-11-chloro-6,21-dihydroxy-12,20-dimethoxy-2,5,9,16-tetramethyl-4,24-dioxa-9,22-diazatetracyclo[19.3.1.1~10,14~.0~3,5~]hexacosa-10(26),11,13,16,18-pentaene-8,23-dione
12 non-polymer 'PHOSPHOMETHYLPHOSPHONIC ACID ADENYLATE ESTER'
13 water water
#
loop_
_entity_poly.entity_id
_entity_poly.type
_entity_poly.pdbx_seq_one_letter_code
_entity_poly.pdbx_strand_id
1 'polypeptide(L)'
;MRECISIHVGQAGVQIGNACWELYCLEHGIQPDGQMPSDKTIGGGDDSFNTFFSETGAGKHVPRAVFVDLEPTVIDEVRT
GTYRQLFHPEQLITGKEDAANNYARGHYTIGKEIIDLVLDRIRKLADQCTGLQGFLVFHSFGGGTGSGFTSLLMERLSVD
YGKKSKLEFSIYPAPQVSTAVVEPYNSILTTHTTLEHSDCAFMVDNEAIYDICRRNLDIERPTYTNLNRLISQIVSSITA
SLRFDGALNVDLTEFQTNLVPYPRIHFPLATYAPVISAEKAYHEQLSVAEITNACFEPANQMVKCDPRHGKYMACCLLYR
GDVVPKDVNAAIATIKTKRSIQFVDWCPTGFKVGINYQPPTVVPGGDLAKVQRAVCMLSNTTAIAEAWARLDHKFDLMYA
KRAFVHWYVGEGMEEGEFSEAREDMAALEKDYEEVGVDSV
;
A,C
2 'polypeptide(L)'
;MREIVHIQAGQCGNQIGAKFWEVISDEHGIDPTGSYHGDSDLQLERINVYYNEATGNKYVPRAILVDLEPGTMDSVRSGP
FGQIFRPDNFVFGQSGAGNNWAKGHYTEGAELVDSVLDVVRKESESCDCLQGFQLTHSLGGGTGSGMGTLLISKIREEYP
DRIMNTFSVMPSPKVSDTVVEPYNATLSVHQLVENTDETYCIDNEALYDICFRTLKLTTPTYGDLNHLVSATMSGVTTCL
RFPGQLNADLRKLAVNMVPFPRLHFFMPGFAPLTSRGSQQYRALTVPELTQQMFDSKNMMAACDPRHGRYLTVAAIFRGR
MSMKEVDEQMLNVQNKNSSYFVEWIPNNVKTAVCDIPPRGLKMSATFIGNSTAIQELFKRISEQFTAMFRRKAFLHWYTG
EGMDEMEFTEAESNMNDLVSEYQQYQDATAD
;
B,D
3 'polypeptide(L)'
;MEVIELNKCTSGQSFEVILKPPSFDGVPEFNASLPRRRDPSLEEIQKKLEAAEERRKYQEAELLKHLAEKREHEREVIQK
AIEENNNFIKMAKEKLAQKMESNKENREAHLAAMLERLQEKDKHAEEVRKNKELKEEA
;
E
4 'polypeptide(L)'
;MYTFVVRDENSSVYAEVSRLLLATGQWKRLRKDNPRFNLMLGERNRLPFGRLGHEPGLVQLVNYYRGADKLCRKASLVKL
IKTSPELSESCTWFPESYVIYPTNLKTPVAPAQNGIRHLINNTRTDEREVFLAAYNRRREGREGNVWIAKSSAGAKGEGI
LISSEASELLDFIDEQGQVHVIQKYLEKPLLLEPGHRKFDIRSWVLVDHLYNIYLYREGVLRTSSEPYNSANFQDKTCHL
TNHCIQKEYSKNYGRYEEGNEMFFEEFNQYLMDALNTTLENSILLQIKHIIRSCLMCIEPAISTKHLHYQSFQLFGFDFM
VDEELKVWLIEVNGAPACAQKLYAELCQGIVDVAISSVFPLADTGQKTSQPTSIFIKLHHHHHH
;
F
#
loop_
_chem_comp.id
_chem_comp.type
_chem_comp.name
_chem_comp.formula
ACP non-polymer 'PHOSPHOMETHYLPHOSPHONIC ACID ADENYLATE ESTER' 'C11 H18 N5 O12 P3'
BKL non-polymer (1R,2S,3S,5S,6S,16E,18E,20R,21S)-11-chloro-6,21-dihydroxy-12,20-dimethoxy-2,5,9,16-tetramethyl-4,24-dioxa-9,22-diazatetracyclo[19.3.1.1~10,14~.0~3,5~]hexacosa-10(26),11,13,16,18-pentaene-8,23-dione 'C28 H37 Cl N2 O8'
CA non-polymer 'CALCIUM ION' 'Ca 2'
CL non-polymer 'CHLORIDE ION' 'Cl -1'
GDP RNA linking GUANOSINE-5'-DIPHOSPHATE 'C10 H15 N5 O11 P2'
GTP non-polymer GUANOSINE-5'-TRIPHOSPHATE 'C10 H16 N5 O14 P3'
MES non-polymer '2-(N-MORPHOLINO)-ETHANESULFONIC ACID' 'C6 H13 N O4 S'
MG non-polymer 'MAGNESIUM ION' 'Mg 2'
#
# COMPACT_ATOMS: atom_id res chain seq x y z
N MET A 1 4.60 -4.87 73.08
CA MET A 1 4.93 -4.41 71.70
C MET A 1 4.54 -5.47 70.67
N ARG A 2 3.92 -5.02 69.59
CA ARG A 2 3.52 -5.89 68.50
C ARG A 2 4.00 -5.32 67.17
N GLU A 3 4.55 -6.17 66.32
CA GLU A 3 5.22 -5.72 65.10
C GLU A 3 4.23 -5.43 63.95
N CYS A 4 4.67 -4.57 63.04
CA CYS A 4 3.93 -4.27 61.82
C CYS A 4 4.86 -4.41 60.61
N ILE A 5 4.41 -5.15 59.61
CA ILE A 5 5.17 -5.34 58.38
C ILE A 5 4.61 -4.48 57.25
N SER A 6 5.47 -3.64 56.69
CA SER A 6 5.08 -2.81 55.55
C SER A 6 5.32 -3.56 54.25
N ILE A 7 4.42 -3.40 53.29
CA ILE A 7 4.56 -4.04 51.99
C ILE A 7 4.33 -3.01 50.87
N HIS A 8 5.34 -2.87 50.03
CA HIS A 8 5.34 -1.87 48.97
C HIS A 8 5.34 -2.54 47.61
N VAL A 9 4.30 -2.25 46.82
CA VAL A 9 4.06 -2.94 45.56
C VAL A 9 4.00 -1.96 44.39
N GLY A 10 4.82 -2.21 43.37
CA GLY A 10 4.82 -1.39 42.17
C GLY A 10 5.63 -0.12 42.34
N GLN A 11 5.71 0.67 41.28
CA GLN A 11 6.51 1.90 41.29
C GLN A 11 6.03 2.86 42.37
N ALA A 12 4.74 3.15 42.38
CA ALA A 12 4.15 4.08 43.34
C ALA A 12 4.37 3.60 44.77
N GLY A 13 4.09 2.34 45.02
CA GLY A 13 4.25 1.76 46.35
C GLY A 13 5.68 1.83 46.83
N VAL A 14 6.62 1.47 45.96
CA VAL A 14 8.04 1.45 46.32
C VAL A 14 8.56 2.86 46.56
N GLN A 15 8.30 3.77 45.63
CA GLN A 15 8.84 5.12 45.71
C GLN A 15 8.25 5.90 46.88
N ILE A 16 6.99 5.64 47.19
CA ILE A 16 6.36 6.24 48.36
C ILE A 16 6.95 5.61 49.62
N GLY A 17 7.17 4.31 49.58
CA GLY A 17 7.80 3.61 50.67
C GLY A 17 9.17 4.19 50.99
N ASN A 18 9.94 4.50 49.95
CA ASN A 18 11.24 5.12 50.11
C ASN A 18 11.15 6.42 50.91
N ALA A 19 10.18 7.25 50.56
CA ALA A 19 10.00 8.55 51.20
C ALA A 19 9.57 8.40 52.65
N CYS A 20 8.75 7.39 52.93
CA CYS A 20 8.25 7.15 54.28
C CYS A 20 9.35 6.70 55.22
N TRP A 21 10.13 5.71 54.80
CA TRP A 21 11.20 5.17 55.64
C TRP A 21 12.34 6.17 55.79
N GLU A 22 12.53 7.01 54.78
CA GLU A 22 13.47 8.12 54.90
C GLU A 22 13.01 9.04 56.02
N LEU A 23 11.71 9.28 56.07
CA LEU A 23 11.12 10.17 57.06
C LEU A 23 11.08 9.52 58.44
N TYR A 24 10.80 8.22 58.49
CA TYR A 24 10.81 7.48 59.74
C TYR A 24 12.18 7.55 60.39
N CYS A 25 13.23 7.35 59.59
CA CYS A 25 14.59 7.35 60.08
C CYS A 25 14.99 8.69 60.68
N LEU A 26 14.62 9.78 60.00
CA LEU A 26 14.90 11.12 60.48
C LEU A 26 14.17 11.38 61.80
N GLU A 27 12.95 10.91 61.90
CA GLU A 27 12.11 11.14 63.07
C GLU A 27 12.58 10.35 64.28
N HIS A 28 13.13 9.16 64.03
CA HIS A 28 13.61 8.30 65.11
C HIS A 28 15.11 8.47 65.35
N GLY A 29 15.76 9.26 64.51
CA GLY A 29 17.19 9.49 64.65
C GLY A 29 18.02 8.30 64.22
N ILE A 30 17.56 7.61 63.18
CA ILE A 30 18.28 6.48 62.62
C ILE A 30 19.06 6.95 61.40
N GLN A 31 20.35 6.64 61.37
CA GLN A 31 21.21 7.06 60.27
C GLN A 31 21.10 6.09 59.09
N PRO A 32 21.54 6.53 57.89
CA PRO A 32 21.44 5.70 56.69
C PRO A 32 22.09 4.33 56.83
N ASP A 33 23.14 4.23 57.65
CA ASP A 33 23.84 2.97 57.83
C ASP A 33 23.15 2.06 58.84
N GLY A 34 21.98 2.48 59.33
CA GLY A 34 21.16 1.64 60.19
C GLY A 34 21.42 1.81 61.67
N GLN A 35 22.41 2.63 62.02
CA GLN A 35 22.75 2.86 63.42
C GLN A 35 21.81 3.88 64.05
N MET A 36 21.59 3.75 65.36
CA MET A 36 20.67 4.62 66.10
C MET A 36 21.25 4.89 67.49
N PRO A 37 22.10 5.93 67.59
CA PRO A 37 22.80 6.28 68.84
C PRO A 37 21.91 6.34 70.09
N SER A 38 20.74 6.96 69.96
CA SER A 38 19.86 7.16 71.11
C SER A 38 19.35 5.85 71.68
N ASP A 39 19.34 4.80 70.86
CA ASP A 39 18.93 3.48 71.32
C ASP A 39 20.04 2.83 72.13
N LYS A 40 19.76 2.56 73.41
CA LYS A 40 20.78 2.08 74.33
C LYS A 40 20.71 0.57 74.55
N THR A 41 19.55 -0.02 74.24
CA THR A 41 19.41 -1.47 74.27
C THR A 41 19.91 -2.06 72.97
N ILE A 42 21.20 -2.36 72.92
CA ILE A 42 21.83 -2.88 71.70
C ILE A 42 21.37 -4.29 71.38
N GLY A 43 21.07 -4.54 70.12
CA GLY A 43 20.77 -5.87 69.63
C GLY A 43 19.39 -6.39 69.99
N GLY A 44 18.48 -5.50 70.37
CA GLY A 44 17.13 -5.89 70.70
C GLY A 44 16.37 -4.87 71.52
N GLY A 45 15.13 -5.22 71.87
CA GLY A 45 14.27 -4.34 72.64
C GLY A 45 12.83 -4.43 72.17
N ASP A 46 11.93 -3.81 72.92
CA ASP A 46 10.51 -3.81 72.56
C ASP A 46 9.92 -2.42 72.76
N ASP A 47 10.66 -1.40 72.34
CA ASP A 47 10.17 -0.02 72.39
C ASP A 47 9.07 0.16 71.34
N SER A 48 8.54 1.37 71.24
CA SER A 48 7.47 1.65 70.29
C SER A 48 7.97 1.68 68.85
N PHE A 49 9.21 2.12 68.66
CA PHE A 49 9.77 2.20 67.32
C PHE A 49 10.12 0.82 66.78
N ASN A 50 10.27 -0.15 67.68
CA ASN A 50 10.54 -1.52 67.27
C ASN A 50 9.39 -2.15 66.51
N THR A 51 8.25 -1.45 66.50
CA THR A 51 7.09 -1.88 65.72
C THR A 51 7.41 -1.89 64.24
N PHE A 52 8.28 -0.99 63.82
CA PHE A 52 8.63 -0.82 62.42
C PHE A 52 10.07 -1.24 62.11
N PHE A 53 10.90 -1.31 63.15
CA PHE A 53 12.30 -1.67 62.99
C PHE A 53 12.68 -2.88 63.83
N SER A 54 13.49 -3.77 63.25
CA SER A 54 14.10 -4.87 63.99
C SER A 54 15.51 -4.46 64.37
N GLU A 55 16.25 -5.35 65.04
CA GLU A 55 17.60 -5.02 65.48
C GLU A 55 18.58 -6.18 65.31
N THR A 56 19.81 -5.84 64.95
CA THR A 56 20.90 -6.82 64.82
C THR A 56 21.91 -6.60 65.94
N GLY A 57 22.72 -7.63 66.19
CA GLY A 57 23.74 -7.56 67.23
C GLY A 57 24.73 -6.43 67.00
N ALA A 58 24.87 -6.02 65.74
CA ALA A 58 25.78 -4.93 65.39
C ALA A 58 25.19 -3.58 65.76
N GLY A 59 23.89 -3.55 66.04
CA GLY A 59 23.19 -2.32 66.38
C GLY A 59 22.47 -1.72 65.19
N LYS A 60 22.29 -2.54 64.15
CA LYS A 60 21.64 -2.09 62.93
C LYS A 60 20.12 -2.14 63.08
N HIS A 61 19.43 -1.10 62.63
CA HIS A 61 17.98 -1.02 62.73
C HIS A 61 17.35 -1.16 61.35
N VAL A 62 16.67 -2.29 61.15
CA VAL A 62 16.20 -2.70 59.84
C VAL A 62 14.68 -2.59 59.72
N PRO A 63 14.18 -1.82 58.72
CA PRO A 63 12.74 -1.76 58.45
C PRO A 63 12.11 -3.12 58.26
N ARG A 64 10.97 -3.34 58.91
CA ARG A 64 10.17 -4.54 58.68
C ARG A 64 9.37 -4.36 57.41
N ALA A 65 10.07 -4.23 56.28
CA ALA A 65 9.44 -3.88 55.02
C ALA A 65 9.80 -4.87 53.91
N VAL A 66 8.87 -5.02 52.96
CA VAL A 66 9.11 -5.80 51.75
C VAL A 66 8.77 -4.96 50.53
N PHE A 67 9.71 -4.86 49.61
CA PHE A 67 9.50 -4.13 48.37
C PHE A 67 9.35 -5.13 47.23
N VAL A 68 8.28 -4.96 46.45
CA VAL A 68 7.98 -5.86 45.34
C VAL A 68 7.63 -5.07 44.08
N ASP A 69 8.23 -5.46 42.96
CA ASP A 69 7.93 -4.83 41.68
C ASP A 69 8.27 -5.79 40.56
N LEU A 70 7.37 -5.92 39.58
CA LEU A 70 7.54 -6.92 38.53
C LEU A 70 8.62 -6.53 37.52
N GLU A 71 9.22 -5.37 37.72
CA GLU A 71 10.40 -4.98 36.94
C GLU A 71 11.41 -4.31 37.88
N PRO A 72 12.70 -4.37 37.54
CA PRO A 72 13.76 -4.09 38.51
C PRO A 72 14.23 -2.64 38.63
N THR A 73 14.02 -1.81 37.61
CA THR A 73 14.66 -0.50 37.55
C THR A 73 14.38 0.39 38.76
N VAL A 74 13.16 0.34 39.29
CA VAL A 74 12.77 1.21 40.41
C VAL A 74 13.39 0.73 41.72
N ILE A 75 13.20 -0.55 42.03
CA ILE A 75 13.75 -1.13 43.26
C ILE A 75 15.27 -1.15 43.19
N ASP A 76 15.82 -1.20 41.99
CA ASP A 76 17.27 -1.13 41.81
C ASP A 76 17.83 0.17 42.37
N GLU A 77 17.05 1.24 42.26
CA GLU A 77 17.49 2.54 42.78
C GLU A 77 17.52 2.55 44.30
N VAL A 78 16.78 1.62 44.91
CA VAL A 78 16.82 1.44 46.36
C VAL A 78 18.07 0.66 46.75
N ARG A 79 18.41 -0.33 45.93
CA ARG A 79 19.58 -1.18 46.19
C ARG A 79 20.90 -0.40 46.06
N THR A 80 20.86 0.73 45.36
CA THR A 80 22.06 1.52 45.11
C THR A 80 22.01 2.88 45.81
N GLY A 81 20.83 3.23 46.33
CA GLY A 81 20.60 4.58 46.82
C GLY A 81 21.20 4.88 48.18
N THR A 82 20.74 5.98 48.77
CA THR A 82 21.25 6.48 50.04
C THR A 82 21.03 5.48 51.17
N TYR A 83 19.92 4.76 51.12
CA TYR A 83 19.55 3.81 52.17
C TYR A 83 19.71 2.38 51.69
N ARG A 84 20.77 2.13 50.93
CA ARG A 84 21.07 0.79 50.44
C ARG A 84 21.43 -0.13 51.60
N GLN A 85 22.15 0.43 52.57
CA GLN A 85 22.60 -0.34 53.73
C GLN A 85 21.43 -0.73 54.62
N LEU A 86 20.38 0.09 54.60
CA LEU A 86 19.26 -0.09 55.51
C LEU A 86 18.51 -1.41 55.31
N PHE A 87 18.36 -1.80 54.05
CA PHE A 87 17.57 -2.98 53.71
C PHE A 87 18.45 -4.21 53.41
N HIS A 88 17.94 -5.37 53.77
CA HIS A 88 18.60 -6.65 53.46
C HIS A 88 18.10 -7.13 52.09
N PRO A 89 19.02 -7.58 51.21
CA PRO A 89 18.68 -8.00 49.84
C PRO A 89 17.40 -8.84 49.69
N GLU A 90 17.14 -9.74 50.63
CA GLU A 90 15.95 -10.59 50.52
C GLU A 90 14.66 -9.79 50.69
N GLN A 91 14.77 -8.57 51.21
CA GLN A 91 13.60 -7.71 51.39
C GLN A 91 13.19 -7.06 50.08
N LEU A 92 14.13 -6.98 49.16
CA LEU A 92 13.90 -6.33 47.86
C LEU A 92 13.71 -7.39 46.77
N ILE A 93 12.51 -7.44 46.22
CA ILE A 93 12.14 -8.48 45.25
C ILE A 93 11.77 -7.85 43.91
N THR A 94 12.34 -8.41 42.83
CA THR A 94 12.09 -7.88 41.50
C THR A 94 11.96 -8.98 40.45
N GLY A 95 11.02 -8.79 39.53
CA GLY A 95 10.86 -9.66 38.38
C GLY A 95 11.69 -9.14 37.22
N LYS A 96 11.30 -9.51 36.00
CA LYS A 96 12.02 -9.06 34.80
C LYS A 96 11.17 -8.11 33.94
N GLU A 97 9.97 -8.57 33.55
CA GLU A 97 9.04 -7.73 32.79
C GLU A 97 7.80 -7.44 33.62
N ASP A 98 7.26 -6.23 33.47
CA ASP A 98 6.19 -5.76 34.33
C ASP A 98 4.81 -6.11 33.79
N ALA A 99 3.77 -5.60 34.45
CA ALA A 99 2.39 -5.94 34.10
C ALA A 99 1.82 -5.03 33.02
N ALA A 100 2.64 -4.12 32.51
CA ALA A 100 2.26 -3.26 31.39
C ALA A 100 0.92 -2.55 31.61
N ASN A 101 0.72 -2.00 32.81
CA ASN A 101 -0.51 -1.30 33.15
C ASN A 101 -1.75 -2.16 32.93
N ASN A 102 -1.59 -3.47 33.09
CA ASN A 102 -2.66 -4.42 32.88
C ASN A 102 -2.93 -5.21 34.17
N TYR A 103 -4.11 -5.04 34.74
CA TYR A 103 -4.50 -5.73 35.96
C TYR A 103 -4.39 -7.24 35.82
N ALA A 104 -4.95 -7.76 34.73
CA ALA A 104 -4.96 -9.20 34.48
C ALA A 104 -3.55 -9.75 34.35
N ARG A 105 -2.67 -8.98 33.71
CA ARG A 105 -1.28 -9.40 33.52
C ARG A 105 -0.55 -9.45 34.85
N GLY A 106 -0.89 -8.53 35.74
CA GLY A 106 -0.26 -8.45 37.04
C GLY A 106 -0.86 -9.44 38.03
N HIS A 107 -2.16 -9.69 37.90
CA HIS A 107 -2.87 -10.56 38.82
C HIS A 107 -2.71 -12.03 38.44
N TYR A 108 -3.09 -12.36 37.21
CA TYR A 108 -3.13 -13.76 36.77
C TYR A 108 -1.81 -14.24 36.19
N THR A 109 -1.33 -13.57 35.14
CA THR A 109 -0.18 -14.05 34.39
C THR A 109 1.11 -13.99 35.22
N ILE A 110 1.62 -12.78 35.44
CA ILE A 110 2.91 -12.61 36.12
C ILE A 110 2.78 -12.82 37.63
N GLY A 111 1.60 -12.53 38.17
CA GLY A 111 1.35 -12.69 39.59
C GLY A 111 1.52 -14.12 40.06
N LYS A 112 1.13 -15.07 39.21
CA LYS A 112 1.17 -16.48 39.56
C LYS A 112 2.59 -17.01 39.74
N GLU A 113 3.54 -16.46 38.98
CA GLU A 113 4.89 -17.00 38.96
C GLU A 113 5.84 -16.31 39.94
N ILE A 114 5.30 -15.47 40.82
CA ILE A 114 6.13 -14.77 41.81
C ILE A 114 5.46 -14.71 43.18
N ILE A 115 4.17 -15.04 43.23
CA ILE A 115 3.40 -14.90 44.48
C ILE A 115 3.96 -15.76 45.60
N ASP A 116 4.38 -16.98 45.28
CA ASP A 116 4.91 -17.88 46.29
C ASP A 116 6.22 -17.36 46.87
N LEU A 117 7.04 -16.75 46.01
CA LEU A 117 8.31 -16.19 46.45
C LEU A 117 8.07 -15.06 47.44
N VAL A 118 7.16 -14.16 47.10
CA VAL A 118 6.88 -12.99 47.94
C VAL A 118 6.37 -13.41 49.31
N LEU A 119 5.46 -14.38 49.35
CA LEU A 119 4.91 -14.87 50.62
C LEU A 119 5.99 -15.46 51.50
N ASP A 120 6.92 -16.21 50.90
CA ASP A 120 8.01 -16.81 51.66
CA ASP A 120 8.01 -16.82 51.64
C ASP A 120 8.96 -15.75 52.19
N ARG A 121 9.16 -14.68 51.42
CA ARG A 121 10.02 -13.58 51.85
C ARG A 121 9.34 -12.79 52.97
N ILE A 122 8.02 -12.69 52.91
CA ILE A 122 7.25 -12.06 53.97
C ILE A 122 7.28 -12.96 55.20
N ARG A 123 7.22 -14.27 54.98
CA ARG A 123 7.26 -15.24 56.07
C ARG A 123 8.55 -15.12 56.86
N LYS A 124 9.63 -14.76 56.17
CA LYS A 124 10.94 -14.59 56.82
C LYS A 124 10.87 -13.46 57.85
N LEU A 125 10.19 -12.38 57.51
CA LEU A 125 10.02 -11.27 58.43
C LEU A 125 9.05 -11.66 59.54
N ALA A 126 7.96 -12.33 59.18
CA ALA A 126 6.95 -12.74 60.14
C ALA A 126 7.52 -13.64 61.23
N ASP A 127 8.52 -14.43 60.87
CA ASP A 127 9.17 -15.32 61.83
C ASP A 127 10.01 -14.54 62.85
N GLN A 128 10.40 -13.33 62.48
CA GLN A 128 11.20 -12.50 63.36
C GLN A 128 10.32 -11.72 64.35
N CYS A 129 9.01 -11.90 64.25
CA CYS A 129 8.06 -11.17 65.10
C CYS A 129 7.64 -11.99 66.31
N THR A 130 7.49 -11.31 67.44
CA THR A 130 7.04 -11.95 68.68
C THR A 130 5.52 -11.94 68.76
N GLY A 131 4.91 -10.97 68.09
CA GLY A 131 3.46 -10.85 68.06
C GLY A 131 3.02 -9.92 66.94
N LEU A 132 2.98 -10.46 65.73
CA LEU A 132 2.65 -9.68 64.54
C LEU A 132 1.25 -9.09 64.59
N GLN A 133 1.13 -7.78 64.39
CA GLN A 133 -0.16 -7.12 64.31
C GLN A 133 -0.83 -7.41 62.98
N GLY A 134 -0.10 -7.10 61.92
CA GLY A 134 -0.65 -7.20 60.57
C GLY A 134 0.21 -6.46 59.57
N PHE A 135 -0.41 -5.96 58.51
CA PHE A 135 0.32 -5.41 57.37
C PHE A 135 -0.17 -4.04 56.91
N LEU A 136 0.78 -3.21 56.49
CA LEU A 136 0.48 -1.95 55.81
C LEU A 136 0.92 -2.05 54.36
N VAL A 137 -0.05 -2.01 53.44
CA VAL A 137 0.21 -2.25 52.04
C VAL A 137 0.11 -0.96 51.22
N PHE A 138 1.22 -0.60 50.58
CA PHE A 138 1.30 0.61 49.75
C PHE A 138 1.30 0.24 48.28
N HIS A 139 0.44 0.89 47.50
CA HIS A 139 0.32 0.57 46.07
C HIS A 139 -0.52 1.61 45.34
N SER A 140 -0.53 1.51 44.01
CA SER A 140 -1.36 2.36 43.17
C SER A 140 -2.57 1.59 42.64
N PHE A 141 -3.63 2.33 42.31
CA PHE A 141 -4.81 1.75 41.67
C PHE A 141 -4.58 1.54 40.17
N GLY A 142 -3.79 2.41 39.57
CA GLY A 142 -3.66 2.45 38.12
C GLY A 142 -2.69 1.44 37.53
N GLY A 143 -1.59 1.17 38.23
CA GLY A 143 -0.57 0.28 37.72
C GLY A 143 -1.03 -1.16 37.61
N GLY A 144 -0.39 -1.92 36.73
CA GLY A 144 -0.71 -3.33 36.57
C GLY A 144 -0.26 -4.14 37.76
N THR A 145 0.93 -3.84 38.27
CA THR A 145 1.46 -4.50 39.45
C THR A 145 0.74 -4.01 40.70
N GLY A 146 0.66 -2.69 40.84
CA GLY A 146 0.05 -2.08 42.00
C GLY A 146 -1.41 -2.49 42.20
N SER A 147 -2.09 -2.77 41.09
CA SER A 147 -3.50 -3.17 41.14
C SER A 147 -3.65 -4.68 41.09
N GLY A 148 -3.04 -5.30 40.09
CA GLY A 148 -3.21 -6.71 39.84
C GLY A 148 -2.56 -7.62 40.87
N PHE A 149 -1.29 -7.38 41.15
CA PHE A 149 -0.55 -8.25 42.06
C PHE A 149 -0.94 -8.03 43.52
N THR A 150 -1.25 -6.78 43.86
CA THR A 150 -1.64 -6.44 45.22
C THR A 150 -2.89 -7.22 45.62
N SER A 151 -3.89 -7.24 44.73
CA SER A 151 -5.14 -7.93 45.01
C SER A 151 -4.91 -9.42 45.25
N LEU A 152 -3.99 -10.00 44.50
CA LEU A 152 -3.62 -11.40 44.69
C LEU A 152 -2.93 -11.60 46.02
N LEU A 153 -2.08 -10.64 46.39
CA LEU A 153 -1.35 -10.71 47.65
C LEU A 153 -2.30 -10.56 48.82
N MET A 154 -3.27 -9.67 48.69
CA MET A 154 -4.24 -9.41 49.76
C MET A 154 -5.12 -10.64 49.99
N GLU A 155 -5.40 -11.38 48.93
CA GLU A 155 -6.18 -12.61 49.05
C GLU A 155 -5.40 -13.68 49.81
N ARG A 156 -4.12 -13.83 49.49
CA ARG A 156 -3.29 -14.85 50.11
C ARG A 156 -2.90 -14.51 51.54
N LEU A 157 -2.76 -13.21 51.83
CA LEU A 157 -2.44 -12.78 53.18
C LEU A 157 -3.60 -13.08 54.13
N SER A 158 -4.82 -13.08 53.60
CA SER A 158 -5.99 -13.42 54.39
C SER A 158 -6.09 -14.94 54.61
N VAL A 159 -5.31 -15.70 53.84
CA VAL A 159 -5.27 -17.14 53.98
C VAL A 159 -4.15 -17.56 54.93
N ASP A 160 -3.00 -16.90 54.82
CA ASP A 160 -1.83 -17.25 55.62
C ASP A 160 -1.78 -16.50 56.93
N TYR A 161 -2.48 -15.36 56.99
CA TYR A 161 -2.55 -14.56 58.22
C TYR A 161 -3.98 -14.08 58.43
N GLY A 162 -4.90 -15.02 58.55
CA GLY A 162 -6.32 -14.71 58.60
C GLY A 162 -6.75 -13.86 59.78
N LYS A 163 -5.97 -13.88 60.86
CA LYS A 163 -6.30 -13.15 62.08
C LYS A 163 -5.69 -11.76 62.10
N LYS A 164 -4.74 -11.51 61.20
CA LYS A 164 -4.01 -10.24 61.18
C LYS A 164 -4.78 -9.15 60.45
N SER A 165 -4.55 -7.91 60.85
CA SER A 165 -5.20 -6.76 60.24
C SER A 165 -4.42 -6.28 59.01
N LYS A 166 -5.13 -5.67 58.07
CA LYS A 166 -4.49 -5.17 56.85
C LYS A 166 -4.97 -3.76 56.50
N LEU A 167 -4.03 -2.82 56.48
CA LEU A 167 -4.31 -1.45 56.11
C LEU A 167 -3.74 -1.13 54.74
N GLU A 168 -4.46 -0.32 53.98
CA GLU A 168 -4.04 0.08 52.64
C GLU A 168 -3.69 1.57 52.58
N PHE A 169 -2.65 1.88 51.82
CA PHE A 169 -2.36 3.24 51.39
C PHE A 169 -2.37 3.28 49.88
N SER A 170 -3.51 3.65 49.31
CA SER A 170 -3.76 3.51 47.88
C SER A 170 -3.67 4.86 47.16
N ILE A 171 -3.03 4.85 46.00
CA ILE A 171 -2.95 6.04 45.16
C ILE A 171 -4.02 5.99 44.08
N TYR A 172 -4.97 6.92 44.19
CA TYR A 172 -6.10 7.02 43.28
C TYR A 172 -5.65 7.77 42.01
N PRO A 173 -6.06 7.27 40.82
CA PRO A 173 -5.47 7.77 39.56
C PRO A 173 -5.86 9.20 39.21
N ALA A 174 -4.91 9.96 38.67
CA ALA A 174 -5.13 11.33 38.26
C ALA A 174 -4.48 11.59 36.88
N PRO A 175 -5.29 12.04 35.89
CA PRO A 175 -4.77 12.24 34.53
C PRO A 175 -3.55 13.15 34.41
N GLN A 176 -3.36 14.06 35.37
CA GLN A 176 -2.27 15.01 35.29
C GLN A 176 -0.90 14.34 35.49
N VAL A 177 -0.90 13.10 35.98
CA VAL A 177 0.34 12.34 36.16
C VAL A 177 0.14 10.87 35.85
N SER A 178 -1.01 10.51 35.30
CA SER A 178 -1.29 9.12 34.95
C SER A 178 -0.45 8.70 33.76
N THR A 179 -0.19 7.39 33.66
CA THR A 179 0.66 6.84 32.60
C THR A 179 -0.10 5.82 31.76
N ALA A 180 -1.43 5.79 31.89
CA ALA A 180 -2.24 4.82 31.15
C ALA A 180 -3.69 5.25 31.06
N VAL A 181 -4.34 4.82 29.99
CA VAL A 181 -5.75 5.13 29.74
C VAL A 181 -6.67 4.18 30.50
N VAL A 182 -6.15 2.99 30.80
CA VAL A 182 -6.96 1.93 31.40
C VAL A 182 -6.85 1.87 32.92
N GLU A 183 -6.37 2.94 33.53
CA GLU A 183 -6.26 2.99 34.99
C GLU A 183 -7.63 2.90 35.69
N PRO A 184 -8.69 3.46 35.09
CA PRO A 184 -10.02 3.24 35.65
C PRO A 184 -10.39 1.76 35.74
N TYR A 185 -10.12 1.00 34.68
CA TYR A 185 -10.37 -0.44 34.70
C TYR A 185 -9.63 -1.10 35.86
N ASN A 186 -8.33 -0.87 35.93
CA ASN A 186 -7.50 -1.49 36.96
C ASN A 186 -7.94 -1.13 38.36
N SER A 187 -8.50 0.06 38.53
CA SER A 187 -8.94 0.54 39.84
C SER A 187 -10.17 -0.21 40.33
N ILE A 188 -11.20 -0.30 39.50
CA ILE A 188 -12.42 -1.01 39.85
C ILE A 188 -12.12 -2.49 40.09
N LEU A 189 -11.27 -3.05 39.24
CA LEU A 189 -10.92 -4.46 39.33
C LEU A 189 -10.22 -4.81 40.64
N THR A 190 -9.25 -3.99 41.05
CA THR A 190 -8.50 -4.26 42.27
C THR A 190 -9.30 -3.94 43.52
N THR A 191 -10.13 -2.91 43.45
CA THR A 191 -10.97 -2.52 44.58
C THR A 191 -11.97 -3.63 44.88
N HIS A 192 -12.50 -4.24 43.82
CA HIS A 192 -13.49 -5.30 43.96
C HIS A 192 -12.91 -6.55 44.62
N THR A 193 -11.72 -6.94 44.19
CA THR A 193 -11.07 -8.16 44.66
C THR A 193 -10.41 -7.95 46.02
N THR A 194 -10.07 -6.70 46.33
CA THR A 194 -9.37 -6.38 47.56
C THR A 194 -10.32 -6.02 48.70
N LEU A 195 -11.55 -5.63 48.35
CA LEU A 195 -12.50 -5.05 49.30
C LEU A 195 -12.66 -5.85 50.59
N GLU A 196 -12.97 -7.13 50.46
CA GLU A 196 -13.26 -7.97 51.63
C GLU A 196 -12.02 -8.28 52.46
N HIS A 197 -10.84 -8.07 51.89
CA HIS A 197 -9.59 -8.45 52.54
C HIS A 197 -8.91 -7.26 53.21
N SER A 198 -9.44 -6.06 53.00
CA SER A 198 -8.89 -4.85 53.61
C SER A 198 -9.76 -4.37 54.77
N ASP A 199 -9.13 -3.96 55.86
CA ASP A 199 -9.84 -3.52 57.05
C ASP A 199 -9.99 -2.00 57.08
N CYS A 200 -9.02 -1.30 56.49
CA CYS A 200 -9.04 0.16 56.46
C CYS A 200 -8.07 0.66 55.39
N ALA A 201 -8.60 1.44 54.44
CA ALA A 201 -7.81 1.90 53.30
C ALA A 201 -7.82 3.42 53.20
N PHE A 202 -6.62 4.01 53.15
CA PHE A 202 -6.48 5.45 52.99
C PHE A 202 -6.18 5.82 51.55
N MET A 203 -7.18 6.35 50.86
CA MET A 203 -7.02 6.77 49.47
C MET A 203 -6.35 8.13 49.38
N VAL A 204 -5.43 8.26 48.41
CA VAL A 204 -4.81 9.53 48.10
C VAL A 204 -4.92 9.81 46.60
N ASP A 205 -5.75 10.79 46.25
CA ASP A 205 -5.90 11.20 44.87
C ASP A 205 -4.72 12.07 44.46
N ASN A 206 -3.98 11.62 43.45
CA ASN A 206 -2.82 12.37 42.97
C ASN A 206 -3.20 13.78 42.54
N GLU A 207 -4.46 13.94 42.11
CA GLU A 207 -4.97 15.25 41.73
C GLU A 207 -4.89 16.22 42.90
N ALA A 208 -5.32 15.77 44.07
CA ALA A 208 -5.33 16.59 45.27
C ALA A 208 -3.92 16.97 45.68
N ILE A 209 -3.02 15.99 45.71
CA ILE A 209 -1.63 16.23 46.09
C ILE A 209 -0.95 17.17 45.08
N TYR A 210 -1.31 17.01 43.81
CA TYR A 210 -0.74 17.80 42.73
C TYR A 210 -1.08 19.29 42.88
N ASP A 211 -2.35 19.57 43.14
CA ASP A 211 -2.81 20.95 43.28
C ASP A 211 -2.35 21.59 44.59
N ILE A 212 -2.22 20.77 45.63
CA ILE A 212 -1.69 21.26 46.90
C ILE A 212 -0.23 21.69 46.72
N CYS A 213 0.50 20.95 45.90
CA CYS A 213 1.89 21.28 45.59
C CYS A 213 1.99 22.56 44.76
N ARG A 214 1.08 22.71 43.80
CA ARG A 214 1.03 23.92 42.98
C ARG A 214 0.64 25.13 43.82
N ARG A 215 -0.42 24.96 44.61
CA ARG A 215 -1.02 26.06 45.34
C ARG A 215 -0.19 26.51 46.54
N ASN A 216 0.25 25.56 47.36
CA ASN A 216 0.84 25.87 48.64
C ASN A 216 2.36 25.78 48.69
N LEU A 217 2.96 25.11 47.71
CA LEU A 217 4.41 24.98 47.66
C LEU A 217 5.01 25.72 46.46
N ASP A 218 4.14 26.35 45.66
CA ASP A 218 4.58 27.16 44.52
C ASP A 218 5.44 26.36 43.55
N ILE A 219 5.07 25.09 43.34
CA ILE A 219 5.76 24.23 42.40
C ILE A 219 5.01 24.24 41.07
N GLU A 220 5.67 24.70 40.02
CA GLU A 220 5.02 24.86 38.72
C GLU A 220 4.50 23.54 38.16
N ARG A 221 5.35 22.52 38.17
CA ARG A 221 4.99 21.20 37.66
C ARG A 221 5.57 20.12 38.56
N PRO A 222 4.81 19.74 39.61
CA PRO A 222 5.25 18.73 40.59
C PRO A 222 5.71 17.41 39.99
N THR A 223 6.79 16.86 40.54
CA THR A 223 7.26 15.53 40.17
C THR A 223 6.83 14.55 41.24
N TYR A 224 7.04 13.26 41.00
CA TYR A 224 6.71 12.23 41.99
C TYR A 224 7.48 12.47 43.29
N THR A 225 8.66 13.06 43.17
CA THR A 225 9.47 13.38 44.34
C THR A 225 8.76 14.41 45.21
N ASN A 226 8.15 15.41 44.57
CA ASN A 226 7.37 16.42 45.29
C ASN A 226 6.13 15.80 45.92
N LEU A 227 5.44 14.96 45.15
CA LEU A 227 4.22 14.32 45.62
C LEU A 227 4.49 13.37 46.78
N ASN A 228 5.52 12.55 46.65
CA ASN A 228 5.81 11.51 47.63
C ASN A 228 6.27 12.06 48.98
N ARG A 229 7.02 13.15 48.96
CA ARG A 229 7.49 13.76 50.20
C ARG A 229 6.33 14.35 50.99
N LEU A 230 5.32 14.84 50.28
CA LEU A 230 4.11 15.33 50.91
C LEU A 230 3.27 14.16 51.42
N ILE A 231 3.09 13.16 50.57
CA ILE A 231 2.34 11.96 50.95
C ILE A 231 2.95 11.28 52.17
N SER A 232 4.28 11.28 52.24
CA SER A 232 4.99 10.60 53.33
C SER A 232 4.70 11.28 54.67
N GLN A 233 4.50 12.58 54.64
CA GLN A 233 4.17 13.33 55.85
C GLN A 233 2.81 12.90 56.41
N ILE A 234 1.84 12.71 55.52
CA ILE A 234 0.51 12.29 55.93
C ILE A 234 0.57 10.86 56.46
N VAL A 235 1.28 9.99 55.76
CA VAL A 235 1.44 8.60 56.20
C VAL A 235 2.14 8.57 57.55
N SER A 236 3.12 9.44 57.74
CA SER A 236 3.85 9.51 59.00
C SER A 236 2.91 9.92 60.13
N SER A 237 2.06 10.90 59.86
CA SER A 237 1.09 11.38 60.85
C SER A 237 0.15 10.26 61.27
N ILE A 238 -0.22 9.41 60.31
CA ILE A 238 -1.19 8.35 60.55
C ILE A 238 -0.55 7.18 61.31
N THR A 239 0.71 6.89 61.02
CA THR A 239 1.39 5.75 61.63
C THR A 239 2.16 6.12 62.91
N ALA A 240 2.28 7.42 63.17
CA ALA A 240 3.07 7.91 64.30
C ALA A 240 2.65 7.28 65.62
N SER A 241 1.37 6.97 65.75
CA SER A 241 0.83 6.41 66.98
C SER A 241 1.27 4.96 67.19
N LEU A 242 1.69 4.30 66.11
CA LEU A 242 2.18 2.94 66.18
C LEU A 242 3.67 2.91 66.53
N ARG A 243 4.34 4.05 66.34
CA ARG A 243 5.79 4.14 66.46
C ARG A 243 6.24 4.98 67.65
N PHE A 244 5.31 5.72 68.24
CA PHE A 244 5.61 6.58 69.39
C PHE A 244 4.67 6.27 70.56
N ASP A 245 5.09 6.70 71.75
CA ASP A 245 4.29 6.51 72.95
C ASP A 245 2.99 7.30 72.89
N GLY A 246 1.88 6.67 73.25
CA GLY A 246 0.58 7.30 73.19
C GLY A 246 -0.52 6.38 73.69
N ALA A 247 -1.77 6.75 73.42
CA ALA A 247 -2.92 5.97 73.86
C ALA A 247 -4.07 6.01 72.86
N LEU A 248 -3.79 6.50 71.66
CA LEU A 248 -4.79 6.55 70.59
C LEU A 248 -4.22 5.89 69.33
N ASN A 249 -4.97 4.94 68.78
CA ASN A 249 -4.53 4.17 67.62
C ASN A 249 -3.15 3.55 67.85
N VAL A 250 -3.06 2.68 68.86
CA VAL A 250 -1.78 2.09 69.24
C VAL A 250 -1.58 0.71 68.61
N ASP A 251 -2.62 0.19 67.96
CA ASP A 251 -2.50 -1.03 67.16
C ASP A 251 -3.39 -0.92 65.93
N LEU A 252 -3.15 -1.78 64.95
CA LEU A 252 -3.89 -1.76 63.69
C LEU A 252 -5.36 -2.06 63.91
N THR A 253 -5.68 -2.80 64.95
CA THR A 253 -7.05 -3.15 65.27
C THR A 253 -7.86 -1.92 65.65
N GLU A 254 -7.20 -0.95 66.28
CA GLU A 254 -7.89 0.22 66.78
C GLU A 254 -8.31 1.17 65.67
N PHE A 255 -7.59 1.14 64.55
CA PHE A 255 -7.96 1.95 63.40
C PHE A 255 -9.35 1.58 62.90
N GLN A 256 -9.62 0.28 62.82
CA GLN A 256 -10.92 -0.23 62.41
C GLN A 256 -11.99 0.14 63.43
N THR A 257 -11.66 -0.02 64.70
CA THR A 257 -12.59 0.26 65.78
C THR A 257 -13.00 1.73 65.80
N ASN A 258 -12.04 2.63 65.59
CA ASN A 258 -12.30 4.06 65.69
C ASN A 258 -12.87 4.68 64.42
N LEU A 259 -12.41 4.19 63.26
CA LEU A 259 -12.72 4.85 61.99
C LEU A 259 -13.68 4.07 61.10
N VAL A 260 -13.90 2.79 61.39
CA VAL A 260 -14.68 1.93 60.49
C VAL A 260 -15.71 1.09 61.25
N PRO A 261 -16.91 1.67 61.46
CA PRO A 261 -18.01 0.88 62.04
C PRO A 261 -18.55 -0.15 61.05
N TYR A 262 -18.81 0.27 59.81
CA TYR A 262 -19.26 -0.65 58.77
C TYR A 262 -18.07 -1.11 57.92
N PRO A 263 -17.85 -2.44 57.83
CA PRO A 263 -16.62 -2.95 57.20
C PRO A 263 -16.41 -2.55 55.75
N ARG A 264 -17.44 -2.58 54.92
CA ARG A 264 -17.28 -2.22 53.50
C ARG A 264 -16.94 -0.74 53.35
N ILE A 265 -17.52 0.09 54.20
CA ILE A 265 -17.22 1.52 54.22
C ILE A 265 -15.95 1.75 55.04
N HIS A 266 -14.81 1.37 54.49
CA HIS A 266 -13.53 1.48 55.21
C HIS A 266 -12.53 2.39 54.49
N PHE A 267 -13.02 3.52 54.01
CA PHE A 267 -12.17 4.49 53.32
C PHE A 267 -12.23 5.87 53.99
N PRO A 268 -11.46 6.06 55.06
CA PRO A 268 -11.45 7.35 55.75
C PRO A 268 -10.77 8.45 54.95
N LEU A 269 -11.41 9.61 54.90
CA LEU A 269 -10.85 10.78 54.22
C LEU A 269 -9.80 11.45 55.10
N ALA A 270 -8.62 11.66 54.56
CA ALA A 270 -7.53 12.32 55.27
C ALA A 270 -7.42 13.79 54.86
N THR A 271 -7.21 14.65 55.85
CA THR A 271 -7.01 16.08 55.61
C THR A 271 -5.81 16.56 56.43
N TYR A 272 -4.92 17.31 55.81
CA TYR A 272 -3.66 17.70 56.43
C TYR A 272 -3.39 19.19 56.31
N ALA A 273 -2.84 19.77 57.37
CA ALA A 273 -2.45 21.18 57.37
C ALA A 273 -1.50 21.46 58.53
N PRO A 274 -0.66 22.49 58.40
CA PRO A 274 -0.48 23.36 57.23
C PRO A 274 0.61 22.86 56.28
N VAL A 275 0.49 23.20 55.00
CA VAL A 275 1.51 22.92 54.01
C VAL A 275 2.16 24.24 53.58
N ILE A 276 3.38 24.48 54.04
CA ILE A 276 4.07 25.74 53.80
C ILE A 276 5.35 25.54 53.01
N SER A 277 5.57 26.40 52.02
CA SER A 277 6.77 26.35 51.19
C SER A 277 8.02 26.73 51.98
N ALA A 278 9.08 25.98 51.77
CA ALA A 278 10.36 26.27 52.42
C ALA A 278 11.00 27.51 51.81
N GLU A 279 10.57 27.86 50.61
CA GLU A 279 11.10 29.02 49.89
C GLU A 279 10.42 30.31 50.33
N LYS A 280 9.34 30.19 51.08
CA LYS A 280 8.60 31.35 51.56
C LYS A 280 9.47 32.14 52.53
N ALA A 281 9.90 33.33 52.10
CA ALA A 281 10.82 34.16 52.88
C ALA A 281 10.27 34.48 54.26
N TYR A 282 9.02 34.95 54.30
CA TYR A 282 8.37 35.33 55.55
C TYR A 282 7.06 34.57 55.74
N HIS A 283 6.92 33.94 56.91
CA HIS A 283 5.73 33.16 57.22
C HIS A 283 5.29 33.32 58.66
N GLU A 284 4.04 33.71 58.84
CA GLU A 284 3.44 33.80 60.17
C GLU A 284 2.91 32.42 60.57
N GLN A 285 3.49 31.84 61.61
CA GLN A 285 3.10 30.50 62.06
C GLN A 285 1.63 30.45 62.44
N LEU A 286 0.96 29.37 62.03
CA LEU A 286 -0.48 29.24 62.21
C LEU A 286 -0.82 28.63 63.57
N SER A 287 -1.94 29.07 64.14
CA SER A 287 -2.36 28.63 65.46
C SER A 287 -3.11 27.30 65.39
N VAL A 288 -3.47 26.78 66.57
CA VAL A 288 -4.24 25.53 66.67
C VAL A 288 -5.60 25.71 66.00
N ALA A 289 -6.22 26.86 66.20
CA ALA A 289 -7.53 27.14 65.65
C ALA A 289 -7.49 27.21 64.12
N GLU A 290 -6.42 27.80 63.61
CA GLU A 290 -6.28 28.01 62.17
C GLU A 290 -6.04 26.72 61.40
N ILE A 291 -5.17 25.86 61.92
CA ILE A 291 -4.87 24.59 61.25
C ILE A 291 -6.00 23.59 61.44
N THR A 292 -6.72 23.69 62.55
CA THR A 292 -7.86 22.83 62.82
C THR A 292 -9.01 23.22 61.92
N ASN A 293 -9.16 24.52 61.68
CA ASN A 293 -10.19 25.02 60.78
C ASN A 293 -9.89 24.61 59.34
N ALA A 294 -8.60 24.48 59.03
CA ALA A 294 -8.16 24.09 57.70
C ALA A 294 -8.50 22.64 57.38
N CYS A 295 -8.78 21.85 58.41
CA CYS A 295 -9.10 20.44 58.23
C CYS A 295 -10.48 20.22 57.62
N PHE A 296 -11.23 21.30 57.47
CA PHE A 296 -12.58 21.23 56.91
C PHE A 296 -12.67 21.99 55.59
N GLU A 297 -11.51 22.31 55.01
CA GLU A 297 -11.43 22.91 53.68
C GLU A 297 -11.09 21.83 52.66
N PRO A 298 -11.93 21.65 51.63
CA PRO A 298 -11.66 20.64 50.59
C PRO A 298 -10.28 20.77 49.95
N ALA A 299 -9.74 21.98 49.93
CA ALA A 299 -8.46 22.26 49.29
C ALA A 299 -7.28 21.59 49.99
N ASN A 300 -7.52 21.09 51.21
CA ASN A 300 -6.46 20.47 52.01
C ASN A 300 -6.65 18.96 52.18
N GLN A 301 -7.67 18.42 51.54
CA GLN A 301 -7.97 16.99 51.64
C GLN A 301 -7.12 16.16 50.68
N MET A 302 -6.94 14.88 51.01
CA MET A 302 -6.21 13.97 50.15
C MET A 302 -7.07 13.57 48.95
N VAL A 303 -8.37 13.85 49.05
CA VAL A 303 -9.31 13.62 47.96
C VAL A 303 -10.27 14.79 47.88
N LYS A 304 -10.42 15.37 46.69
CA LYS A 304 -11.32 16.49 46.50
C LYS A 304 -12.78 16.04 46.54
N CYS A 305 -13.46 16.41 47.62
CA CYS A 305 -14.89 16.15 47.77
C CYS A 305 -15.48 17.15 48.76
N ASP A 306 -16.79 17.05 48.97
CA ASP A 306 -17.51 18.02 49.81
C ASP A 306 -18.21 17.31 50.97
N PRO A 307 -17.51 17.20 52.12
CA PRO A 307 -18.07 16.55 53.31
C PRO A 307 -19.38 17.17 53.80
N ARG A 308 -19.65 18.41 53.42
CA ARG A 308 -20.88 19.09 53.81
C ARG A 308 -22.10 18.33 53.29
N HIS A 309 -21.96 17.73 52.11
CA HIS A 309 -23.06 17.04 51.46
C HIS A 309 -22.93 15.53 51.66
N GLY A 310 -22.59 15.16 52.89
CA GLY A 310 -22.53 13.78 53.31
C GLY A 310 -22.67 13.73 54.81
N LYS A 311 -22.31 12.61 55.43
CA LYS A 311 -22.37 12.47 56.88
C LYS A 311 -21.13 11.76 57.42
N TYR A 312 -20.77 12.10 58.65
CA TYR A 312 -19.62 11.51 59.30
C TYR A 312 -20.02 10.28 60.11
N MET A 313 -19.10 9.33 60.20
CA MET A 313 -19.28 8.13 61.03
C MET A 313 -18.23 8.12 62.13
N ALA A 314 -17.15 8.85 61.90
CA ALA A 314 -16.05 8.94 62.86
C ALA A 314 -15.11 10.07 62.46
N CYS A 315 -14.38 10.60 63.43
CA CYS A 315 -13.42 11.66 63.17
CA CYS A 315 -13.43 11.68 63.19
C CYS A 315 -12.27 11.60 64.17
N CYS A 316 -11.05 11.58 63.62
CA CYS A 316 -9.84 11.56 64.44
CA CYS A 316 -9.84 11.57 64.44
C CYS A 316 -8.94 12.75 64.10
N LEU A 317 -8.40 13.38 65.14
CA LEU A 317 -7.50 14.52 64.97
C LEU A 317 -6.13 14.18 65.53
N LEU A 318 -5.14 14.10 64.63
CA LEU A 318 -3.77 13.76 65.01
C LEU A 318 -2.88 14.99 64.93
N TYR A 319 -2.53 15.54 66.09
CA TYR A 319 -1.70 16.74 66.16
C TYR A 319 -0.24 16.40 66.37
N ARG A 320 0.64 17.21 65.78
CA ARG A 320 2.08 17.11 66.02
C ARG A 320 2.68 18.49 66.20
N GLY A 321 3.20 18.75 67.39
CA GLY A 321 3.81 20.04 67.71
C GLY A 321 3.25 20.66 68.98
N ASP A 322 3.39 21.97 69.08
CA ASP A 322 2.94 22.71 70.26
C ASP A 322 1.42 22.78 70.31
N VAL A 323 0.81 21.78 70.92
CA VAL A 323 -0.64 21.71 71.06
C VAL A 323 -1.01 21.12 72.41
N VAL A 324 -2.02 21.72 73.06
CA VAL A 324 -2.58 21.17 74.29
C VAL A 324 -4.09 21.01 74.12
N PRO A 325 -4.70 20.08 74.87
CA PRO A 325 -6.13 19.79 74.74
C PRO A 325 -7.04 21.01 74.82
N LYS A 326 -6.69 21.98 75.67
CA LYS A 326 -7.54 23.15 75.87
C LYS A 326 -7.71 23.96 74.59
N ASP A 327 -6.63 24.11 73.83
CA ASP A 327 -6.68 24.86 72.59
C ASP A 327 -7.48 24.13 71.52
N VAL A 328 -7.38 22.80 71.54
CA VAL A 328 -8.12 21.97 70.58
C VAL A 328 -9.63 22.14 70.79
N ASN A 329 -10.07 21.94 72.04
CA ASN A 329 -11.48 22.04 72.37
C ASN A 329 -12.04 23.43 72.08
N ALA A 330 -11.23 24.46 72.30
CA ALA A 330 -11.63 25.82 72.00
C ALA A 330 -11.85 25.99 70.49
N ALA A 331 -10.96 25.39 69.71
CA ALA A 331 -11.04 25.47 68.25
C ALA A 331 -12.25 24.68 67.74
N ILE A 332 -12.42 23.47 68.23
CA ILE A 332 -13.55 22.62 67.84
C ILE A 332 -14.86 23.30 68.17
N ALA A 333 -14.91 23.98 69.31
CA ALA A 333 -16.11 24.70 69.74
C ALA A 333 -16.47 25.80 68.75
N THR A 334 -15.46 26.56 68.33
CA THR A 334 -15.66 27.66 67.38
C THR A 334 -16.09 27.13 66.01
N ILE A 335 -15.43 26.06 65.57
CA ILE A 335 -15.67 25.48 64.25
C ILE A 335 -17.09 24.91 64.14
N LYS A 336 -17.55 24.27 65.20
CA LYS A 336 -18.85 23.61 65.20
C LYS A 336 -19.98 24.58 64.90
N THR A 337 -19.79 25.83 65.28
CA THR A 337 -20.83 26.85 65.14
C THR A 337 -20.70 27.64 63.84
N LYS A 338 -19.72 27.27 63.01
CA LYS A 338 -19.46 27.98 61.76
C LYS A 338 -19.51 27.07 60.53
N ARG A 339 -19.46 25.75 60.74
CA ARG A 339 -19.38 24.81 59.64
C ARG A 339 -20.47 23.74 59.71
N SER A 340 -20.68 23.07 58.58
CA SER A 340 -21.66 21.99 58.47
C SER A 340 -21.01 20.64 58.78
N ILE A 341 -21.20 20.17 60.00
CA ILE A 341 -20.64 18.90 60.45
C ILE A 341 -21.74 18.03 61.05
N GLN A 342 -22.37 17.21 60.20
CA GLN A 342 -23.46 16.34 60.64
C GLN A 342 -23.04 14.88 60.61
N PHE A 343 -23.06 14.24 61.77
CA PHE A 343 -22.80 12.81 61.88
C PHE A 343 -24.07 12.02 61.59
N VAL A 344 -23.92 10.72 61.39
CA VAL A 344 -25.07 9.83 61.30
C VAL A 344 -25.73 9.73 62.67
N ASP A 345 -27.04 9.51 62.68
CA ASP A 345 -27.80 9.48 63.94
C ASP A 345 -27.30 8.43 64.91
N TRP A 346 -26.80 7.32 64.37
CA TRP A 346 -26.39 6.17 65.18
C TRP A 346 -24.92 6.26 65.60
N CYS A 347 -24.36 7.48 65.54
CA CYS A 347 -22.99 7.72 66.03
C CYS A 347 -22.94 8.98 66.87
N PRO A 348 -22.04 9.04 67.86
CA PRO A 348 -21.89 10.29 68.61
C PRO A 348 -21.16 11.35 67.81
N THR A 349 -21.59 12.61 67.92
CA THR A 349 -20.85 13.72 67.32
C THR A 349 -19.69 14.08 68.23
N GLY A 350 -18.49 13.63 67.85
CA GLY A 350 -17.31 13.85 68.68
C GLY A 350 -16.01 13.67 67.91
N PHE A 351 -14.91 13.96 68.58
CA PHE A 351 -13.59 13.85 67.98
C PHE A 351 -12.62 13.12 68.91
N LYS A 352 -12.00 12.07 68.39
CA LYS A 352 -10.91 11.40 69.11
C LYS A 352 -9.60 12.09 68.77
N VAL A 353 -8.96 12.67 69.78
CA VAL A 353 -7.79 13.51 69.57
C VAL A 353 -6.52 12.85 70.09
N GLY A 354 -5.45 12.98 69.32
CA GLY A 354 -4.13 12.52 69.71
C GLY A 354 -3.11 13.61 69.47
N ILE A 355 -2.24 13.84 70.45
CA ILE A 355 -1.22 14.87 70.36
C ILE A 355 0.16 14.32 70.67
N ASN A 356 1.09 14.57 69.75
CA ASN A 356 2.51 14.30 69.99
CA ASN A 356 2.51 14.30 69.99
C ASN A 356 3.27 15.63 70.02
N TYR A 357 3.99 15.87 71.10
CA TYR A 357 4.65 17.16 71.31
C TYR A 357 5.74 17.45 70.27
N GLN A 358 6.30 16.40 69.69
CA GLN A 358 7.33 16.59 68.66
C GLN A 358 6.70 17.10 67.37
N PRO A 359 7.08 18.32 66.92
CA PRO A 359 6.49 18.82 65.68
C PRO A 359 6.96 18.03 64.45
N PRO A 360 6.34 18.27 63.29
CA PRO A 360 6.67 17.51 62.07
C PRO A 360 8.12 17.63 61.65
N THR A 361 8.73 16.51 61.28
CA THR A 361 10.08 16.52 60.74
C THR A 361 10.00 16.62 59.22
N VAL A 362 10.89 17.43 58.64
CA VAL A 362 10.94 17.58 57.19
C VAL A 362 12.31 17.18 56.65
N VAL A 363 12.33 16.69 55.42
CA VAL A 363 13.57 16.32 54.76
C VAL A 363 14.42 17.58 54.52
N PRO A 364 15.70 17.53 54.91
CA PRO A 364 16.60 18.65 54.57
C PRO A 364 16.69 18.87 53.07
N GLY A 365 16.49 20.12 52.64
CA GLY A 365 16.49 20.44 51.23
C GLY A 365 15.15 20.12 50.57
N GLY A 366 14.17 19.77 51.39
CA GLY A 366 12.84 19.46 50.89
C GLY A 366 12.05 20.72 50.58
N ASP A 367 10.80 20.54 50.15
CA ASP A 367 9.95 21.66 49.76
C ASP A 367 9.11 22.19 50.92
N LEU A 368 8.96 21.38 51.96
CA LEU A 368 8.12 21.74 53.10
C LEU A 368 8.90 22.53 54.14
N ALA A 369 8.31 23.64 54.59
CA ALA A 369 8.88 24.43 55.68
C ALA A 369 8.53 23.78 57.01
N LYS A 370 9.43 23.91 57.99
CA LYS A 370 9.16 23.39 59.31
C LYS A 370 8.17 24.30 60.03
N VAL A 371 7.13 23.69 60.59
CA VAL A 371 6.10 24.42 61.31
C VAL A 371 6.09 23.98 62.78
N GLN A 372 5.57 24.83 63.65
CA GLN A 372 5.60 24.53 65.08
CA GLN A 372 5.57 24.58 65.09
C GLN A 372 4.43 23.64 65.49
N ARG A 373 3.43 23.52 64.63
CA ARG A 373 2.31 22.63 64.90
C ARG A 373 1.54 22.33 63.63
N ALA A 374 1.18 21.06 63.46
CA ALA A 374 0.41 20.61 62.31
C ALA A 374 -0.61 19.57 62.76
N VAL A 375 -1.55 19.24 61.88
CA VAL A 375 -2.59 18.28 62.21
C VAL A 375 -3.01 17.47 60.99
N CYS A 376 -3.34 16.21 61.22
CA CYS A 376 -3.92 15.35 60.19
C CYS A 376 -5.25 14.81 60.67
N MET A 377 -6.34 15.24 60.04
CA MET A 377 -7.66 14.75 60.42
C MET A 377 -8.05 13.54 59.59
N LEU A 378 -8.45 12.46 60.28
CA LEU A 378 -8.99 11.27 59.61
C LEU A 378 -10.48 11.19 59.91
N SER A 379 -11.28 11.46 58.87
CA SER A 379 -12.73 11.48 59.02
C SER A 379 -13.42 10.54 58.04
N ASN A 380 -14.18 9.59 58.57
CA ASN A 380 -14.94 8.68 57.72
C ASN A 380 -16.24 9.34 57.26
N THR A 381 -16.16 10.05 56.13
CA THR A 381 -17.30 10.75 55.58
C THR A 381 -17.79 10.07 54.31
N THR A 382 -19.09 10.14 54.07
CA THR A 382 -19.70 9.50 52.90
C THR A 382 -19.38 10.29 51.62
N ALA A 383 -18.84 11.49 51.77
CA ALA A 383 -18.55 12.35 50.63
C ALA A 383 -17.43 11.79 49.77
N ILE A 384 -16.65 10.87 50.32
CA ILE A 384 -15.53 10.28 49.57
C ILE A 384 -16.06 9.39 48.45
N ALA A 385 -17.35 9.08 48.51
CA ALA A 385 -18.00 8.26 47.48
C ALA A 385 -18.01 8.97 46.13
N GLU A 386 -17.78 10.29 46.15
CA GLU A 386 -17.68 11.06 44.92
C GLU A 386 -16.55 10.51 44.06
N ALA A 387 -15.44 10.16 44.70
CA ALA A 387 -14.29 9.58 44.01
C ALA A 387 -14.67 8.28 43.31
N TRP A 388 -15.53 7.49 43.95
CA TRP A 388 -16.00 6.25 43.35
C TRP A 388 -16.88 6.55 42.13
N ALA A 389 -17.70 7.60 42.24
CA ALA A 389 -18.59 7.99 41.15
C ALA A 389 -17.78 8.48 39.95
N ARG A 390 -16.75 9.26 40.21
CA ARG A 390 -15.85 9.73 39.16
CA ARG A 390 -15.86 9.73 39.15
C ARG A 390 -15.22 8.56 38.42
N LEU A 391 -14.73 7.60 39.20
CA LEU A 391 -14.04 6.44 38.67
C LEU A 391 -14.97 5.53 37.88
N ASP A 392 -16.14 5.25 38.44
CA ASP A 392 -17.09 4.34 37.82
C ASP A 392 -17.67 4.91 36.53
N HIS A 393 -17.74 6.24 36.43
CA HIS A 393 -18.24 6.88 35.22
C HIS A 393 -17.29 6.66 34.05
N LYS A 394 -16.00 6.86 34.28
CA LYS A 394 -14.98 6.64 33.27
C LYS A 394 -14.98 5.17 32.83
N PHE A 395 -15.18 4.29 33.81
CA PHE A 395 -15.26 2.85 33.56
C PHE A 395 -16.41 2.54 32.60
N ASP A 396 -17.58 3.09 32.89
CA ASP A 396 -18.77 2.82 32.09
C ASP A 396 -18.65 3.35 30.67
N LEU A 397 -17.93 4.47 30.52
CA LEU A 397 -17.75 5.08 29.21
C LEU A 397 -16.93 4.17 28.29
N MET A 398 -15.88 3.57 28.83
CA MET A 398 -15.00 2.71 28.04
C MET A 398 -15.58 1.32 27.86
N TYR A 399 -16.18 0.77 28.92
CA TYR A 399 -16.64 -0.61 28.89
C TYR A 399 -17.87 -0.79 27.99
N ALA A 400 -18.62 0.28 27.79
CA ALA A 400 -19.80 0.23 26.93
C ALA A 400 -19.39 -0.09 25.49
N LYS A 401 -18.13 0.23 25.15
CA LYS A 401 -17.61 -0.05 23.82
C LYS A 401 -16.60 -1.20 23.87
N ARG A 402 -16.40 -1.77 25.05
CA ARG A 402 -15.43 -2.84 25.26
C ARG A 402 -14.03 -2.42 24.85
N ALA A 403 -13.73 -1.14 25.00
CA ALA A 403 -12.42 -0.61 24.64
C ALA A 403 -11.34 -1.19 25.55
N PHE A 404 -10.25 -1.64 24.93
CA PHE A 404 -9.08 -2.17 25.65
C PHE A 404 -9.36 -3.48 26.40
N VAL A 405 -10.60 -3.97 26.34
CA VAL A 405 -10.97 -5.19 27.06
C VAL A 405 -10.15 -6.39 26.59
N HIS A 406 -9.84 -6.42 25.30
CA HIS A 406 -9.13 -7.56 24.71
C HIS A 406 -7.77 -7.79 25.36
N TRP A 407 -7.16 -6.72 25.87
CA TRP A 407 -5.87 -6.83 26.53
C TRP A 407 -5.98 -7.66 27.80
N TYR A 408 -7.12 -7.58 28.47
CA TYR A 408 -7.35 -8.33 29.70
C TYR A 408 -7.74 -9.76 29.42
N VAL A 409 -8.67 -9.95 28.48
CA VAL A 409 -9.10 -11.28 28.08
C VAL A 409 -7.92 -12.09 27.56
N GLY A 410 -7.03 -11.42 26.85
CA GLY A 410 -5.84 -12.06 26.30
C GLY A 410 -4.91 -12.60 27.37
N GLU A 411 -5.08 -12.13 28.60
CA GLU A 411 -4.25 -12.57 29.72
C GLU A 411 -4.93 -13.65 30.54
N GLY A 412 -6.06 -14.14 30.05
CA GLY A 412 -6.76 -15.25 30.68
C GLY A 412 -7.95 -14.83 31.51
N MET A 413 -8.11 -13.52 31.71
CA MET A 413 -9.26 -13.01 32.46
C MET A 413 -10.53 -13.19 31.64
N GLU A 414 -11.66 -13.29 32.33
CA GLU A 414 -12.95 -13.40 31.67
C GLU A 414 -13.65 -12.05 31.65
N GLU A 415 -14.35 -11.75 30.56
CA GLU A 415 -15.05 -10.48 30.41
C GLU A 415 -16.11 -10.29 31.49
N GLY A 416 -16.50 -11.39 32.14
CA GLY A 416 -17.48 -11.35 33.20
C GLY A 416 -16.98 -10.65 34.45
N GLU A 417 -15.68 -10.72 34.71
CA GLU A 417 -15.10 -10.12 35.90
C GLU A 417 -15.20 -8.60 35.88
N PHE A 418 -15.30 -8.03 34.67
CA PHE A 418 -15.50 -6.59 34.53
C PHE A 418 -16.84 -6.17 35.12
N SER A 419 -17.89 -6.89 34.77
CA SER A 419 -19.24 -6.57 35.22
C SER A 419 -19.43 -6.93 36.69
N GLU A 420 -18.80 -8.01 37.13
CA GLU A 420 -18.84 -8.40 38.53
C GLU A 420 -18.23 -7.32 39.40
N ALA A 421 -17.06 -6.83 38.98
CA ALA A 421 -16.36 -5.79 39.71
C ALA A 421 -17.15 -4.48 39.69
N ARG A 422 -17.70 -4.15 38.52
CA ARG A 422 -18.48 -2.93 38.37
C ARG A 422 -19.76 -3.00 39.21
N GLU A 423 -20.36 -4.19 39.27
CA GLU A 423 -21.59 -4.39 40.03
C GLU A 423 -21.31 -4.22 41.53
N ASP A 424 -20.13 -4.65 41.95
CA ASP A 424 -19.73 -4.50 43.34
C ASP A 424 -19.60 -3.02 43.69
N MET A 425 -19.05 -2.24 42.75
CA MET A 425 -18.89 -0.81 42.95
C MET A 425 -20.24 -0.10 42.96
N ALA A 426 -21.19 -0.62 42.18
CA ALA A 426 -22.53 -0.08 42.15
C ALA A 426 -23.21 -0.28 43.51
N ALA A 427 -22.94 -1.43 44.12
CA ALA A 427 -23.45 -1.72 45.45
C ALA A 427 -22.79 -0.81 46.48
N LEU A 428 -21.49 -0.59 46.31
CA LEU A 428 -20.73 0.25 47.22
C LEU A 428 -21.23 1.68 47.18
N GLU A 429 -21.46 2.20 45.97
CA GLU A 429 -21.98 3.55 45.81
C GLU A 429 -23.35 3.68 46.46
N LYS A 430 -24.11 2.60 46.45
CA LYS A 430 -25.47 2.61 47.00
C LYS A 430 -25.43 2.59 48.53
N ASP A 431 -24.49 1.85 49.08
CA ASP A 431 -24.32 1.79 50.53
C ASP A 431 -23.97 3.16 51.10
N TYR A 432 -23.09 3.88 50.41
CA TYR A 432 -22.71 5.22 50.83
C TYR A 432 -23.91 6.16 50.83
N GLU A 433 -24.80 5.99 49.85
CA GLU A 433 -25.95 6.87 49.70
C GLU A 433 -26.98 6.64 50.79
N GLU A 434 -27.17 5.37 51.16
CA GLU A 434 -28.12 5.01 52.21
C GLU A 434 -27.70 5.62 53.55
N VAL A 435 -26.41 5.52 53.85
CA VAL A 435 -25.88 5.98 55.12
C VAL A 435 -25.82 7.51 55.19
N GLY A 436 -25.50 8.14 54.07
CA GLY A 436 -25.16 9.55 54.05
C GLY A 436 -26.24 10.53 53.61
N VAL A 437 -27.28 10.03 52.94
CA VAL A 437 -28.29 10.91 52.37
C VAL A 437 -29.71 10.55 52.82
N ASP A 438 -30.51 11.59 53.05
CA ASP A 438 -31.92 11.40 53.39
C ASP A 438 -32.78 11.61 52.14
N SER A 439 -33.97 11.03 52.14
CA SER A 439 -34.87 11.15 51.00
C SER A 439 -35.41 12.57 50.87
N VAL A 440 -34.97 13.26 49.81
CA VAL A 440 -35.40 14.63 49.56
C VAL A 440 -36.80 14.64 48.94
N MET B 1 11.26 -6.14 29.83
CA MET B 1 11.08 -5.29 28.63
C MET B 1 12.31 -4.42 28.41
N ARG B 2 13.24 -4.92 27.60
CA ARG B 2 14.51 -4.25 27.37
C ARG B 2 14.90 -4.25 25.89
N GLU B 3 15.37 -5.39 25.40
CA GLU B 3 15.92 -5.47 24.05
C GLU B 3 14.84 -5.49 22.97
N ILE B 4 15.09 -4.74 21.91
CA ILE B 4 14.27 -4.76 20.70
C ILE B 4 15.13 -5.27 19.54
N VAL B 5 14.57 -6.17 18.74
CA VAL B 5 15.25 -6.70 17.56
C VAL B 5 14.73 -6.00 16.32
N HIS B 6 15.59 -5.19 15.70
CA HIS B 6 15.22 -4.47 14.50
C HIS B 6 15.44 -5.32 13.25
N ILE B 7 14.52 -5.20 12.30
CA ILE B 7 14.64 -5.87 11.01
C ILE B 7 14.31 -4.86 9.91
N GLN B 8 15.08 -4.90 8.82
CA GLN B 8 14.80 -4.06 7.66
C GLN B 8 14.88 -4.91 6.38
N ALA B 9 13.79 -4.87 5.62
CA ALA B 9 13.62 -5.74 4.46
C ALA B 9 13.32 -4.96 3.19
N GLY B 10 14.02 -5.31 2.12
CA GLY B 10 13.78 -4.72 0.81
C GLY B 10 14.56 -3.44 0.58
N GLN B 11 14.35 -2.82 -0.58
CA GLN B 11 15.04 -1.59 -0.92
C GLN B 11 14.68 -0.45 0.01
N CYS B 12 13.38 -0.16 0.09
CA CYS B 12 12.88 0.92 0.93
C CYS B 12 13.22 0.68 2.40
N GLY B 13 12.94 -0.53 2.87
CA GLY B 13 13.16 -0.89 4.26
C GLY B 13 14.60 -0.69 4.71
N ASN B 14 15.55 -1.10 3.88
CA ASN B 14 16.96 -0.99 4.22
C ASN B 14 17.49 0.44 4.11
N GLN B 15 16.90 1.21 3.20
CA GLN B 15 17.33 2.59 3.01
C GLN B 15 16.84 3.50 4.13
N ILE B 16 15.58 3.34 4.53
CA ILE B 16 15.06 4.09 5.66
CA ILE B 16 15.03 4.07 5.66
C ILE B 16 15.65 3.53 6.95
N GLY B 17 15.86 2.21 6.98
CA GLY B 17 16.44 1.57 8.13
C GLY B 17 17.86 2.03 8.37
N ALA B 18 18.60 2.21 7.28
CA ALA B 18 19.97 2.70 7.36
C ALA B 18 19.99 4.10 7.96
N LYS B 19 19.14 4.98 7.44
CA LYS B 19 19.07 6.36 7.93
C LYS B 19 18.68 6.40 9.40
N PHE B 20 17.77 5.50 9.79
CA PHE B 20 17.32 5.43 11.18
C PHE B 20 18.49 5.19 12.13
N TRP B 21 19.36 4.26 11.77
CA TRP B 21 20.51 3.94 12.61
C TRP B 21 21.57 5.02 12.56
N GLU B 22 21.62 5.77 11.46
CA GLU B 22 22.53 6.91 11.38
C GLU B 22 22.10 8.00 12.37
N VAL B 23 20.79 8.22 12.45
CA VAL B 23 20.24 9.28 13.29
C VAL B 23 20.38 8.96 14.79
N ILE B 24 19.85 7.82 15.22
CA ILE B 24 19.81 7.52 16.65
C ILE B 24 21.21 7.20 17.18
N SER B 25 22.11 6.78 16.31
CA SER B 25 23.50 6.54 16.71
C SER B 25 24.17 7.86 17.07
N ASP B 26 23.81 8.91 16.33
CA ASP B 26 24.32 10.25 16.62
C ASP B 26 23.73 10.77 17.94
N GLU B 27 22.45 10.51 18.15
CA GLU B 27 21.78 10.92 19.39
C GLU B 27 22.39 10.22 20.59
N HIS B 28 22.72 8.94 20.44
CA HIS B 28 23.29 8.15 21.52
C HIS B 28 24.81 8.30 21.60
N GLY B 29 25.39 9.08 20.69
CA GLY B 29 26.81 9.38 20.72
C GLY B 29 27.68 8.25 20.21
N ILE B 30 27.12 7.38 19.39
CA ILE B 30 27.86 6.29 18.78
C ILE B 30 28.40 6.72 17.41
N ASP B 31 29.67 6.43 17.15
CA ASP B 31 30.29 6.80 15.88
C ASP B 31 30.25 5.62 14.92
N PRO B 32 30.55 5.84 13.62
CA PRO B 32 30.48 4.78 12.62
C PRO B 32 31.29 3.53 12.95
N THR B 33 32.27 3.64 13.84
CA THR B 33 33.10 2.50 14.23
C THR B 33 32.52 1.78 15.45
N GLY B 34 31.46 2.34 16.02
CA GLY B 34 30.76 1.72 17.14
C GLY B 34 31.28 2.15 18.50
N SER B 35 32.07 3.22 18.53
CA SER B 35 32.62 3.74 19.77
C SER B 35 31.76 4.89 20.32
N TYR B 36 31.62 4.95 21.63
CA TYR B 36 30.85 6.01 22.29
C TYR B 36 31.72 7.23 22.54
N HIS B 37 31.21 8.39 22.10
CA HIS B 37 31.92 9.66 22.29
C HIS B 37 30.95 10.75 22.74
N GLY B 38 29.95 10.35 23.53
CA GLY B 38 28.95 11.27 24.02
C GLY B 38 29.40 12.01 25.26
N ASP B 39 28.55 12.92 25.74
CA ASP B 39 28.85 13.73 26.91
C ASP B 39 27.90 13.42 28.06
N SER B 40 26.62 13.23 27.73
CA SER B 40 25.60 12.94 28.74
C SER B 40 25.45 11.44 28.98
N ASP B 41 25.04 11.08 30.19
CA ASP B 41 24.83 9.68 30.56
C ASP B 41 23.39 9.25 30.29
N LEU B 42 22.54 10.20 29.89
CA LEU B 42 21.20 9.87 29.44
C LEU B 42 21.26 9.07 28.14
N GLN B 43 22.39 9.17 27.44
CA GLN B 43 22.57 8.51 26.16
C GLN B 43 22.80 7.01 26.29
N LEU B 44 23.35 6.59 27.42
CA LEU B 44 23.75 5.19 27.63
C LEU B 44 22.88 4.45 28.65
N GLU B 45 21.88 5.12 29.19
CA GLU B 45 21.07 4.52 30.25
C GLU B 45 20.14 3.43 29.70
N ARG B 46 19.66 3.62 28.48
CA ARG B 46 18.81 2.64 27.82
C ARG B 46 19.32 2.34 26.42
N ILE B 47 20.63 2.37 26.24
CA ILE B 47 21.26 2.08 24.95
C ILE B 47 21.06 0.62 24.57
N ASN B 48 20.92 -0.23 25.58
CA ASN B 48 20.79 -1.67 25.34
CA ASN B 48 20.78 -1.67 25.37
C ASN B 48 19.45 -2.06 24.73
N VAL B 49 18.56 -1.10 24.58
CA VAL B 49 17.26 -1.36 23.95
C VAL B 49 17.46 -1.68 22.46
N TYR B 50 18.43 -1.02 21.85
CA TYR B 50 18.67 -1.15 20.41
C TYR B 50 20.07 -1.67 20.07
N TYR B 51 20.99 -1.59 21.02
CA TYR B 51 22.38 -1.96 20.79
C TYR B 51 22.85 -3.12 21.67
N ASN B 52 23.59 -4.05 21.08
CA ASN B 52 24.33 -5.04 21.84
C ASN B 52 25.72 -4.50 22.16
N GLU B 53 26.26 -4.91 23.30
CA GLU B 53 27.58 -4.42 23.73
C GLU B 53 28.65 -5.49 23.55
N ALA B 54 29.67 -5.16 22.77
CA ALA B 54 30.78 -6.06 22.50
C ALA B 54 32.01 -5.65 23.32
N THR B 55 33.11 -6.35 23.10
CA THR B 55 34.36 -6.07 23.81
C THR B 55 34.92 -4.72 23.35
N GLY B 56 35.65 -4.06 24.24
CA GLY B 56 36.15 -2.72 23.97
C GLY B 56 35.02 -1.72 24.10
N ASN B 57 33.93 -2.15 24.72
CA ASN B 57 32.72 -1.35 24.85
C ASN B 57 32.23 -0.82 23.50
N LYS B 58 32.37 -1.65 22.48
CA LYS B 58 31.78 -1.36 21.17
C LYS B 58 30.28 -1.64 21.23
N TYR B 59 29.49 -0.77 20.59
CA TYR B 59 28.04 -0.94 20.56
C TYR B 59 27.58 -1.34 19.17
N VAL B 60 26.97 -2.52 19.09
CA VAL B 60 26.53 -3.09 17.81
C VAL B 60 25.01 -3.09 17.74
N PRO B 61 24.43 -2.43 16.73
CA PRO B 61 22.97 -2.47 16.53
C PRO B 61 22.40 -3.87 16.49
N ARG B 62 21.29 -4.08 17.21
CA ARG B 62 20.58 -5.35 17.15
C ARG B 62 19.70 -5.36 15.90
N ALA B 63 20.35 -5.21 14.75
CA ALA B 63 19.65 -5.05 13.48
C ALA B 63 19.96 -6.18 12.52
N ILE B 64 18.93 -6.60 11.78
CA ILE B 64 19.07 -7.63 10.76
C ILE B 64 18.65 -7.07 9.41
N LEU B 65 19.56 -7.14 8.44
CA LEU B 65 19.33 -6.57 7.12
C LEU B 65 18.96 -7.66 6.12
N VAL B 66 17.80 -7.50 5.49
CA VAL B 66 17.25 -8.51 4.59
C VAL B 66 16.92 -7.93 3.23
N ASP B 67 17.16 -8.71 2.17
CA ASP B 67 16.77 -8.34 0.82
C ASP B 67 16.92 -9.54 -0.11
N LEU B 68 16.10 -9.60 -1.16
CA LEU B 68 16.18 -10.69 -2.12
C LEU B 68 17.14 -10.37 -3.26
N GLU B 69 17.81 -9.22 -3.17
CA GLU B 69 18.89 -8.88 -4.08
C GLU B 69 19.94 -8.06 -3.34
N PRO B 70 21.22 -8.23 -3.72
CA PRO B 70 22.33 -7.62 -2.96
C PRO B 70 22.55 -6.15 -3.26
N GLY B 71 21.79 -5.59 -4.20
CA GLY B 71 21.99 -4.22 -4.64
C GLY B 71 21.99 -3.19 -3.53
N THR B 72 20.84 -2.99 -2.89
CA THR B 72 20.70 -1.97 -1.86
C THR B 72 21.56 -2.26 -0.64
N MET B 73 21.74 -3.54 -0.33
CA MET B 73 22.50 -3.92 0.86
C MET B 73 24.00 -3.74 0.66
N ASP B 74 24.43 -3.66 -0.58
CA ASP B 74 25.82 -3.28 -0.87
C ASP B 74 26.01 -1.80 -0.64
N SER B 75 24.98 -1.02 -0.97
CA SER B 75 25.00 0.42 -0.78
C SER B 75 25.02 0.77 0.71
N VAL B 76 24.23 0.03 1.49
CA VAL B 76 24.18 0.24 2.93
C VAL B 76 25.55 -0.03 3.55
N ARG B 77 26.18 -1.13 3.14
CA ARG B 77 27.47 -1.51 3.70
C ARG B 77 28.54 -0.48 3.37
N SER B 78 28.34 0.26 2.28
CA SER B 78 29.28 1.30 1.87
C SER B 78 28.89 2.65 2.43
N GLY B 79 27.67 2.76 2.96
CA GLY B 79 27.16 4.01 3.47
C GLY B 79 27.94 4.55 4.67
N PRO B 80 27.52 5.71 5.20
CA PRO B 80 28.16 6.39 6.32
C PRO B 80 28.41 5.48 7.53
N PHE B 81 27.35 4.87 8.05
CA PHE B 81 27.44 3.99 9.21
C PHE B 81 27.43 2.52 8.80
N GLY B 82 27.85 2.24 7.56
CA GLY B 82 27.79 0.90 7.02
C GLY B 82 28.52 -0.16 7.82
N GLN B 83 29.62 0.22 8.46
CA GLN B 83 30.50 -0.73 9.13
C GLN B 83 30.07 -1.03 10.57
N ILE B 84 29.05 -0.33 11.05
CA ILE B 84 28.58 -0.54 12.42
C ILE B 84 27.82 -1.87 12.54
N PHE B 85 27.14 -2.24 11.47
CA PHE B 85 26.27 -3.41 11.48
C PHE B 85 27.05 -4.71 11.56
N ARG B 86 26.49 -5.67 12.28
CA ARG B 86 27.10 -6.99 12.40
C ARG B 86 27.12 -7.69 11.03
N PRO B 87 28.32 -8.07 10.55
CA PRO B 87 28.41 -8.66 9.20
C PRO B 87 27.52 -9.90 8.99
N ASP B 88 27.40 -10.74 10.02
CA ASP B 88 26.61 -11.96 9.91
C ASP B 88 25.12 -11.66 9.80
N ASN B 89 24.72 -10.46 10.21
CA ASN B 89 23.31 -10.09 10.17
C ASN B 89 22.86 -9.62 8.79
N PHE B 90 23.79 -9.62 7.84
CA PHE B 90 23.45 -9.37 6.44
C PHE B 90 22.99 -10.68 5.79
N VAL B 91 21.71 -10.75 5.49
CA VAL B 91 21.12 -11.95 4.89
C VAL B 91 20.45 -11.58 3.57
N PHE B 92 20.98 -12.08 2.46
CA PHE B 92 20.47 -11.71 1.14
C PHE B 92 20.54 -12.83 0.11
N GLY B 93 19.63 -12.77 -0.85
CA GLY B 93 19.61 -13.69 -1.98
C GLY B 93 20.19 -13.02 -3.21
N GLN B 94 19.77 -13.48 -4.39
CA GLN B 94 20.29 -12.98 -5.65
C GLN B 94 19.21 -12.70 -6.70
N SER B 95 18.07 -13.37 -6.58
CA SER B 95 17.06 -13.34 -7.63
C SER B 95 16.25 -12.04 -7.65
N GLY B 96 16.01 -11.46 -6.48
CA GLY B 96 15.13 -10.30 -6.37
C GLY B 96 13.69 -10.75 -6.36
N ALA B 97 12.77 -9.79 -6.23
CA ALA B 97 11.34 -10.11 -6.15
C ALA B 97 10.53 -9.44 -7.27
N GLY B 98 11.17 -8.52 -7.99
CA GLY B 98 10.54 -7.87 -9.12
C GLY B 98 9.22 -7.19 -8.79
N ASN B 99 9.17 -6.56 -7.62
CA ASN B 99 7.96 -5.88 -7.17
C ASN B 99 6.74 -6.79 -7.16
N ASN B 100 6.96 -8.06 -6.83
CA ASN B 100 5.90 -9.06 -6.79
C ASN B 100 5.74 -9.61 -5.37
N TRP B 101 4.59 -9.35 -4.77
CA TRP B 101 4.29 -9.80 -3.42
C TRP B 101 4.37 -11.32 -3.32
N ALA B 102 3.83 -11.99 -4.33
CA ALA B 102 3.81 -13.45 -4.36
C ALA B 102 5.21 -14.03 -4.34
N LYS B 103 6.14 -13.38 -5.01
CA LYS B 103 7.52 -13.86 -5.06
C LYS B 103 8.18 -13.75 -3.70
N GLY B 104 7.93 -12.65 -2.99
CA GLY B 104 8.51 -12.44 -1.69
C GLY B 104 7.86 -13.29 -0.60
N HIS B 105 6.62 -13.70 -0.83
CA HIS B 105 5.84 -14.36 0.20
C HIS B 105 5.78 -15.89 0.05
N TYR B 106 5.82 -16.37 -1.19
CA TYR B 106 5.52 -17.77 -1.48
C TYR B 106 6.65 -18.56 -2.15
N THR B 107 7.44 -17.89 -3.00
CA THR B 107 8.46 -18.59 -3.78
C THR B 107 9.88 -18.13 -3.42
N GLU B 108 10.27 -16.97 -3.92
CA GLU B 108 11.63 -16.48 -3.73
C GLU B 108 11.96 -16.27 -2.26
N GLY B 109 11.03 -15.69 -1.51
CA GLY B 109 11.26 -15.39 -0.11
C GLY B 109 11.20 -16.61 0.78
N ALA B 110 10.38 -17.59 0.40
CA ALA B 110 10.27 -18.83 1.14
C ALA B 110 11.62 -19.54 1.22
N GLU B 111 12.43 -19.35 0.17
CA GLU B 111 13.74 -19.97 0.09
C GLU B 111 14.75 -19.31 1.02
N LEU B 112 14.50 -18.04 1.36
CA LEU B 112 15.45 -17.24 2.13
C LEU B 112 15.04 -17.05 3.59
N VAL B 113 13.75 -17.25 3.89
CA VAL B 113 13.20 -16.85 5.19
C VAL B 113 13.82 -17.62 6.36
N ASP B 114 14.13 -18.89 6.16
CA ASP B 114 14.69 -19.72 7.24
C ASP B 114 16.04 -19.21 7.71
N SER B 115 16.85 -18.72 6.78
CA SER B 115 18.17 -18.20 7.11
C SER B 115 18.07 -16.88 7.88
N VAL B 116 16.99 -16.14 7.64
CA VAL B 116 16.74 -14.91 8.37
C VAL B 116 16.35 -15.24 9.80
N LEU B 117 15.45 -16.22 9.96
CA LEU B 117 14.99 -16.64 11.28
C LEU B 117 16.12 -17.23 12.11
N ASP B 118 17.16 -17.72 11.46
CA ASP B 118 18.33 -18.23 12.17
C ASP B 118 19.08 -17.07 12.82
N VAL B 119 19.13 -15.94 12.14
CA VAL B 119 19.78 -14.74 12.66
C VAL B 119 18.92 -14.11 13.74
N VAL B 120 17.61 -14.06 13.51
CA VAL B 120 16.67 -13.55 14.49
C VAL B 120 16.78 -14.34 15.79
N ARG B 121 16.91 -15.66 15.66
CA ARG B 121 16.98 -16.55 16.80
C ARG B 121 18.27 -16.32 17.59
N LYS B 122 19.38 -16.14 16.87
CA LYS B 122 20.67 -15.86 17.50
C LYS B 122 20.55 -14.64 18.39
N GLU B 123 20.06 -13.54 17.82
CA GLU B 123 19.92 -12.30 18.56
C GLU B 123 18.99 -12.47 19.76
N SER B 124 17.84 -13.10 19.54
CA SER B 124 16.83 -13.27 20.59
C SER B 124 17.34 -14.06 21.78
N GLU B 125 18.23 -15.02 21.54
CA GLU B 125 18.73 -15.89 22.60
C GLU B 125 19.63 -15.14 23.57
N SER B 126 20.28 -14.09 23.09
CA SER B 126 21.19 -13.31 23.93
C SER B 126 20.48 -12.17 24.66
N CYS B 127 19.17 -12.05 24.44
CA CYS B 127 18.38 -11.00 25.08
C CYS B 127 18.02 -11.36 26.51
N ASP B 128 18.33 -10.45 27.44
CA ASP B 128 18.00 -10.64 28.84
C ASP B 128 16.49 -10.63 29.03
N CYS B 129 15.81 -9.80 28.25
CA CYS B 129 14.35 -9.72 28.28
C CYS B 129 13.81 -9.09 27.01
N LEU B 130 13.82 -9.86 25.93
CA LEU B 130 13.30 -9.42 24.64
C LEU B 130 11.85 -8.97 24.75
N GLN B 131 11.58 -7.72 24.36
CA GLN B 131 10.22 -7.19 24.41
C GLN B 131 9.51 -7.32 23.06
N GLY B 132 10.27 -7.41 21.98
CA GLY B 132 9.67 -7.61 20.67
C GLY B 132 10.53 -7.19 19.49
N PHE B 133 9.88 -6.99 18.36
CA PHE B 133 10.54 -6.70 17.09
C PHE B 133 9.96 -5.46 16.44
N GLN B 134 10.80 -4.71 15.72
CA GLN B 134 10.32 -3.62 14.87
C GLN B 134 10.85 -3.81 13.45
N LEU B 135 9.95 -3.73 12.47
CA LEU B 135 10.28 -3.95 11.07
C LEU B 135 10.13 -2.66 10.27
N THR B 136 11.08 -2.45 9.36
CA THR B 136 11.00 -1.35 8.40
C THR B 136 10.91 -1.90 6.98
N HIS B 137 9.92 -1.43 6.23
CA HIS B 137 9.66 -1.96 4.89
C HIS B 137 8.64 -1.10 4.16
N SER B 138 8.55 -1.32 2.84
CA SER B 138 7.47 -0.76 2.05
C SER B 138 6.45 -1.85 1.77
N LEU B 139 5.24 -1.44 1.39
CA LEU B 139 4.17 -2.39 1.09
C LEU B 139 3.93 -2.49 -0.42
N GLY B 140 4.56 -1.60 -1.17
CA GLY B 140 4.33 -1.52 -2.61
C GLY B 140 5.26 -2.40 -3.43
N GLY B 141 6.35 -2.86 -2.82
CA GLY B 141 7.33 -3.68 -3.52
C GLY B 141 7.01 -5.16 -3.41
N GLY B 142 8.06 -5.99 -3.46
CA GLY B 142 7.92 -7.42 -3.41
C GLY B 142 8.59 -8.05 -2.19
N THR B 143 9.81 -7.65 -1.91
CA THR B 143 10.57 -8.23 -0.80
C THR B 143 10.05 -7.74 0.54
N GLY B 144 10.16 -6.42 0.77
CA GLY B 144 9.71 -5.82 2.01
C GLY B 144 8.23 -6.06 2.26
N SER B 145 7.46 -6.13 1.18
CA SER B 145 6.03 -6.36 1.26
C SER B 145 5.70 -7.84 1.41
N GLY B 146 6.16 -8.64 0.45
CA GLY B 146 5.87 -10.06 0.43
C GLY B 146 6.62 -10.84 1.49
N MET B 147 7.94 -10.67 1.56
CA MET B 147 8.76 -11.43 2.48
C MET B 147 8.70 -10.83 3.89
N GLY B 148 8.45 -9.53 3.97
CA GLY B 148 8.34 -8.86 5.25
C GLY B 148 7.18 -9.39 6.07
N THR B 149 6.04 -9.57 5.41
CA THR B 149 4.85 -10.09 6.08
C THR B 149 4.98 -11.59 6.33
N LEU B 150 5.82 -12.26 5.54
CA LEU B 150 6.11 -13.67 5.75
C LEU B 150 6.94 -13.84 7.02
N LEU B 151 7.96 -12.99 7.17
CA LEU B 151 8.78 -12.97 8.37
C LEU B 151 7.93 -12.72 9.61
N ILE B 152 7.01 -11.77 9.50
CA ILE B 152 6.13 -11.41 10.61
C ILE B 152 5.29 -12.62 11.04
N SER B 153 4.78 -13.36 10.07
CA SER B 153 3.97 -14.54 10.37
C SER B 153 4.80 -15.64 11.01
N LYS B 154 6.06 -15.74 10.59
CA LYS B 154 6.98 -16.74 11.14
C LYS B 154 7.46 -16.35 12.52
N ILE B 155 7.71 -15.06 12.72
CA ILE B 155 8.18 -14.55 14.01
C ILE B 155 7.10 -14.71 15.07
N ARG B 156 5.85 -14.53 14.68
CA ARG B 156 4.73 -14.67 15.60
C ARG B 156 4.57 -16.12 16.03
N GLU B 157 4.86 -17.04 15.11
CA GLU B 157 4.74 -18.46 15.41
C GLU B 157 5.78 -18.89 16.44
N GLU B 158 6.98 -18.32 16.35
CA GLU B 158 8.07 -18.67 17.25
C GLU B 158 8.12 -17.79 18.48
N TYR B 159 7.54 -16.59 18.36
CA TYR B 159 7.48 -15.64 19.47
C TYR B 159 6.09 -15.03 19.58
N PRO B 160 5.09 -15.87 19.93
CA PRO B 160 3.70 -15.42 19.96
C PRO B 160 3.39 -14.45 21.10
N ASP B 161 4.26 -14.40 22.12
CA ASP B 161 4.00 -13.58 23.29
C ASP B 161 4.85 -12.31 23.33
N ARG B 162 5.37 -11.91 22.17
CA ARG B 162 6.19 -10.70 22.03
CA ARG B 162 6.17 -10.69 22.06
C ARG B 162 5.53 -9.71 21.08
N ILE B 163 5.80 -8.42 21.29
CA ILE B 163 5.19 -7.36 20.48
C ILE B 163 5.81 -7.29 19.08
N MET B 164 4.94 -7.12 18.08
CA MET B 164 5.37 -6.92 16.70
C MET B 164 5.00 -5.51 16.23
N ASN B 165 6.02 -4.69 16.01
CA ASN B 165 5.84 -3.32 15.55
C ASN B 165 6.37 -3.17 14.12
N THR B 166 5.82 -2.22 13.37
CA THR B 166 6.26 -1.99 12.00
C THR B 166 6.22 -0.52 11.60
N PHE B 167 7.23 -0.11 10.83
CA PHE B 167 7.20 1.15 10.10
C PHE B 167 6.95 0.86 8.63
N SER B 168 5.68 0.89 8.24
CA SER B 168 5.28 0.49 6.89
C SER B 168 5.06 1.68 5.99
N VAL B 169 5.78 1.70 4.87
CA VAL B 169 5.63 2.77 3.89
C VAL B 169 4.53 2.44 2.90
N MET B 170 3.54 3.32 2.79
CA MET B 170 2.40 3.09 1.90
C MET B 170 2.70 3.64 0.50
N PRO B 171 2.27 2.92 -0.55
CA PRO B 171 2.51 3.38 -1.92
C PRO B 171 1.57 4.49 -2.35
N SER B 172 2.03 5.36 -3.24
CA SER B 172 1.21 6.43 -3.79
C SER B 172 1.50 6.59 -5.28
N PRO B 173 0.44 6.78 -6.10
CA PRO B 173 0.68 6.99 -7.54
C PRO B 173 1.56 8.21 -7.83
N LYS B 174 1.56 9.18 -6.95
CA LYS B 174 2.38 10.38 -7.11
C LYS B 174 3.86 10.07 -6.91
N VAL B 175 4.13 8.96 -6.23
CA VAL B 175 5.50 8.49 -6.02
C VAL B 175 5.51 6.97 -6.23
N SER B 176 5.46 6.56 -7.49
CA SER B 176 5.21 5.16 -7.84
C SER B 176 6.31 4.56 -8.70
N ASP B 177 6.61 3.29 -8.46
CA ASP B 177 7.55 2.53 -9.29
C ASP B 177 6.79 1.70 -10.31
N THR B 178 5.73 1.03 -9.86
CA THR B 178 4.97 0.14 -10.73
C THR B 178 3.47 0.27 -10.48
N VAL B 179 2.68 -0.30 -11.40
CA VAL B 179 1.23 -0.21 -11.34
C VAL B 179 0.62 -1.26 -10.42
N VAL B 180 1.42 -2.24 -10.00
CA VAL B 180 0.95 -3.33 -9.18
C VAL B 180 1.13 -3.06 -7.68
N GLU B 181 1.46 -1.82 -7.35
CA GLU B 181 1.69 -1.44 -5.97
C GLU B 181 0.43 -1.57 -5.09
N PRO B 182 -0.75 -1.17 -5.63
CA PRO B 182 -1.98 -1.40 -4.87
C PRO B 182 -2.24 -2.87 -4.55
N TYR B 183 -1.92 -3.77 -5.47
CA TYR B 183 -2.05 -5.20 -5.21
C TYR B 183 -1.17 -5.62 -4.04
N ASN B 184 0.12 -5.26 -4.11
CA ASN B 184 1.08 -5.62 -3.07
C ASN B 184 0.70 -5.04 -1.72
N ALA B 185 0.19 -3.81 -1.74
CA ALA B 185 -0.18 -3.13 -0.51
C ALA B 185 -1.38 -3.80 0.15
N THR B 186 -2.41 -4.09 -0.65
CA THR B 186 -3.63 -4.70 -0.14
C THR B 186 -3.34 -6.08 0.45
N LEU B 187 -2.52 -6.86 -0.24
CA LEU B 187 -2.12 -8.18 0.23
C LEU B 187 -1.34 -8.08 1.54
N SER B 188 -0.60 -6.99 1.70
CA SER B 188 0.23 -6.78 2.88
C SER B 188 -0.59 -6.29 4.07
N VAL B 189 -1.53 -5.38 3.83
CA VAL B 189 -2.36 -4.85 4.91
C VAL B 189 -3.13 -5.98 5.58
N HIS B 190 -3.62 -6.92 4.78
CA HIS B 190 -4.33 -8.09 5.29
C HIS B 190 -3.47 -8.83 6.32
N GLN B 191 -2.17 -8.89 6.04
CA GLN B 191 -1.24 -9.54 6.95
C GLN B 191 -1.00 -8.70 8.21
N LEU B 192 -0.91 -7.39 8.03
CA LEU B 192 -0.59 -6.48 9.12
C LEU B 192 -1.76 -6.34 10.10
N VAL B 193 -2.98 -6.42 9.60
CA VAL B 193 -4.17 -6.32 10.44
C VAL B 193 -4.21 -7.46 11.46
N GLU B 194 -3.65 -8.61 11.08
CA GLU B 194 -3.74 -9.81 11.89
C GLU B 194 -2.51 -10.03 12.78
N ASN B 195 -1.33 -9.65 12.29
CA ASN B 195 -0.08 -10.09 12.89
C ASN B 195 0.84 -8.99 13.44
N THR B 196 0.32 -7.78 13.61
CA THR B 196 1.09 -6.70 14.23
C THR B 196 0.30 -6.03 15.35
N ASP B 197 1.03 -5.45 16.30
CA ASP B 197 0.44 -4.74 17.44
C ASP B 197 0.32 -3.26 17.19
N GLU B 198 1.19 -2.75 16.34
CA GLU B 198 1.33 -1.31 16.17
C GLU B 198 2.07 -1.00 14.87
N THR B 199 1.39 -0.33 13.95
CA THR B 199 1.95 0.00 12.65
C THR B 199 1.91 1.51 12.41
N TYR B 200 3.08 2.10 12.22
CA TYR B 200 3.17 3.51 11.85
C TYR B 200 2.99 3.67 10.35
N CYS B 201 1.83 4.18 9.95
CA CYS B 201 1.51 4.33 8.53
C CYS B 201 2.20 5.56 7.95
N ILE B 202 3.23 5.30 7.14
CA ILE B 202 4.00 6.35 6.50
C ILE B 202 3.65 6.42 5.02
N ASP B 203 2.85 7.42 4.65
CA ASP B 203 2.34 7.54 3.29
C ASP B 203 3.31 8.34 2.42
N ASN B 204 3.76 7.74 1.32
CA ASN B 204 4.62 8.43 0.37
C ASN B 204 3.90 9.62 -0.26
N GLU B 205 2.57 9.56 -0.29
CA GLU B 205 1.77 10.67 -0.75
C GLU B 205 2.00 11.89 0.13
N ALA B 206 1.99 11.66 1.44
CA ALA B 206 2.17 12.73 2.42
C ALA B 206 3.61 13.25 2.41
N LEU B 207 4.57 12.33 2.35
CA LEU B 207 5.98 12.71 2.38
C LEU B 207 6.34 13.58 1.18
N TYR B 208 5.70 13.31 0.04
CA TYR B 208 5.96 14.08 -1.17
C TYR B 208 5.36 15.48 -1.07
N ASP B 209 4.11 15.54 -0.63
CA ASP B 209 3.39 16.81 -0.50
C ASP B 209 4.10 17.75 0.47
N ILE B 210 4.62 17.18 1.56
CA ILE B 210 5.36 17.97 2.54
C ILE B 210 6.63 18.56 1.91
N CYS B 211 7.38 17.71 1.21
CA CYS B 211 8.60 18.16 0.54
C CYS B 211 8.30 19.21 -0.52
N PHE B 212 7.18 19.07 -1.20
CA PHE B 212 6.83 19.95 -2.31
C PHE B 212 6.19 21.26 -1.83
N ARG B 213 5.12 21.14 -1.05
CA ARG B 213 4.35 22.31 -0.64
C ARG B 213 5.03 23.10 0.48
N THR B 214 5.50 22.39 1.51
CA THR B 214 6.03 23.05 2.70
C THR B 214 7.52 23.35 2.60
N LEU B 215 8.32 22.32 2.36
CA LEU B 215 9.77 22.46 2.34
C LEU B 215 10.27 23.12 1.06
N LYS B 216 9.36 23.36 0.12
CA LYS B 216 9.67 24.03 -1.14
C LYS B 216 10.77 23.31 -1.91
N LEU B 217 10.68 21.99 -1.95
CA LEU B 217 11.56 21.17 -2.79
C LEU B 217 10.84 20.83 -4.08
N THR B 218 11.22 21.50 -5.17
CA THR B 218 10.54 21.37 -6.45
C THR B 218 10.57 19.93 -6.98
N THR B 219 11.69 19.26 -6.79
CA THR B 219 11.87 17.89 -7.25
C THR B 219 12.34 16.99 -6.11
N PRO B 220 11.40 16.50 -5.29
CA PRO B 220 11.74 15.62 -4.16
C PRO B 220 12.33 14.28 -4.60
N THR B 221 13.39 13.87 -3.93
CA THR B 221 14.00 12.55 -4.16
C THR B 221 13.68 11.64 -3.00
N TYR B 222 13.95 10.35 -3.15
CA TYR B 222 13.72 9.39 -2.07
C TYR B 222 14.57 9.76 -0.85
N GLY B 223 15.70 10.41 -1.10
CA GLY B 223 16.55 10.89 -0.03
C GLY B 223 15.88 11.99 0.78
N ASP B 224 15.15 12.85 0.08
CA ASP B 224 14.41 13.93 0.73
C ASP B 224 13.25 13.37 1.53
N LEU B 225 12.58 12.37 0.97
CA LEU B 225 11.48 11.70 1.65
C LEU B 225 11.97 11.03 2.93
N ASN B 226 13.17 10.47 2.88
CA ASN B 226 13.70 9.71 4.01
C ASN B 226 14.25 10.59 5.13
N HIS B 227 14.54 11.84 4.82
CA HIS B 227 14.90 12.80 5.84
C HIS B 227 13.74 12.97 6.81
N LEU B 228 12.54 12.94 6.28
CA LEU B 228 11.33 13.07 7.08
C LEU B 228 11.04 11.79 7.88
N VAL B 229 11.27 10.65 7.26
CA VAL B 229 10.99 9.37 7.90
C VAL B 229 11.92 9.14 9.08
N SER B 230 13.22 9.32 8.86
CA SER B 230 14.23 9.11 9.89
C SER B 230 13.98 10.03 11.08
N ALA B 231 13.45 11.22 10.80
CA ALA B 231 13.10 12.16 11.86
C ALA B 231 11.89 11.66 12.64
N THR B 232 10.91 11.14 11.92
CA THR B 232 9.70 10.59 12.54
C THR B 232 10.03 9.35 13.38
N MET B 233 10.86 8.48 12.82
CA MET B 233 11.25 7.25 13.49
C MET B 233 12.01 7.53 14.78
N SER B 234 12.89 8.53 14.73
CA SER B 234 13.63 8.94 15.92
C SER B 234 12.68 9.47 16.99
N GLY B 235 11.63 10.15 16.55
CA GLY B 235 10.66 10.74 17.45
C GLY B 235 9.80 9.71 18.17
N VAL B 236 9.20 8.80 17.42
CA VAL B 236 8.26 7.84 17.98
C VAL B 236 8.96 6.77 18.81
N THR B 237 10.29 6.70 18.72
CA THR B 237 11.07 5.74 19.48
C THR B 237 11.81 6.40 20.63
N THR B 238 11.58 7.70 20.82
CA THR B 238 12.23 8.46 21.88
C THR B 238 11.93 7.87 23.25
N CYS B 239 10.66 7.61 23.53
CA CYS B 239 10.25 7.09 24.82
C CYS B 239 10.85 5.71 25.09
N LEU B 240 11.23 5.02 24.01
CA LEU B 240 11.82 3.69 24.13
C LEU B 240 13.33 3.76 24.35
N ARG B 241 13.94 4.83 23.87
CA ARG B 241 15.40 4.94 23.85
C ARG B 241 15.97 5.75 25.01
N PHE B 242 15.12 6.45 25.74
CA PHE B 242 15.56 7.29 26.86
C PHE B 242 14.72 7.06 28.11
N PRO B 243 15.25 7.46 29.29
CA PRO B 243 14.49 7.35 30.54
C PRO B 243 13.17 8.10 30.49
N GLY B 244 12.08 7.44 30.86
CA GLY B 244 10.77 8.06 30.82
C GLY B 244 9.72 7.27 31.58
N GLN B 245 8.57 7.90 31.78
CA GLN B 245 7.45 7.28 32.47
C GLN B 245 6.42 6.71 31.49
N LEU B 246 6.10 7.50 30.47
CA LEU B 246 5.03 7.18 29.54
C LEU B 246 5.53 6.40 28.33
N ASN B 247 4.83 5.31 28.01
CA ASN B 247 5.10 4.51 26.83
C ASN B 247 6.58 4.14 26.69
N ALA B 248 7.16 3.70 27.79
CA ALA B 248 8.60 3.45 27.83
C ALA B 248 8.99 2.12 27.17
N ASP B 249 8.00 1.28 26.89
CA ASP B 249 8.25 0.03 26.18
C ASP B 249 7.12 -0.25 25.18
N LEU B 250 7.35 -1.22 24.30
CA LEU B 250 6.43 -1.50 23.21
C LEU B 250 5.07 -1.99 23.68
N ARG B 251 5.04 -2.76 24.76
CA ARG B 251 3.79 -3.32 25.24
C ARG B 251 2.91 -2.24 25.87
N LYS B 252 3.50 -1.42 26.74
CA LYS B 252 2.76 -0.34 27.39
C LYS B 252 2.24 0.66 26.37
N LEU B 253 2.99 0.85 25.28
CA LEU B 253 2.55 1.72 24.19
C LEU B 253 1.31 1.15 23.52
N ALA B 254 1.32 -0.16 23.30
CA ALA B 254 0.21 -0.83 22.64
C ALA B 254 -1.05 -0.77 23.49
N VAL B 255 -0.90 -0.92 24.80
CA VAL B 255 -2.02 -0.88 25.72
C VAL B 255 -2.67 0.49 25.73
N ASN B 256 -1.86 1.55 25.62
CA ASN B 256 -2.37 2.91 25.65
C ASN B 256 -2.95 3.37 24.31
N MET B 257 -2.48 2.77 23.22
CA MET B 257 -2.81 3.24 21.88
C MET B 257 -3.84 2.40 21.15
N VAL B 258 -4.01 1.15 21.58
CA VAL B 258 -4.83 0.19 20.84
C VAL B 258 -6.04 -0.27 21.66
N PRO B 259 -7.19 0.40 21.49
CA PRO B 259 -8.41 -0.03 22.19
C PRO B 259 -9.02 -1.30 21.59
N PHE B 260 -8.75 -1.55 20.31
CA PHE B 260 -9.26 -2.73 19.62
C PHE B 260 -8.14 -3.36 18.79
N PRO B 261 -8.04 -4.69 18.77
CA PRO B 261 -6.88 -5.40 18.20
C PRO B 261 -6.50 -4.96 16.78
N ARG B 262 -7.50 -4.81 15.91
CA ARG B 262 -7.24 -4.54 14.49
C ARG B 262 -6.94 -3.07 14.21
N LEU B 263 -7.46 -2.18 15.05
CA LEU B 263 -7.27 -0.75 14.86
C LEU B 263 -5.97 -0.29 15.50
N HIS B 264 -4.84 -0.74 14.94
CA HIS B 264 -3.53 -0.41 15.47
C HIS B 264 -2.64 0.28 14.44
N PHE B 265 -3.28 0.97 13.49
CA PHE B 265 -2.56 1.68 12.44
C PHE B 265 -2.50 3.16 12.78
N PHE B 266 -1.29 3.64 13.03
CA PHE B 266 -1.08 4.96 13.61
C PHE B 266 -0.71 6.01 12.56
N MET B 267 -1.05 7.25 12.86
CA MET B 267 -0.77 8.40 12.00
C MET B 267 0.34 9.25 12.62
N PRO B 268 1.58 9.10 12.14
CA PRO B 268 2.67 9.84 12.78
C PRO B 268 2.73 11.31 12.36
N GLY B 269 3.21 12.16 13.24
CA GLY B 269 3.38 13.57 12.97
C GLY B 269 4.68 14.09 13.56
N PHE B 270 5.21 15.17 12.98
CA PHE B 270 6.48 15.73 13.43
C PHE B 270 6.51 17.24 13.24
N ALA B 271 7.19 17.93 14.15
CA ALA B 271 7.35 19.38 14.06
C ALA B 271 8.60 19.82 14.82
N PRO B 272 9.31 20.83 14.29
CA PRO B 272 9.04 21.54 13.04
C PRO B 272 9.49 20.77 11.81
N LEU B 273 8.78 20.92 10.70
CA LEU B 273 9.18 20.28 9.46
C LEU B 273 10.47 20.90 8.94
N THR B 274 11.45 20.05 8.67
CA THR B 274 12.80 20.48 8.32
C THR B 274 13.23 19.87 6.99
N SER B 275 14.14 20.56 6.30
CA SER B 275 14.77 20.03 5.10
C SER B 275 16.28 20.22 5.19
N ARG B 276 17.02 19.37 4.48
CA ARG B 276 18.48 19.43 4.49
C ARG B 276 18.97 20.76 3.90
N GLN B 280 17.41 26.08 9.37
CA GLN B 280 16.78 27.25 9.96
C GLN B 280 17.14 27.37 11.44
N TYR B 281 17.14 28.61 11.94
CA TYR B 281 17.56 28.89 13.30
C TYR B 281 16.40 29.44 14.13
N ARG B 282 15.19 29.27 13.63
CA ARG B 282 13.99 29.76 14.31
C ARG B 282 13.79 29.07 15.66
N ALA B 283 13.81 29.85 16.73
CA ALA B 283 13.49 29.34 18.05
C ALA B 283 11.99 29.13 18.18
N LEU B 284 11.56 27.87 18.16
CA LEU B 284 10.15 27.54 18.15
C LEU B 284 9.60 27.41 19.57
N THR B 285 8.51 28.11 19.84
CA THR B 285 7.89 28.11 21.15
C THR B 285 7.02 26.87 21.35
N VAL B 286 6.69 26.57 22.59
CA VAL B 286 5.87 25.40 22.92
C VAL B 286 4.47 25.50 22.27
N PRO B 287 3.84 26.69 22.31
CA PRO B 287 2.57 26.83 21.59
C PRO B 287 2.69 26.55 20.10
N GLU B 288 3.84 26.89 19.51
CA GLU B 288 4.06 26.67 18.09
C GLU B 288 4.27 25.19 17.79
N LEU B 289 4.99 24.50 18.65
CA LEU B 289 5.18 23.06 18.52
C LEU B 289 3.85 22.33 18.60
N THR B 290 3.02 22.72 19.56
CA THR B 290 1.74 22.08 19.80
C THR B 290 0.79 22.27 18.63
N GLN B 291 0.76 23.47 18.08
CA GLN B 291 -0.11 23.77 16.94
C GLN B 291 0.34 23.03 15.69
N GLN B 292 1.64 22.95 15.46
CA GLN B 292 2.18 22.36 14.25
C GLN B 292 2.10 20.84 14.24
N MET B 293 2.40 20.21 15.38
CA MET B 293 2.41 18.76 15.47
C MET B 293 1.01 18.19 15.23
N PHE B 294 -0.01 18.98 15.56
CA PHE B 294 -1.40 18.58 15.36
C PHE B 294 -1.90 19.01 13.97
N ASP B 295 -1.09 19.79 13.26
CA ASP B 295 -1.47 20.29 11.94
C ASP B 295 -1.45 19.14 10.93
N SER B 296 -2.49 19.06 10.11
CA SER B 296 -2.59 18.01 9.09
C SER B 296 -1.42 18.05 8.13
N LYS B 297 -0.86 19.24 7.92
CA LYS B 297 0.27 19.42 7.01
C LYS B 297 1.57 18.85 7.59
N ASN B 298 1.51 18.40 8.84
CA ASN B 298 2.65 17.76 9.49
C ASN B 298 2.46 16.26 9.66
N MET B 299 1.35 15.74 9.15
CA MET B 299 1.04 14.32 9.26
C MET B 299 1.73 13.54 8.15
N MET B 300 2.26 12.36 8.50
CA MET B 300 2.98 11.53 7.55
C MET B 300 2.05 10.57 6.81
N ALA B 301 0.76 10.63 7.12
CA ALA B 301 -0.26 9.87 6.40
C ALA B 301 -1.26 10.85 5.81
N ALA B 302 -1.43 10.78 4.49
CA ALA B 302 -2.29 11.73 3.78
C ALA B 302 -3.76 11.56 4.15
N CYS B 303 -4.08 11.90 5.40
CA CYS B 303 -5.45 11.84 5.89
C CYS B 303 -5.79 13.12 6.64
N ASP B 304 -7.01 13.62 6.45
CA ASP B 304 -7.47 14.80 7.17
C ASP B 304 -7.96 14.39 8.56
N PRO B 305 -7.29 14.87 9.62
CA PRO B 305 -7.73 14.48 10.96
C PRO B 305 -9.14 14.95 11.30
N ARG B 306 -9.60 16.00 10.60
CA ARG B 306 -10.92 16.56 10.85
C ARG B 306 -12.03 15.74 10.21
N HIS B 307 -11.65 14.73 9.42
CA HIS B 307 -12.62 13.84 8.79
C HIS B 307 -12.90 12.62 9.67
N GLY B 308 -12.23 12.56 10.81
CA GLY B 308 -12.42 11.46 11.75
C GLY B 308 -12.30 11.92 13.20
N ARG B 309 -12.08 10.98 14.10
CA ARG B 309 -11.92 11.28 15.52
C ARG B 309 -10.72 10.51 16.09
N TYR B 310 -10.04 11.12 17.04
CA TYR B 310 -8.91 10.48 17.70
C TYR B 310 -9.36 9.51 18.78
N LEU B 311 -9.03 8.23 18.60
CA LEU B 311 -9.26 7.22 19.62
C LEU B 311 -8.24 7.41 20.74
N THR B 312 -6.98 7.53 20.35
CA THR B 312 -5.87 7.72 21.28
C THR B 312 -4.80 8.58 20.65
N VAL B 313 -4.00 9.24 21.49
CA VAL B 313 -2.91 10.08 21.02
C VAL B 313 -1.72 10.00 21.96
N ALA B 314 -0.51 9.98 21.39
CA ALA B 314 0.72 10.01 22.16
C ALA B 314 1.63 11.11 21.64
N ALA B 315 1.86 12.12 22.47
CA ALA B 315 2.70 13.26 22.11
C ALA B 315 4.04 13.17 22.82
N ILE B 316 5.10 13.57 22.13
CA ILE B 316 6.45 13.54 22.69
C ILE B 316 7.21 14.82 22.36
N PHE B 317 7.44 15.63 23.39
CA PHE B 317 8.20 16.88 23.24
C PHE B 317 9.67 16.63 23.57
N ARG B 318 10.57 17.14 22.73
CA ARG B 318 12.00 16.97 22.94
C ARG B 318 12.69 18.33 23.05
N GLY B 319 13.61 18.43 24.01
CA GLY B 319 14.38 19.63 24.24
C GLY B 319 14.11 20.23 25.60
N ARG B 320 14.84 21.30 25.92
CA ARG B 320 14.64 22.00 27.19
C ARG B 320 13.53 23.03 27.05
N MET B 321 12.43 22.81 27.78
CA MET B 321 11.27 23.69 27.72
C MET B 321 10.49 23.61 29.02
N SER B 322 9.47 24.46 29.14
CA SER B 322 8.67 24.52 30.35
C SER B 322 7.68 23.36 30.41
N MET B 323 7.84 22.49 31.39
CA MET B 323 6.93 21.37 31.60
C MET B 323 5.51 21.88 31.82
N LYS B 324 5.41 23.00 32.53
CA LYS B 324 4.13 23.64 32.81
C LYS B 324 3.46 24.10 31.52
N GLU B 325 4.23 24.74 30.66
CA GLU B 325 3.70 25.27 29.40
C GLU B 325 3.27 24.14 28.46
N VAL B 326 4.04 23.06 28.44
CA VAL B 326 3.69 21.90 27.64
C VAL B 326 2.33 21.35 28.07
N ASP B 327 2.13 21.19 29.37
CA ASP B 327 0.86 20.70 29.89
C ASP B 327 -0.28 21.64 29.53
N GLU B 328 -0.06 22.93 29.66
CA GLU B 328 -1.07 23.93 29.36
C GLU B 328 -1.50 23.87 27.90
N GLN B 329 -0.54 23.77 27.00
CA GLN B 329 -0.82 23.75 25.57
C GLN B 329 -1.51 22.47 25.13
N MET B 330 -1.12 21.34 25.72
CA MET B 330 -1.73 20.06 25.39
C MET B 330 -3.18 20.00 25.87
N LEU B 331 -3.46 20.68 26.97
CA LEU B 331 -4.82 20.79 27.47
C LEU B 331 -5.62 21.79 26.64
N ASN B 332 -4.91 22.76 26.06
CA ASN B 332 -5.56 23.79 25.26
C ASN B 332 -6.12 23.24 23.95
N VAL B 333 -5.34 22.39 23.28
CA VAL B 333 -5.78 21.79 22.01
C VAL B 333 -6.94 20.84 22.23
N GLN B 334 -6.92 20.09 23.32
CA GLN B 334 -7.99 19.16 23.64
C GLN B 334 -9.29 19.90 23.94
N ASN B 335 -9.21 20.92 24.78
CA ASN B 335 -10.39 21.66 25.21
C ASN B 335 -11.01 22.50 24.09
N LYS B 336 -10.19 22.94 23.15
CA LYS B 336 -10.66 23.78 22.05
C LYS B 336 -11.03 22.97 20.81
N ASN B 337 -10.74 21.68 20.83
CA ASN B 337 -11.13 20.77 19.76
C ASN B 337 -11.58 19.44 20.34
N SER B 338 -12.40 19.52 21.39
CA SER B 338 -12.85 18.34 22.11
C SER B 338 -13.71 17.42 21.25
N SER B 339 -14.35 17.99 20.24
CA SER B 339 -15.23 17.23 19.36
C SER B 339 -14.48 16.18 18.55
N TYR B 340 -13.16 16.34 18.41
CA TYR B 340 -12.35 15.45 17.58
C TYR B 340 -11.70 14.32 18.39
N PHE B 341 -11.91 14.33 19.69
CA PHE B 341 -11.48 13.24 20.57
C PHE B 341 -12.70 12.53 21.11
N VAL B 342 -12.76 11.21 20.92
CA VAL B 342 -13.90 10.42 21.36
C VAL B 342 -14.10 10.57 22.86
N GLU B 343 -15.37 10.68 23.28
CA GLU B 343 -15.70 10.94 24.67
C GLU B 343 -15.75 9.66 25.50
N TRP B 344 -15.79 8.52 24.81
CA TRP B 344 -15.92 7.23 25.52
C TRP B 344 -14.56 6.61 25.85
N ILE B 345 -13.48 7.35 25.55
CA ILE B 345 -12.16 7.01 26.06
C ILE B 345 -11.59 8.25 26.77
N PRO B 346 -11.89 8.39 28.07
CA PRO B 346 -11.46 9.56 28.84
C PRO B 346 -9.94 9.72 28.89
N ASN B 347 -9.46 10.96 28.73
CA ASN B 347 -8.04 11.26 28.85
C ASN B 347 -7.19 10.41 27.90
N ASN B 348 -7.59 10.39 26.62
CA ASN B 348 -6.94 9.53 25.64
C ASN B 348 -5.69 10.15 25.02
N VAL B 349 -5.25 11.29 25.57
CA VAL B 349 -4.04 11.95 25.10
C VAL B 349 -2.98 11.95 26.20
N LYS B 350 -1.92 11.16 25.99
CA LYS B 350 -0.81 11.10 26.93
C LYS B 350 0.40 11.82 26.34
N THR B 351 1.15 12.49 27.21
CA THR B 351 2.27 13.33 26.78
C THR B 351 3.55 12.97 27.52
N ALA B 352 4.66 13.00 26.80
CA ALA B 352 5.99 12.74 27.37
C ALA B 352 6.94 13.86 27.00
N VAL B 353 8.01 14.01 27.79
CA VAL B 353 9.02 15.02 27.53
C VAL B 353 10.42 14.46 27.76
N CYS B 354 11.33 14.77 26.84
CA CYS B 354 12.71 14.31 26.91
C CYS B 354 13.65 15.50 26.77
N ASP B 355 14.64 15.59 27.67
CA ASP B 355 15.52 16.75 27.71
C ASP B 355 16.51 16.80 26.54
N ILE B 356 16.62 15.70 25.81
CA ILE B 356 17.54 15.61 24.67
C ILE B 356 16.78 15.84 23.35
N PRO B 357 17.09 16.94 22.64
CA PRO B 357 16.47 17.15 21.33
C PRO B 357 17.21 16.43 20.22
N PRO B 358 16.58 16.28 19.05
CA PRO B 358 17.28 15.69 17.89
C PRO B 358 18.37 16.62 17.38
N ARG B 359 19.19 16.12 16.45
CA ARG B 359 20.27 16.93 15.88
C ARG B 359 19.70 18.10 15.09
N GLY B 360 20.30 19.27 15.29
CA GLY B 360 19.96 20.46 14.52
C GLY B 360 18.90 21.34 15.15
N LEU B 361 18.11 20.78 16.05
CA LEU B 361 16.97 21.49 16.64
C LEU B 361 17.14 21.70 18.14
N LYS B 362 16.62 22.82 18.62
CA LYS B 362 16.57 23.10 20.05
C LYS B 362 15.35 22.44 20.68
N MET B 363 14.26 22.47 19.94
CA MET B 363 12.99 21.91 20.40
C MET B 363 12.24 21.25 19.26
N SER B 364 11.67 20.08 19.53
CA SER B 364 10.88 19.35 18.54
C SER B 364 9.73 18.62 19.22
N ALA B 365 8.75 18.22 18.43
CA ALA B 365 7.59 17.50 18.93
C ALA B 365 7.16 16.42 17.95
N THR B 366 6.93 15.21 18.47
CA THR B 366 6.48 14.09 17.64
C THR B 366 5.07 13.69 18.05
N PHE B 367 4.23 13.45 17.04
CA PHE B 367 2.82 13.12 17.24
C PHE B 367 2.51 11.71 16.76
N ILE B 368 1.83 10.94 17.62
CA ILE B 368 1.38 9.60 17.27
C ILE B 368 -0.11 9.49 17.58
N GLY B 369 -0.91 9.42 16.52
CA GLY B 369 -2.36 9.43 16.66
C GLY B 369 -3.06 8.22 16.04
N ASN B 370 -3.95 7.62 16.81
CA ASN B 370 -4.83 6.57 16.31
C ASN B 370 -6.18 7.16 15.91
N SER B 371 -6.23 7.75 14.72
CA SER B 371 -7.43 8.40 14.23
C SER B 371 -8.22 7.49 13.31
N THR B 372 -9.54 7.64 13.31
CA THR B 372 -10.40 6.89 12.42
C THR B 372 -10.28 7.43 11.00
N ALA B 373 -9.64 8.59 10.85
CA ALA B 373 -9.42 9.20 9.55
C ALA B 373 -8.41 8.42 8.72
N ILE B 374 -7.71 7.49 9.37
CA ILE B 374 -6.75 6.63 8.69
C ILE B 374 -7.45 5.78 7.63
N GLN B 375 -8.76 5.64 7.74
CA GLN B 375 -9.54 4.86 6.78
C GLN B 375 -9.42 5.44 5.38
N GLU B 376 -9.21 6.76 5.30
CA GLU B 376 -9.05 7.42 4.01
C GLU B 376 -7.85 6.86 3.27
N LEU B 377 -6.86 6.39 4.03
CA LEU B 377 -5.66 5.79 3.45
C LEU B 377 -5.99 4.44 2.82
N PHE B 378 -6.73 3.62 3.55
CA PHE B 378 -7.07 2.28 3.08
C PHE B 378 -8.14 2.33 1.99
N LYS B 379 -9.02 3.34 2.07
CA LYS B 379 -10.00 3.56 1.02
C LYS B 379 -9.30 3.86 -0.31
N ARG B 380 -8.25 4.66 -0.23
CA ARG B 380 -7.49 5.07 -1.41
C ARG B 380 -6.87 3.85 -2.10
N ILE B 381 -6.23 3.00 -1.32
CA ILE B 381 -5.61 1.79 -1.84
C ILE B 381 -6.67 0.85 -2.41
N SER B 382 -7.83 0.79 -1.76
CA SER B 382 -8.91 -0.11 -2.17
C SER B 382 -9.46 0.28 -3.53
N GLU B 383 -9.54 1.58 -3.80
CA GLU B 383 -10.04 2.07 -5.06
C GLU B 383 -9.06 1.79 -6.19
N GLN B 384 -7.77 1.99 -5.93
CA GLN B 384 -6.72 1.69 -6.89
C GLN B 384 -6.66 0.19 -7.15
N PHE B 385 -6.90 -0.59 -6.10
CA PHE B 385 -6.94 -2.05 -6.19
C PHE B 385 -8.08 -2.51 -7.09
N THR B 386 -9.29 -2.06 -6.75
CA THR B 386 -10.50 -2.47 -7.46
C THR B 386 -10.48 -2.05 -8.93
N ALA B 387 -9.87 -0.90 -9.20
CA ALA B 387 -9.82 -0.37 -10.56
C ALA B 387 -9.16 -1.35 -11.52
N MET B 388 -8.16 -2.09 -11.04
CA MET B 388 -7.47 -3.09 -11.83
C MET B 388 -8.09 -4.47 -11.68
N PHE B 389 -8.48 -4.81 -10.45
CA PHE B 389 -8.89 -6.16 -10.13
C PHE B 389 -10.24 -6.54 -10.76
N ARG B 390 -11.07 -5.53 -11.03
CA ARG B 390 -12.36 -5.76 -11.66
C ARG B 390 -12.16 -6.28 -13.08
N ARG B 391 -11.02 -5.95 -13.68
CA ARG B 391 -10.66 -6.43 -15.01
C ARG B 391 -9.56 -7.48 -14.93
N LYS B 392 -9.19 -7.86 -13.71
CA LYS B 392 -8.17 -8.88 -13.47
C LYS B 392 -6.84 -8.51 -14.14
N ALA B 393 -6.56 -7.21 -14.23
CA ALA B 393 -5.36 -6.74 -14.91
C ALA B 393 -4.10 -7.03 -14.10
N PHE B 394 -3.04 -7.40 -14.80
CA PHE B 394 -1.73 -7.64 -14.20
C PHE B 394 -1.74 -8.76 -13.18
N LEU B 395 -2.78 -9.60 -13.19
CA LEU B 395 -2.86 -10.71 -12.24
C LEU B 395 -1.94 -11.87 -12.62
N HIS B 396 -1.62 -11.99 -13.91
CA HIS B 396 -0.82 -13.10 -14.40
C HIS B 396 0.56 -13.14 -13.75
N TRP B 397 1.02 -11.99 -13.27
CA TRP B 397 2.28 -11.92 -12.53
C TRP B 397 2.19 -12.73 -11.24
N TYR B 398 0.99 -12.81 -10.69
CA TYR B 398 0.79 -13.45 -9.39
C TYR B 398 0.34 -14.90 -9.53
N THR B 399 -0.56 -15.15 -10.48
CA THR B 399 -1.04 -16.51 -10.72
C THR B 399 0.08 -17.38 -11.26
N GLY B 400 1.08 -16.76 -11.86
CA GLY B 400 2.25 -17.47 -12.34
C GLY B 400 3.11 -17.98 -11.18
N GLU B 401 2.92 -17.39 -10.01
CA GLU B 401 3.66 -17.79 -8.82
C GLU B 401 2.82 -18.69 -7.91
N GLY B 402 1.63 -19.08 -8.38
CA GLY B 402 0.80 -20.06 -7.70
C GLY B 402 -0.41 -19.50 -6.97
N MET B 403 -0.58 -18.18 -6.99
CA MET B 403 -1.70 -17.55 -6.29
C MET B 403 -2.99 -17.69 -7.08
N ASP B 404 -4.10 -17.84 -6.36
CA ASP B 404 -5.43 -17.87 -6.97
C ASP B 404 -6.11 -16.52 -6.79
N GLU B 405 -7.07 -16.22 -7.66
CA GLU B 405 -7.81 -14.96 -7.58
C GLU B 405 -8.57 -14.84 -6.27
N MET B 406 -8.94 -15.98 -5.70
CA MET B 406 -9.70 -16.02 -4.45
C MET B 406 -8.93 -15.31 -3.32
N GLU B 407 -7.62 -15.45 -3.32
CA GLU B 407 -6.81 -14.86 -2.26
C GLU B 407 -6.77 -13.35 -2.36
N PHE B 408 -6.92 -12.82 -3.57
CA PHE B 408 -7.02 -11.38 -3.78
C PHE B 408 -8.36 -10.86 -3.28
N THR B 409 -9.41 -11.61 -3.59
CA THR B 409 -10.76 -11.27 -3.16
C THR B 409 -10.85 -11.19 -1.64
N GLU B 410 -10.27 -12.17 -0.96
CA GLU B 410 -10.28 -12.20 0.49
C GLU B 410 -9.55 -10.99 1.06
N ALA B 411 -8.33 -10.75 0.57
CA ALA B 411 -7.52 -9.63 1.04
C ALA B 411 -8.24 -8.30 0.86
N GLU B 412 -8.99 -8.17 -0.23
CA GLU B 412 -9.78 -6.97 -0.48
C GLU B 412 -10.87 -6.81 0.57
N SER B 413 -11.62 -7.88 0.79
CA SER B 413 -12.74 -7.86 1.72
C SER B 413 -12.32 -7.52 3.14
N ASN B 414 -11.16 -8.02 3.55
CA ASN B 414 -10.67 -7.79 4.90
CA ASN B 414 -10.67 -7.79 4.90
C ASN B 414 -10.24 -6.34 5.13
N MET B 415 -9.74 -5.70 4.08
CA MET B 415 -9.33 -4.31 4.18
C MET B 415 -10.55 -3.40 4.13
N ASN B 416 -11.57 -3.80 3.38
CA ASN B 416 -12.83 -3.07 3.36
C ASN B 416 -13.53 -3.19 4.71
N ASP B 417 -13.33 -4.32 5.38
CA ASP B 417 -13.85 -4.51 6.73
C ASP B 417 -13.16 -3.55 7.69
N LEU B 418 -11.85 -3.40 7.53
CA LEU B 418 -11.05 -2.50 8.37
C LEU B 418 -11.58 -1.07 8.24
N VAL B 419 -11.94 -0.68 7.03
CA VAL B 419 -12.50 0.64 6.77
C VAL B 419 -13.83 0.80 7.50
N SER B 420 -14.66 -0.24 7.43
CA SER B 420 -15.97 -0.21 8.08
C SER B 420 -15.85 -0.15 9.59
N GLU B 421 -14.83 -0.82 10.13
N GLU B 421 -14.83 -0.84 10.12
CA GLU B 421 -14.63 -0.82 11.58
CA GLU B 421 -14.57 -0.85 11.55
C GLU B 421 -14.20 0.54 12.10
C GLU B 421 -14.23 0.55 12.07
N TYR B 422 -13.45 1.28 11.28
CA TYR B 422 -13.06 2.64 11.65
C TYR B 422 -14.28 3.57 11.60
N GLN B 423 -15.13 3.36 10.61
CA GLN B 423 -16.34 4.17 10.44
C GLN B 423 -17.31 3.90 11.57
N GLN B 424 -17.30 2.68 12.09
CA GLN B 424 -18.16 2.30 13.21
C GLN B 424 -17.87 3.14 14.45
N TYR B 425 -16.58 3.31 14.75
CA TYR B 425 -16.16 4.02 15.96
C TYR B 425 -16.04 5.51 15.73
N GLN B 426 -16.21 5.96 14.48
CA GLN B 426 -16.23 7.37 14.16
C GLN B 426 -17.61 7.95 14.42
N ASP B 427 -18.62 7.08 14.45
CA ASP B 427 -20.00 7.48 14.67
C ASP B 427 -20.52 7.05 16.05
N ALA B 428 -19.71 6.28 16.76
CA ALA B 428 -20.12 5.76 18.07
C ALA B 428 -20.21 6.89 19.08
N MET C 1 24.01 -9.33 -10.76
CA MET C 1 24.26 -9.27 -12.22
C MET C 1 23.68 -10.50 -12.91
N ARG C 2 22.63 -10.29 -13.69
CA ARG C 2 21.92 -11.39 -14.36
C ARG C 2 22.23 -11.36 -15.86
N GLU C 3 22.83 -12.44 -16.35
CA GLU C 3 23.25 -12.51 -17.74
C GLU C 3 22.07 -12.56 -18.70
N CYS C 4 22.33 -12.16 -19.94
CA CYS C 4 21.31 -12.15 -20.99
CA CYS C 4 21.31 -12.17 -20.99
C CYS C 4 21.89 -12.66 -22.30
N ILE C 5 21.34 -13.75 -22.81
CA ILE C 5 21.81 -14.37 -24.05
C ILE C 5 20.99 -13.92 -25.25
N SER C 6 21.66 -13.32 -26.23
CA SER C 6 21.00 -12.90 -27.45
C SER C 6 21.06 -14.01 -28.51
N ILE C 7 19.98 -14.16 -29.27
CA ILE C 7 19.95 -15.14 -30.35
C ILE C 7 19.48 -14.45 -31.63
N HIS C 8 20.32 -14.52 -32.66
CA HIS C 8 20.05 -13.84 -33.93
C HIS C 8 19.77 -14.86 -35.03
N VAL C 9 18.55 -14.83 -35.54
CA VAL C 9 18.05 -15.85 -36.47
C VAL C 9 17.75 -15.25 -37.85
N GLY C 10 18.29 -15.89 -38.88
CA GLY C 10 18.04 -15.48 -40.25
C GLY C 10 18.87 -14.27 -40.63
N GLN C 11 18.71 -13.80 -41.87
CA GLN C 11 19.49 -12.68 -42.37
C GLN C 11 19.26 -11.43 -41.55
N ALA C 12 17.99 -11.03 -41.41
CA ALA C 12 17.63 -9.83 -40.68
C ALA C 12 18.16 -9.86 -39.25
N GLY C 13 17.97 -10.99 -38.58
CA GLY C 13 18.43 -11.16 -37.21
C GLY C 13 19.94 -10.99 -37.10
N VAL C 14 20.67 -11.67 -37.98
CA VAL C 14 22.13 -11.63 -37.97
C VAL C 14 22.65 -10.22 -38.25
N GLN C 15 22.17 -9.60 -39.32
CA GLN C 15 22.67 -8.30 -39.75
C GLN C 15 22.31 -7.20 -38.75
N ILE C 16 21.18 -7.34 -38.07
CA ILE C 16 20.80 -6.42 -37.01
C ILE C 16 21.68 -6.67 -35.80
N GLY C 17 22.03 -7.93 -35.58
CA GLY C 17 22.95 -8.30 -34.52
C GLY C 17 24.32 -7.68 -34.74
N ASN C 18 24.74 -7.58 -36.00
CA ASN C 18 26.00 -6.95 -36.34
C ASN C 18 26.02 -5.49 -35.93
N ALA C 19 24.93 -4.78 -36.24
CA ALA C 19 24.81 -3.37 -35.92
C ALA C 19 24.73 -3.15 -34.41
N CYS C 20 24.01 -4.04 -33.73
CA CYS C 20 23.83 -3.94 -32.29
C CYS C 20 25.13 -4.17 -31.53
N TRP C 21 25.81 -5.27 -31.84
CA TRP C 21 27.03 -5.63 -31.13
C TRP C 21 28.18 -4.70 -31.47
N GLU C 22 28.17 -4.16 -32.68
CA GLU C 22 29.14 -3.13 -33.04
C GLU C 22 28.91 -1.90 -32.19
N LEU C 23 27.65 -1.58 -31.97
CA LEU C 23 27.27 -0.41 -31.19
C LEU C 23 27.57 -0.61 -29.70
N TYR C 24 27.26 -1.79 -29.18
CA TYR C 24 27.54 -2.11 -27.78
C TYR C 24 29.02 -1.93 -27.47
N CYS C 25 29.87 -2.40 -28.39
CA CYS C 25 31.31 -2.30 -28.22
C CYS C 25 31.77 -0.85 -28.09
N LEU C 26 31.27 -0.01 -28.98
CA LEU C 26 31.61 1.41 -28.97
C LEU C 26 31.11 2.09 -27.70
N GLU C 27 29.96 1.64 -27.21
CA GLU C 27 29.37 2.21 -26.01
C GLU C 27 30.18 1.84 -24.76
N HIS C 28 30.76 0.64 -24.76
CA HIS C 28 31.47 0.11 -23.61
C HIS C 28 32.98 0.23 -23.74
N GLY C 29 33.45 0.75 -24.87
CA GLY C 29 34.88 0.93 -25.10
C GLY C 29 35.58 -0.38 -25.39
N ILE C 30 34.86 -1.32 -26.00
CA ILE C 30 35.42 -2.61 -26.38
C ILE C 30 35.95 -2.53 -27.81
N GLN C 31 37.16 -3.03 -28.01
CA GLN C 31 37.79 -3.00 -29.33
C GLN C 31 37.40 -4.22 -30.15
N PRO C 32 37.58 -4.16 -31.48
CA PRO C 32 37.18 -5.27 -32.35
C PRO C 32 37.84 -6.62 -32.01
N ASP C 33 38.97 -6.59 -31.30
CA ASP C 33 39.64 -7.81 -30.88
C ASP C 33 39.12 -8.27 -29.52
N GLY C 34 38.18 -7.52 -28.97
CA GLY C 34 37.52 -7.89 -27.72
C GLY C 34 38.20 -7.35 -26.47
N GLN C 35 39.26 -6.57 -26.65
CA GLN C 35 39.97 -5.99 -25.53
C GLN C 35 39.27 -4.74 -25.01
N MET C 36 39.23 -4.60 -23.69
CA MET C 36 38.59 -3.46 -23.04
C MET C 36 39.51 -2.88 -21.97
N PRO C 37 40.32 -1.88 -22.36
CA PRO C 37 41.33 -1.28 -21.47
C PRO C 37 40.78 -0.81 -20.13
N SER C 38 39.59 -0.24 -20.12
CA SER C 38 39.03 0.33 -18.90
C SER C 38 38.65 -0.74 -17.88
N ASP C 39 38.45 -1.97 -18.34
CA ASP C 39 38.10 -3.06 -17.45
C ASP C 39 39.35 -3.62 -16.77
N LYS C 40 39.50 -3.34 -15.49
CA LYS C 40 40.70 -3.71 -14.75
C LYS C 40 40.63 -5.14 -14.21
N THR C 41 39.41 -5.65 -14.06
CA THR C 41 39.20 -7.03 -13.61
C THR C 41 39.32 -7.98 -14.79
N ILE C 42 40.44 -8.71 -14.84
CA ILE C 42 40.74 -9.60 -15.95
C ILE C 42 40.13 -10.99 -15.72
N GLY C 43 39.56 -11.56 -16.79
CA GLY C 43 39.05 -12.92 -16.75
C GLY C 43 37.59 -13.02 -16.38
N GLY C 44 37.06 -11.99 -15.73
CA GLY C 44 35.67 -12.00 -15.31
C GLY C 44 35.27 -10.74 -14.56
N GLY C 45 34.09 -10.77 -13.96
CA GLY C 45 33.59 -9.63 -13.21
C GLY C 45 32.08 -9.65 -13.12
N ASP C 46 31.53 -8.73 -12.33
CA ASP C 46 30.09 -8.63 -12.14
C ASP C 46 29.58 -7.23 -12.50
N ASP C 47 30.33 -6.53 -13.34
CA ASP C 47 29.94 -5.19 -13.78
C ASP C 47 28.67 -5.27 -14.63
N SER C 48 28.08 -4.12 -14.91
CA SER C 48 26.81 -4.06 -15.63
C SER C 48 26.93 -4.58 -17.06
N PHE C 49 28.05 -4.29 -17.72
CA PHE C 49 28.24 -4.70 -19.11
C PHE C 49 28.42 -6.20 -19.23
N ASN C 50 28.71 -6.87 -18.11
CA ASN C 50 28.92 -8.32 -18.14
C ASN C 50 27.63 -9.10 -18.33
N THR C 51 26.50 -8.41 -18.32
CA THR C 51 25.22 -9.05 -18.61
C THR C 51 25.14 -9.47 -20.06
N PHE C 52 25.92 -8.78 -20.91
CA PHE C 52 25.96 -9.05 -22.34
C PHE C 52 27.32 -9.57 -22.80
N PHE C 53 28.34 -9.42 -21.96
CA PHE C 53 29.69 -9.85 -22.30
C PHE C 53 30.32 -10.75 -21.23
N SER C 54 30.75 -11.94 -21.64
CA SER C 54 31.59 -12.77 -20.78
C SER C 54 33.04 -12.32 -20.97
N GLU C 55 33.94 -12.87 -20.17
CA GLU C 55 35.35 -12.50 -20.24
C GLU C 55 36.26 -13.71 -20.19
N THR C 56 37.28 -13.71 -21.06
CA THR C 56 38.31 -14.74 -21.05
C THR C 56 39.51 -14.26 -20.28
N GLY C 57 40.35 -15.19 -19.84
CA GLY C 57 41.55 -14.85 -19.10
C GLY C 57 42.50 -13.99 -19.91
N ALA C 58 42.42 -14.10 -21.23
CA ALA C 58 43.27 -13.34 -22.12
C ALA C 58 42.80 -11.89 -22.26
N GLY C 59 41.70 -11.55 -21.61
CA GLY C 59 41.19 -10.20 -21.59
C GLY C 59 40.16 -9.89 -22.66
N LYS C 60 39.76 -10.91 -23.41
CA LYS C 60 38.75 -10.73 -24.45
C LYS C 60 37.36 -10.66 -23.84
N HIS C 61 36.54 -9.74 -24.34
CA HIS C 61 35.14 -9.64 -23.93
C HIS C 61 34.25 -10.19 -25.04
N VAL C 62 33.67 -11.37 -24.79
CA VAL C 62 32.93 -12.10 -25.80
C VAL C 62 31.43 -11.91 -25.63
N PRO C 63 30.73 -11.49 -26.70
CA PRO C 63 29.26 -11.38 -26.64
C PRO C 63 28.57 -12.67 -26.24
N ARG C 64 27.68 -12.59 -25.26
CA ARG C 64 26.84 -13.73 -24.91
C ARG C 64 25.76 -13.88 -25.96
N ALA C 65 26.16 -14.32 -27.15
CA ALA C 65 25.26 -14.35 -28.29
C ALA C 65 25.47 -15.56 -29.19
N VAL C 66 24.45 -15.90 -29.96
CA VAL C 66 24.52 -16.95 -30.97
C VAL C 66 23.90 -16.45 -32.26
N PHE C 67 24.61 -16.63 -33.36
CA PHE C 67 24.13 -16.29 -34.68
C PHE C 67 23.76 -17.57 -35.43
N VAL C 68 22.52 -17.65 -35.90
CA VAL C 68 22.03 -18.85 -36.56
C VAL C 68 21.37 -18.51 -37.89
N ASP C 69 21.75 -19.23 -38.93
CA ASP C 69 21.11 -19.11 -40.23
C ASP C 69 21.19 -20.45 -40.95
N LEU C 70 20.24 -20.72 -41.82
CA LEU C 70 20.19 -22.01 -42.51
C LEU C 70 21.04 -21.97 -43.79
N GLU C 71 21.61 -20.81 -44.10
CA GLU C 71 22.58 -20.70 -45.18
C GLU C 71 23.75 -19.86 -44.68
N PRO C 72 24.94 -20.00 -45.31
CA PRO C 72 26.17 -19.50 -44.70
C PRO C 72 26.61 -18.09 -45.11
N THR C 73 26.10 -17.55 -46.21
CA THR C 73 26.69 -16.34 -46.81
C THR C 73 26.63 -15.11 -45.91
N VAL C 74 25.57 -14.97 -45.14
CA VAL C 74 25.39 -13.79 -44.29
C VAL C 74 26.29 -13.87 -43.06
N ILE C 75 26.37 -15.06 -42.45
CA ILE C 75 27.20 -15.26 -41.26
C ILE C 75 28.67 -15.39 -41.65
N ASP C 76 28.93 -15.81 -42.88
CA ASP C 76 30.29 -15.87 -43.39
C ASP C 76 30.94 -14.48 -43.35
N GLU C 77 30.14 -13.45 -43.58
CA GLU C 77 30.64 -12.08 -43.57
C GLU C 77 30.99 -11.63 -42.15
N VAL C 78 30.41 -12.29 -41.16
CA VAL C 78 30.76 -12.05 -39.76
C VAL C 78 32.07 -12.76 -39.45
N ARG C 79 32.21 -13.97 -39.99
CA ARG C 79 33.41 -14.77 -39.78
C ARG C 79 34.65 -14.12 -40.37
N THR C 80 34.46 -13.25 -41.37
CA THR C 80 35.57 -12.58 -42.03
C THR C 80 35.45 -11.07 -41.93
N GLY C 81 34.53 -10.60 -41.10
CA GLY C 81 34.26 -9.18 -40.98
C GLY C 81 35.17 -8.46 -40.00
N THR C 82 34.84 -7.22 -39.70
CA THR C 82 35.62 -6.39 -38.80
C THR C 82 35.69 -6.99 -37.40
N TYR C 83 34.57 -7.54 -36.95
CA TYR C 83 34.46 -8.08 -35.60
C TYR C 83 34.46 -9.61 -35.60
N ARG C 84 35.31 -10.19 -36.44
CA ARG C 84 35.44 -11.63 -36.53
C ARG C 84 36.12 -12.21 -35.29
N GLN C 85 36.99 -11.42 -34.68
CA GLN C 85 37.71 -11.85 -33.48
C GLN C 85 36.81 -11.81 -32.25
N LEU C 86 35.69 -11.10 -32.36
CA LEU C 86 34.80 -10.89 -31.22
C LEU C 86 34.09 -12.17 -30.80
N PHE C 87 33.83 -13.04 -31.77
CA PHE C 87 33.03 -14.25 -31.54
C PHE C 87 33.86 -15.52 -31.62
N HIS C 88 33.55 -16.47 -30.74
CA HIS C 88 34.08 -17.82 -30.84
C HIS C 88 33.37 -18.50 -32.02
N PRO C 89 34.13 -19.25 -32.86
CA PRO C 89 33.53 -19.82 -34.08
C PRO C 89 32.28 -20.65 -33.83
N GLU C 90 32.14 -21.20 -32.63
CA GLU C 90 30.99 -22.05 -32.30
C GLU C 90 29.74 -21.23 -32.02
N GLN C 91 29.91 -19.93 -31.80
CA GLN C 91 28.77 -19.03 -31.63
C GLN C 91 28.11 -18.73 -32.97
N LEU C 92 28.86 -18.93 -34.05
CA LEU C 92 28.38 -18.67 -35.39
C LEU C 92 28.01 -19.98 -36.07
N ILE C 93 26.72 -20.21 -36.23
CA ILE C 93 26.20 -21.48 -36.73
C ILE C 93 25.53 -21.29 -38.09
N THR C 94 25.84 -22.19 -39.02
CA THR C 94 25.30 -22.11 -40.38
C THR C 94 24.98 -23.47 -40.97
N GLY C 95 24.00 -23.49 -41.87
CA GLY C 95 23.67 -24.67 -42.66
C GLY C 95 24.16 -24.50 -44.08
N LYS C 96 23.56 -25.24 -45.01
CA LYS C 96 23.94 -25.17 -46.42
C LYS C 96 22.78 -24.72 -47.30
N GLU C 97 21.56 -25.00 -46.86
CA GLU C 97 20.35 -24.72 -47.64
C GLU C 97 19.35 -23.94 -46.79
N ASP C 98 18.91 -22.79 -47.29
CA ASP C 98 18.00 -21.94 -46.51
C ASP C 98 16.56 -22.43 -46.62
N ALA C 99 15.64 -21.68 -46.03
CA ALA C 99 14.24 -22.09 -45.95
C ALA C 99 13.40 -21.60 -47.14
N ALA C 100 14.05 -20.91 -48.07
CA ALA C 100 13.39 -20.45 -49.29
C ALA C 100 12.12 -19.66 -49.02
N ASN C 101 12.18 -18.79 -48.01
CA ASN C 101 11.03 -17.97 -47.62
C ASN C 101 9.79 -18.81 -47.34
N ASN C 102 10.02 -19.98 -46.75
CA ASN C 102 8.94 -20.91 -46.43
C ASN C 102 9.00 -21.30 -44.95
N TYR C 103 7.96 -20.91 -44.21
CA TYR C 103 7.85 -21.23 -42.79
C TYR C 103 8.00 -22.72 -42.52
N ALA C 104 7.45 -23.53 -43.42
CA ALA C 104 7.47 -24.98 -43.27
C ALA C 104 8.91 -25.52 -43.28
N ARG C 105 9.72 -25.02 -44.20
CA ARG C 105 11.10 -25.48 -44.31
C ARG C 105 11.92 -25.02 -43.11
N GLY C 106 11.60 -23.84 -42.60
CA GLY C 106 12.29 -23.29 -41.45
C GLY C 106 11.96 -24.01 -40.15
N HIS C 107 10.71 -24.43 -40.02
CA HIS C 107 10.24 -25.08 -38.80
C HIS C 107 10.43 -26.59 -38.83
N TYR C 108 10.25 -27.19 -40.00
CA TYR C 108 10.28 -28.65 -40.13
C TYR C 108 11.46 -29.16 -40.95
N THR C 109 11.32 -29.14 -42.26
CA THR C 109 12.24 -29.80 -43.18
C THR C 109 13.72 -29.50 -42.91
N ILE C 110 14.11 -28.24 -43.08
CA ILE C 110 15.50 -27.85 -42.93
C ILE C 110 15.87 -27.60 -41.47
N GLY C 111 14.95 -26.98 -40.74
CA GLY C 111 15.21 -26.57 -39.36
C GLY C 111 15.49 -27.70 -38.40
N LYS C 112 14.79 -28.82 -38.59
CA LYS C 112 14.92 -29.97 -37.69
C LYS C 112 16.32 -30.58 -37.74
N GLU C 113 17.05 -30.28 -38.81
CA GLU C 113 18.36 -30.87 -39.03
C GLU C 113 19.46 -30.17 -38.25
N ILE C 114 19.17 -28.97 -37.74
CA ILE C 114 20.19 -28.16 -37.07
C ILE C 114 19.74 -27.71 -35.67
N ILE C 115 18.48 -27.95 -35.33
CA ILE C 115 17.92 -27.45 -34.07
C ILE C 115 18.67 -27.95 -32.84
N ASP C 116 19.06 -29.23 -32.86
CA ASP C 116 19.76 -29.81 -31.72
C ASP C 116 21.12 -29.16 -31.50
N LEU C 117 21.82 -28.88 -32.59
CA LEU C 117 23.14 -28.25 -32.51
C LEU C 117 23.03 -26.85 -31.91
N VAL C 118 22.03 -26.09 -32.35
CA VAL C 118 21.82 -24.74 -31.85
C VAL C 118 21.59 -24.74 -30.35
N LEU C 119 20.71 -25.62 -29.89
CA LEU C 119 20.39 -25.73 -28.46
C LEU C 119 21.64 -26.11 -27.66
N ASP C 120 22.47 -26.98 -28.23
CA ASP C 120 23.70 -27.40 -27.57
CA ASP C 120 23.70 -27.40 -27.57
C ASP C 120 24.68 -26.24 -27.43
N ARG C 121 24.69 -25.35 -28.42
CA ARG C 121 25.56 -24.18 -28.40
C ARG C 121 25.01 -23.11 -27.47
N ILE C 122 23.68 -23.00 -27.41
CA ILE C 122 23.03 -22.09 -26.48
C ILE C 122 23.26 -22.59 -25.05
N ARG C 123 23.22 -23.90 -24.88
CA ARG C 123 23.46 -24.53 -23.58
C ARG C 123 24.85 -24.21 -23.07
N LYS C 124 25.81 -24.17 -23.98
CA LYS C 124 27.20 -23.85 -23.62
C LYS C 124 27.29 -22.45 -23.04
N LEU C 125 26.54 -21.51 -23.60
CA LEU C 125 26.51 -20.15 -23.10
C LEU C 125 25.85 -20.09 -21.72
N ALA C 126 24.73 -20.78 -21.60
CA ALA C 126 23.94 -20.76 -20.36
C ALA C 126 24.73 -21.30 -19.18
N ASP C 127 25.58 -22.29 -19.43
CA ASP C 127 26.37 -22.89 -18.37
C ASP C 127 27.46 -21.96 -17.85
N GLN C 128 27.74 -20.90 -18.61
CA GLN C 128 28.70 -19.89 -18.18
C GLN C 128 28.05 -18.84 -17.27
N CYS C 129 26.73 -18.91 -17.14
CA CYS C 129 25.98 -17.92 -16.37
C CYS C 129 25.78 -18.36 -14.93
N THR C 130 25.87 -17.40 -14.01
CA THR C 130 25.63 -17.66 -12.59
C THR C 130 24.19 -17.33 -12.22
N GLY C 131 23.55 -16.52 -13.05
CA GLY C 131 22.17 -16.13 -12.82
C GLY C 131 21.50 -15.67 -14.10
N LEU C 132 21.36 -16.59 -15.05
CA LEU C 132 20.75 -16.29 -16.35
C LEU C 132 19.34 -15.72 -16.19
N GLN C 133 19.11 -14.55 -16.77
CA GLN C 133 17.82 -13.88 -16.67
C GLN C 133 16.86 -14.33 -17.77
N GLY C 134 17.34 -14.32 -19.01
CA GLY C 134 16.51 -14.70 -20.14
C GLY C 134 17.17 -14.50 -21.48
N PHE C 135 16.38 -14.65 -22.54
CA PHE C 135 16.88 -14.59 -23.92
C PHE C 135 16.30 -13.42 -24.71
N LEU C 136 17.11 -12.84 -25.59
CA LEU C 136 16.65 -11.88 -26.60
C LEU C 136 16.76 -12.52 -27.97
N VAL C 137 15.63 -12.64 -28.66
CA VAL C 137 15.60 -13.30 -29.96
C VAL C 137 15.36 -12.30 -31.09
N PHE C 138 16.34 -12.16 -31.96
CA PHE C 138 16.26 -11.25 -33.10
C PHE C 138 15.96 -12.03 -34.37
N HIS C 139 14.91 -11.64 -35.08
CA HIS C 139 14.47 -12.36 -36.27
C HIS C 139 13.46 -11.55 -37.07
N SER C 140 13.19 -11.99 -38.29
CA SER C 140 12.18 -11.38 -39.14
C SER C 140 10.90 -12.21 -39.17
N PHE C 141 9.77 -11.55 -39.43
CA PHE C 141 8.50 -12.23 -39.60
C PHE C 141 8.38 -12.88 -40.98
N GLY C 142 8.96 -12.22 -41.99
CA GLY C 142 8.77 -12.62 -43.36
C GLY C 142 9.67 -13.74 -43.85
N GLY C 143 10.85 -13.86 -43.26
CA GLY C 143 11.82 -14.85 -43.71
C GLY C 143 11.40 -16.27 -43.37
N GLY C 144 11.87 -17.23 -44.16
CA GLY C 144 11.58 -18.63 -43.93
C GLY C 144 12.26 -19.13 -42.67
N THR C 145 13.49 -18.69 -42.46
CA THR C 145 14.24 -19.06 -41.27
C THR C 145 13.80 -18.21 -40.08
N GLY C 146 13.69 -16.90 -40.31
CA GLY C 146 13.31 -15.96 -39.27
C GLY C 146 11.96 -16.28 -38.67
N SER C 147 11.08 -16.88 -39.46
CA SER C 147 9.73 -17.22 -39.02
C SER C 147 9.65 -18.66 -38.53
N GLY C 148 9.96 -19.60 -39.43
CA GLY C 148 9.81 -21.01 -39.13
C GLY C 148 10.77 -21.55 -38.09
N PHE C 149 12.04 -21.21 -38.20
CA PHE C 149 13.04 -21.75 -37.29
C PHE C 149 12.96 -21.08 -35.92
N THR C 150 12.62 -19.79 -35.90
CA THR C 150 12.48 -19.06 -34.65
C THR C 150 11.38 -19.69 -33.81
N SER C 151 10.24 -19.98 -34.43
CA SER C 151 9.13 -20.60 -33.73
CA SER C 151 9.12 -20.62 -33.74
C SER C 151 9.55 -21.94 -33.13
N LEU C 152 10.27 -22.74 -33.92
CA LEU C 152 10.79 -24.02 -33.47
C LEU C 152 11.72 -23.83 -32.28
N LEU C 153 12.58 -22.81 -32.39
CA LEU C 153 13.55 -22.51 -31.33
C LEU C 153 12.84 -22.09 -30.04
N MET C 154 11.89 -21.16 -30.17
CA MET C 154 11.14 -20.66 -29.02
C MET C 154 10.40 -21.78 -28.32
N GLU C 155 9.80 -22.67 -29.10
CA GLU C 155 9.11 -23.83 -28.55
C GLU C 155 10.06 -24.73 -27.75
N ARG C 156 11.27 -24.90 -28.27
CA ARG C 156 12.25 -25.76 -27.63
C ARG C 156 12.89 -25.11 -26.41
N LEU C 157 13.01 -23.78 -26.44
CA LEU C 157 13.59 -23.05 -25.31
C LEU C 157 12.67 -23.08 -24.10
N SER C 158 11.36 -23.13 -24.35
CA SER C 158 10.38 -23.19 -23.28
C SER C 158 10.44 -24.54 -22.57
N VAL C 159 10.88 -25.56 -23.29
CA VAL C 159 11.03 -26.90 -22.72
C VAL C 159 12.34 -27.00 -21.93
N ASP C 160 13.41 -26.44 -22.49
CA ASP C 160 14.73 -26.58 -21.91
C ASP C 160 15.02 -25.57 -20.80
N TYR C 161 14.29 -24.46 -20.80
CA TYR C 161 14.53 -23.40 -19.83
C TYR C 161 13.24 -22.95 -19.12
N GLY C 162 12.17 -23.71 -19.31
CA GLY C 162 10.92 -23.45 -18.62
C GLY C 162 10.34 -22.08 -18.92
N LYS C 163 9.96 -21.36 -17.85
CA LYS C 163 9.38 -20.03 -17.99
C LYS C 163 10.45 -18.94 -17.87
N LYS C 164 11.68 -19.29 -18.20
CA LYS C 164 12.76 -18.30 -18.27
C LYS C 164 12.38 -17.26 -19.31
N SER C 165 12.64 -16.00 -19.00
CA SER C 165 12.21 -14.89 -19.85
CA SER C 165 12.22 -14.88 -19.85
C SER C 165 12.76 -15.01 -21.26
N LYS C 166 11.91 -14.69 -22.24
CA LYS C 166 12.30 -14.68 -23.65
C LYS C 166 11.68 -13.48 -24.35
N LEU C 167 12.53 -12.54 -24.74
CA LEU C 167 12.09 -11.32 -25.42
C LEU C 167 12.35 -11.42 -26.92
N GLU C 168 11.52 -10.75 -27.71
CA GLU C 168 11.67 -10.74 -29.16
C GLU C 168 11.92 -9.34 -29.70
N PHE C 169 12.76 -9.26 -30.73
CA PHE C 169 12.84 -8.10 -31.60
C PHE C 169 12.47 -8.55 -33.01
N SER C 170 11.20 -8.36 -33.36
CA SER C 170 10.66 -8.92 -34.59
C SER C 170 10.58 -7.88 -35.70
N ILE C 171 11.10 -8.24 -36.88
CA ILE C 171 11.07 -7.35 -38.03
C ILE C 171 9.79 -7.55 -38.83
N TYR C 172 8.92 -6.55 -38.77
CA TYR C 172 7.62 -6.58 -39.44
C TYR C 172 7.79 -6.18 -40.90
N PRO C 173 7.18 -6.93 -41.83
CA PRO C 173 7.49 -6.78 -43.26
C PRO C 173 6.97 -5.50 -43.89
N ALA C 174 7.72 -4.96 -44.85
CA ALA C 174 7.33 -3.79 -45.62
C ALA C 174 7.62 -4.02 -47.10
N PRO C 175 6.72 -3.55 -47.99
CA PRO C 175 6.87 -3.84 -49.42
C PRO C 175 8.08 -3.15 -50.06
N GLN C 176 8.59 -2.10 -49.42
CA GLN C 176 9.73 -1.37 -49.95
C GLN C 176 11.00 -2.22 -50.00
N VAL C 177 11.07 -3.23 -49.11
CA VAL C 177 12.27 -4.06 -49.00
C VAL C 177 11.94 -5.54 -48.84
N SER C 178 10.68 -5.90 -49.01
CA SER C 178 10.28 -7.30 -48.91
C SER C 178 10.87 -8.10 -50.07
N THR C 179 11.06 -9.41 -49.84
CA THR C 179 11.67 -10.29 -50.84
C THR C 179 10.81 -11.51 -51.14
N ALA C 180 9.59 -11.53 -50.61
CA ALA C 180 8.70 -12.67 -50.81
C ALA C 180 7.24 -12.27 -50.77
N VAL C 181 6.43 -12.90 -51.60
CA VAL C 181 5.00 -12.65 -51.67
C VAL C 181 4.27 -13.30 -50.49
N VAL C 182 4.87 -14.36 -49.95
CA VAL C 182 4.23 -15.16 -48.92
C VAL C 182 4.62 -14.74 -47.49
N GLU C 183 5.21 -13.56 -47.35
CA GLU C 183 5.60 -13.07 -46.03
C GLU C 183 4.40 -12.90 -45.08
N PRO C 184 3.22 -12.54 -45.62
CA PRO C 184 2.04 -12.55 -44.75
C PRO C 184 1.76 -13.92 -44.13
N TYR C 185 1.86 -14.98 -44.92
CA TYR C 185 1.68 -16.34 -44.39
C TYR C 185 2.69 -16.62 -43.28
N ASN C 186 3.97 -16.44 -43.59
CA ASN C 186 5.04 -16.71 -42.62
C ASN C 186 4.87 -15.90 -41.35
N SER C 187 4.34 -14.68 -41.49
CA SER C 187 4.19 -13.79 -40.36
C SER C 187 3.09 -14.26 -39.40
N ILE C 188 1.93 -14.61 -39.96
CA ILE C 188 0.81 -15.08 -39.15
C ILE C 188 1.16 -16.40 -38.48
N LEU C 189 1.89 -17.25 -39.19
CA LEU C 189 2.26 -18.57 -38.68
C LEU C 189 3.21 -18.47 -37.50
N THR C 190 4.23 -17.63 -37.60
CA THR C 190 5.22 -17.51 -36.54
C THR C 190 4.66 -16.77 -35.34
N THR C 191 3.79 -15.79 -35.60
CA THR C 191 3.14 -15.06 -34.52
C THR C 191 2.25 -15.98 -33.70
N HIS C 192 1.58 -16.90 -34.38
CA HIS C 192 0.69 -17.85 -33.73
C HIS C 192 1.43 -18.83 -32.83
N THR C 193 2.44 -19.49 -33.38
CA THR C 193 3.14 -20.56 -32.67
C THR C 193 4.10 -20.04 -31.60
N THR C 194 4.48 -18.76 -31.70
CA THR C 194 5.40 -18.15 -30.76
C THR C 194 4.68 -17.48 -29.59
N LEU C 195 3.42 -17.12 -29.82
CA LEU C 195 2.64 -16.29 -28.88
C LEU C 195 2.68 -16.80 -27.45
N GLU C 196 2.49 -18.10 -27.25
CA GLU C 196 2.48 -18.68 -25.91
C GLU C 196 3.86 -18.71 -25.27
N HIS C 197 4.91 -18.67 -26.10
CA HIS C 197 6.27 -18.89 -25.63
C HIS C 197 7.09 -17.60 -25.50
N SER C 198 6.47 -16.46 -25.79
CA SER C 198 7.15 -15.17 -25.68
C SER C 198 6.55 -14.34 -24.54
N ASP C 199 7.42 -13.67 -23.80
CA ASP C 199 7.00 -12.84 -22.67
C ASP C 199 6.80 -11.39 -23.07
N CYS C 200 7.56 -10.96 -24.08
CA CYS C 200 7.50 -9.58 -24.56
C CYS C 200 8.16 -9.48 -25.92
N ALA C 201 7.48 -8.83 -26.86
CA ALA C 201 7.98 -8.73 -28.24
C ALA C 201 7.90 -7.30 -28.78
N PHE C 202 9.05 -6.78 -29.18
CA PHE C 202 9.13 -5.45 -29.78
C PHE C 202 9.13 -5.56 -31.30
N MET C 203 8.00 -5.18 -31.92
CA MET C 203 7.88 -5.21 -33.36
C MET C 203 8.55 -4.00 -33.99
N VAL C 204 9.23 -4.24 -35.13
CA VAL C 204 9.87 -3.17 -35.88
C VAL C 204 9.36 -3.15 -37.31
N ASP C 205 8.48 -2.21 -37.61
CA ASP C 205 7.93 -2.06 -38.95
C ASP C 205 8.99 -1.48 -39.87
N ASN C 206 9.43 -2.27 -40.85
CA ASN C 206 10.44 -1.83 -41.79
C ASN C 206 10.03 -0.55 -42.49
N GLU C 207 8.74 -0.41 -42.81
CA GLU C 207 8.25 0.77 -43.49
C GLU C 207 8.34 2.00 -42.60
N ALA C 208 8.16 1.79 -41.30
CA ALA C 208 8.29 2.87 -40.33
C ALA C 208 9.74 3.36 -40.29
N ILE C 209 10.68 2.41 -40.26
CA ILE C 209 12.09 2.73 -40.24
C ILE C 209 12.52 3.29 -41.60
N TYR C 210 11.94 2.75 -42.66
CA TYR C 210 12.23 3.18 -44.03
C TYR C 210 11.85 4.65 -44.21
N ASP C 211 10.67 5.04 -43.72
CA ASP C 211 10.19 6.41 -43.84
C ASP C 211 10.99 7.37 -42.98
N ILE C 212 11.37 6.93 -41.78
CA ILE C 212 12.14 7.76 -40.88
C ILE C 212 13.51 8.08 -41.48
N CYS C 213 14.08 7.13 -42.19
CA CYS C 213 15.36 7.33 -42.87
C CYS C 213 15.22 8.33 -44.01
N ARG C 214 14.11 8.24 -44.74
CA ARG C 214 13.82 9.16 -45.83
C ARG C 214 13.53 10.56 -45.31
N ARG C 215 12.71 10.65 -44.28
CA ARG C 215 12.22 11.93 -43.77
C ARG C 215 13.24 12.65 -42.90
N ASN C 216 13.71 11.96 -41.87
CA ASN C 216 14.53 12.59 -40.84
C ASN C 216 16.02 12.64 -41.15
N LEU C 217 16.48 11.76 -42.05
CA LEU C 217 17.89 11.68 -42.39
C LEU C 217 18.14 11.98 -43.87
N ASP C 218 17.07 12.25 -44.61
CA ASP C 218 17.16 12.61 -46.02
C ASP C 218 17.93 11.58 -46.85
N ILE C 219 17.70 10.31 -46.53
CA ILE C 219 18.27 9.21 -47.31
C ILE C 219 17.29 8.85 -48.43
N GLU C 220 17.71 9.06 -49.68
CA GLU C 220 16.84 8.89 -50.83
C GLU C 220 16.24 7.48 -50.93
N ARG C 221 17.09 6.47 -50.73
CA ARG C 221 16.65 5.09 -50.82
C ARG C 221 17.40 4.24 -49.79
N PRO C 222 16.89 4.18 -48.55
CA PRO C 222 17.56 3.48 -47.45
C PRO C 222 17.89 2.01 -47.74
N THR C 223 19.08 1.60 -47.32
CA THR C 223 19.50 0.20 -47.41
C THR C 223 19.28 -0.48 -46.07
N TYR C 224 19.52 -1.78 -46.01
CA TYR C 224 19.44 -2.50 -44.74
C TYR C 224 20.43 -1.91 -43.74
N THR C 225 21.56 -1.43 -44.25
CA THR C 225 22.57 -0.81 -43.41
C THR C 225 22.04 0.47 -42.78
N ASN C 226 21.26 1.23 -43.55
CA ASN C 226 20.61 2.44 -43.04
C ASN C 226 19.56 2.10 -41.99
N LEU C 227 18.74 1.09 -42.28
CA LEU C 227 17.70 0.67 -41.35
C LEU C 227 18.28 0.11 -40.07
N ASN C 228 19.23 -0.82 -40.21
CA ASN C 228 19.78 -1.53 -39.06
C ASN C 228 20.47 -0.63 -38.06
N ARG C 229 21.15 0.41 -38.55
CA ARG C 229 21.88 1.31 -37.67
C ARG C 229 20.94 2.18 -36.84
N LEU C 230 19.75 2.42 -37.36
CA LEU C 230 18.70 3.13 -36.61
C LEU C 230 18.03 2.17 -35.64
N ILE C 231 17.81 0.94 -36.09
CA ILE C 231 17.24 -0.10 -35.25
C ILE C 231 18.14 -0.37 -34.04
N SER C 232 19.44 -0.40 -34.26
CA SER C 232 20.40 -0.69 -33.21
C SER C 232 20.38 0.35 -32.10
N GLN C 233 20.18 1.61 -32.46
CA GLN C 233 20.09 2.69 -31.49
C GLN C 233 18.93 2.50 -30.56
N ILE C 234 17.83 1.97 -31.10
CA ILE C 234 16.65 1.69 -30.31
C ILE C 234 16.88 0.50 -29.39
N VAL C 235 17.32 -0.61 -29.97
CA VAL C 235 17.62 -1.82 -29.19
C VAL C 235 18.60 -1.48 -28.08
N SER C 236 19.53 -0.57 -28.38
CA SER C 236 20.49 -0.11 -27.39
C SER C 236 19.80 0.61 -26.24
N SER C 237 18.86 1.51 -26.58
CA SER C 237 18.12 2.26 -25.56
C SER C 237 17.33 1.33 -24.64
N ILE C 238 16.76 0.28 -25.23
CA ILE C 238 15.95 -0.66 -24.47
C ILE C 238 16.80 -1.55 -23.57
N THR C 239 18.01 -1.88 -24.04
CA THR C 239 18.91 -2.77 -23.30
C THR C 239 19.92 -2.01 -22.45
N ALA C 240 19.93 -0.68 -22.56
CA ALA C 240 20.88 0.14 -21.83
C ALA C 240 20.72 -0.02 -20.31
N SER C 241 19.50 -0.22 -19.87
CA SER C 241 19.21 -0.38 -18.44
C SER C 241 19.80 -1.67 -17.89
N LEU C 242 20.11 -2.61 -18.78
CA LEU C 242 20.69 -3.89 -18.40
C LEU C 242 22.21 -3.84 -18.46
N ARG C 243 22.74 -3.01 -19.35
CA ARG C 243 24.17 -2.96 -19.62
C ARG C 243 24.89 -1.87 -18.84
N PHE C 244 24.13 -0.93 -18.27
CA PHE C 244 24.70 0.15 -17.47
C PHE C 244 24.05 0.24 -16.10
N ASP C 245 24.76 0.89 -15.16
CA ASP C 245 24.24 1.13 -13.83
C ASP C 245 23.96 2.62 -13.64
N GLY C 246 23.34 2.97 -12.52
CA GLY C 246 23.04 4.35 -12.22
C GLY C 246 21.97 4.48 -11.15
N ALA C 247 21.91 5.64 -10.51
CA ALA C 247 20.92 5.90 -9.48
C ALA C 247 19.52 5.91 -10.07
N LEU C 248 19.35 6.69 -11.14
CA LEU C 248 18.04 6.87 -11.75
C LEU C 248 17.71 5.77 -12.76
N ASN C 249 18.61 4.81 -12.90
CA ASN C 249 18.40 3.69 -13.81
C ASN C 249 17.41 2.68 -13.24
N VAL C 250 16.40 2.34 -14.03
CA VAL C 250 15.43 1.32 -13.65
C VAL C 250 15.49 0.18 -14.67
N ASP C 251 15.42 -1.05 -14.18
CA ASP C 251 15.62 -2.23 -15.00
C ASP C 251 14.50 -2.41 -16.03
N LEU C 252 14.81 -3.08 -17.13
CA LEU C 252 13.84 -3.34 -18.18
C LEU C 252 12.72 -4.25 -17.67
N THR C 253 13.06 -5.15 -16.76
CA THR C 253 12.08 -6.07 -16.20
C THR C 253 11.03 -5.31 -15.40
N GLU C 254 11.41 -4.17 -14.84
CA GLU C 254 10.49 -3.35 -14.08
C GLU C 254 9.52 -2.64 -15.01
N PHE C 255 9.99 -2.27 -16.19
CA PHE C 255 9.12 -1.71 -17.22
C PHE C 255 8.14 -2.76 -17.72
N GLN C 256 8.64 -3.99 -17.85
CA GLN C 256 7.84 -5.11 -18.33
C GLN C 256 6.59 -5.34 -17.48
N THR C 257 6.72 -5.11 -16.18
CA THR C 257 5.60 -5.27 -15.25
C THR C 257 4.44 -4.37 -15.65
N ASN C 258 4.76 -3.14 -16.02
CA ASN C 258 3.75 -2.17 -16.44
C ASN C 258 3.25 -2.40 -17.86
N LEU C 259 4.10 -2.96 -18.71
CA LEU C 259 3.80 -3.05 -20.14
C LEU C 259 2.93 -4.25 -20.53
N VAL C 260 2.85 -5.25 -19.65
CA VAL C 260 2.11 -6.48 -19.96
C VAL C 260 0.99 -6.72 -18.95
N PRO C 261 -0.23 -6.23 -19.26
CA PRO C 261 -1.37 -6.44 -18.35
C PRO C 261 -1.92 -7.85 -18.43
N TYR C 262 -1.82 -8.46 -19.61
CA TYR C 262 -2.21 -9.85 -19.81
C TYR C 262 -1.13 -10.52 -20.66
N PRO C 263 -0.95 -11.84 -20.50
CA PRO C 263 0.12 -12.54 -21.22
C PRO C 263 0.13 -12.31 -22.72
N ARG C 264 -1.04 -12.32 -23.35
CA ARG C 264 -1.14 -12.15 -24.79
C ARG C 264 -0.94 -10.70 -25.23
N ILE C 265 -1.15 -9.77 -24.31
CA ILE C 265 -0.94 -8.35 -24.58
C ILE C 265 0.49 -7.97 -24.18
N HIS C 266 1.47 -8.40 -24.98
CA HIS C 266 2.88 -8.14 -24.67
C HIS C 266 3.65 -7.55 -25.85
N PHE C 267 2.98 -6.71 -26.64
CA PHE C 267 3.59 -6.07 -27.78
C PHE C 267 3.66 -4.55 -27.59
N PRO C 268 4.75 -4.06 -26.97
CA PRO C 268 4.86 -2.62 -26.76
C PRO C 268 5.18 -1.84 -28.03
N LEU C 269 4.57 -0.66 -28.17
CA LEU C 269 4.93 0.25 -29.24
C LEU C 269 6.12 1.08 -28.81
N ALA C 270 7.20 1.04 -29.60
CA ALA C 270 8.40 1.80 -29.29
C ALA C 270 8.48 3.04 -30.18
N THR C 271 8.98 4.13 -29.60
CA THR C 271 9.15 5.40 -30.30
C THR C 271 10.46 6.02 -29.86
N TYR C 272 11.26 6.50 -30.81
CA TYR C 272 12.61 6.97 -30.53
C TYR C 272 12.87 8.37 -31.07
N ALA C 273 13.59 9.17 -30.27
CA ALA C 273 14.03 10.49 -30.68
C ALA C 273 15.27 10.86 -29.88
N PRO C 274 16.12 11.76 -30.43
CA PRO C 274 15.99 12.43 -31.73
C PRO C 274 16.68 11.67 -32.87
N VAL C 275 15.97 11.49 -33.98
CA VAL C 275 16.56 11.00 -35.22
C VAL C 275 16.83 12.21 -36.11
N ILE C 276 18.10 12.60 -36.21
CA ILE C 276 18.47 13.84 -36.88
C ILE C 276 19.87 13.74 -37.47
N SER C 277 20.07 14.40 -38.61
CA SER C 277 21.36 14.37 -39.30
C SER C 277 22.35 15.33 -38.64
N ALA C 278 23.64 15.11 -38.88
CA ALA C 278 24.69 15.96 -38.32
C ALA C 278 24.57 17.38 -38.86
N GLU C 279 24.09 17.50 -40.09
CA GLU C 279 23.95 18.81 -40.74
C GLU C 279 22.86 19.64 -40.06
N LYS C 280 21.83 18.96 -39.57
CA LYS C 280 20.70 19.63 -38.92
C LYS C 280 20.96 19.80 -37.43
N ALA C 281 21.66 18.85 -36.84
CA ALA C 281 21.91 18.85 -35.40
C ALA C 281 22.92 19.91 -35.00
N TYR C 282 23.70 20.40 -35.96
CA TYR C 282 24.73 21.38 -35.68
C TYR C 282 24.11 22.71 -35.23
N HIS C 283 24.59 23.22 -34.10
CA HIS C 283 24.08 24.46 -33.53
C HIS C 283 22.56 24.40 -33.30
N GLU C 284 22.08 23.21 -32.95
CA GLU C 284 20.68 23.04 -32.57
C GLU C 284 20.56 21.96 -31.51
N GLN C 285 20.88 22.32 -30.27
CA GLN C 285 20.77 21.40 -29.14
C GLN C 285 19.30 21.13 -28.85
N LEU C 286 18.95 19.84 -28.80
CA LEU C 286 17.58 19.42 -28.60
C LEU C 286 17.33 19.13 -27.12
N SER C 287 16.44 19.92 -26.53
CA SER C 287 16.17 19.83 -25.09
C SER C 287 15.43 18.55 -24.74
N VAL C 288 15.32 18.28 -23.44
CA VAL C 288 14.53 17.16 -22.94
C VAL C 288 13.08 17.28 -23.39
N ALA C 289 12.57 18.50 -23.36
CA ALA C 289 11.19 18.78 -23.72
C ALA C 289 10.92 18.50 -25.20
N GLU C 290 11.89 18.84 -26.04
CA GLU C 290 11.73 18.68 -27.48
C GLU C 290 11.76 17.22 -27.91
N ILE C 291 12.66 16.43 -27.32
CA ILE C 291 12.73 15.01 -27.66
C ILE C 291 11.56 14.24 -27.05
N THR C 292 11.09 14.69 -25.89
CA THR C 292 9.96 14.06 -25.24
C THR C 292 8.68 14.26 -26.05
N ASN C 293 8.51 15.47 -26.57
CA ASN C 293 7.37 15.77 -27.42
CA ASN C 293 7.38 15.79 -27.43
C ASN C 293 7.36 14.91 -28.68
N ALA C 294 8.54 14.62 -29.20
CA ALA C 294 8.70 13.81 -30.41
C ALA C 294 8.21 12.38 -30.22
N CYS C 295 8.21 11.92 -28.96
CA CYS C 295 7.76 10.56 -28.66
C CYS C 295 6.28 10.36 -28.94
N PHE C 296 5.55 11.47 -29.04
CA PHE C 296 4.10 11.41 -29.25
C PHE C 296 3.73 11.86 -30.66
N GLU C 297 4.73 12.03 -31.51
CA GLU C 297 4.50 12.22 -32.94
C GLU C 297 4.54 10.85 -33.62
N PRO C 298 3.41 10.38 -34.17
CA PRO C 298 3.39 9.02 -34.73
C PRO C 298 4.36 8.78 -35.88
N ALA C 299 4.99 9.83 -36.40
CA ALA C 299 5.95 9.70 -37.48
C ALA C 299 7.28 9.11 -36.99
N ASN C 300 7.48 9.14 -35.67
CA ASN C 300 8.71 8.66 -35.07
C ASN C 300 8.57 7.26 -34.48
N GLN C 301 7.40 6.65 -34.68
CA GLN C 301 7.14 5.31 -34.17
C GLN C 301 7.84 4.26 -35.01
N MET C 302 8.02 3.08 -34.41
CA MET C 302 8.66 1.94 -35.07
CA MET C 302 8.66 1.97 -35.11
C MET C 302 7.63 1.07 -35.77
N VAL C 303 6.37 1.26 -35.41
CA VAL C 303 5.26 0.55 -36.03
C VAL C 303 4.22 1.58 -36.46
N LYS C 304 3.81 1.50 -37.72
CA LYS C 304 2.86 2.47 -38.25
C LYS C 304 1.46 2.18 -37.74
N CYS C 305 0.99 3.08 -36.87
CA CYS C 305 -0.31 2.98 -36.25
C CYS C 305 -0.64 4.33 -35.63
N ASP C 306 -1.88 4.50 -35.19
CA ASP C 306 -2.32 5.77 -34.62
C ASP C 306 -2.79 5.60 -33.18
N PRO C 307 -1.90 5.87 -32.20
CA PRO C 307 -2.30 5.82 -30.79
C PRO C 307 -3.37 6.84 -30.44
N ARG C 308 -3.48 7.90 -31.25
CA ARG C 308 -4.48 8.92 -31.03
C ARG C 308 -5.89 8.36 -31.20
N HIS C 309 -5.99 7.26 -31.95
CA HIS C 309 -7.27 6.57 -32.16
C HIS C 309 -7.33 5.27 -31.36
N GLY C 310 -6.53 5.21 -30.30
CA GLY C 310 -6.53 4.06 -29.40
C GLY C 310 -6.37 4.51 -27.97
N LYS C 311 -6.28 3.55 -27.05
CA LYS C 311 -6.13 3.84 -25.63
C LYS C 311 -4.84 3.27 -25.09
N TYR C 312 -4.23 4.00 -24.15
CA TYR C 312 -2.98 3.57 -23.53
C TYR C 312 -3.24 2.65 -22.34
N MET C 313 -2.39 1.63 -22.20
CA MET C 313 -2.41 0.75 -21.04
C MET C 313 -1.11 0.89 -20.27
N ALA C 314 -0.16 1.62 -20.85
CA ALA C 314 1.12 1.88 -20.21
C ALA C 314 1.93 2.89 -21.01
N CYS C 315 2.78 3.64 -20.31
CA CYS C 315 3.64 4.61 -20.96
CA CYS C 315 3.64 4.63 -20.95
C CYS C 315 4.97 4.72 -20.21
N CYS C 316 6.02 4.22 -20.84
CA CYS C 316 7.36 4.22 -20.25
C CYS C 316 8.31 5.08 -21.06
N LEU C 317 9.13 5.86 -20.36
CA LEU C 317 10.11 6.74 -21.00
C LEU C 317 11.53 6.37 -20.57
N LEU C 318 12.31 5.85 -21.51
CA LEU C 318 13.70 5.46 -21.26
C LEU C 318 14.66 6.51 -21.78
N TYR C 319 15.09 7.41 -20.90
CA TYR C 319 16.02 8.47 -21.26
C TYR C 319 17.45 8.00 -21.16
N ARG C 320 18.34 8.60 -21.95
CA ARG C 320 19.77 8.36 -21.81
C ARG C 320 20.55 9.61 -22.20
N GLY C 321 21.58 9.93 -21.41
CA GLY C 321 22.41 11.10 -21.65
C GLY C 321 22.21 12.19 -20.62
N ASP C 322 22.35 13.43 -21.05
CA ASP C 322 22.21 14.58 -20.16
C ASP C 322 20.75 14.85 -19.85
N VAL C 323 20.23 14.15 -18.84
CA VAL C 323 18.83 14.27 -18.45
C VAL C 323 18.69 14.19 -16.93
N VAL C 324 17.95 15.13 -16.37
CA VAL C 324 17.61 15.09 -14.94
C VAL C 324 16.09 15.08 -14.78
N PRO C 325 15.58 14.53 -13.66
CA PRO C 325 14.13 14.38 -13.47
C PRO C 325 13.32 15.67 -13.57
N LYS C 326 13.87 16.79 -13.11
CA LYS C 326 13.17 18.07 -13.15
C LYS C 326 12.69 18.40 -14.56
N ASP C 327 13.62 18.34 -15.51
CA ASP C 327 13.31 18.66 -16.91
C ASP C 327 12.35 17.62 -17.49
N VAL C 328 12.50 16.37 -17.06
CA VAL C 328 11.59 15.31 -17.49
C VAL C 328 10.18 15.57 -16.96
N ASN C 329 10.09 15.87 -15.67
CA ASN C 329 8.81 16.14 -15.04
C ASN C 329 8.11 17.35 -15.66
N ALA C 330 8.90 18.38 -15.96
CA ALA C 330 8.36 19.58 -16.60
C ALA C 330 7.83 19.26 -17.99
N ALA C 331 8.60 18.47 -18.75
CA ALA C 331 8.22 18.11 -20.11
C ALA C 331 6.94 17.29 -20.12
N ILE C 332 6.84 16.31 -19.22
CA ILE C 332 5.67 15.45 -19.15
C ILE C 332 4.42 16.26 -18.81
N ALA C 333 4.57 17.24 -17.92
CA ALA C 333 3.47 18.10 -17.53
C ALA C 333 2.92 18.87 -18.73
N THR C 334 3.83 19.31 -19.59
CA THR C 334 3.44 20.02 -20.81
C THR C 334 2.63 19.11 -21.72
N ILE C 335 3.15 17.92 -22.00
CA ILE C 335 2.47 16.95 -22.86
C ILE C 335 1.07 16.64 -22.35
N LYS C 336 0.94 16.50 -21.04
CA LYS C 336 -0.34 16.10 -20.44
C LYS C 336 -1.46 17.11 -20.69
N THR C 337 -1.09 18.38 -20.80
CA THR C 337 -2.09 19.44 -20.94
C THR C 337 -2.38 19.80 -22.40
N LYS C 338 -1.83 19.03 -23.34
CA LYS C 338 -1.94 19.38 -24.75
C LYS C 338 -2.19 18.20 -25.69
N ARG C 339 -1.67 17.02 -25.33
CA ARG C 339 -1.70 15.87 -26.23
C ARG C 339 -2.91 14.97 -26.00
N SER C 340 -3.26 14.19 -27.02
CA SER C 340 -4.35 13.24 -26.95
C SER C 340 -3.88 11.91 -26.37
N ILE C 341 -3.65 11.90 -25.06
CA ILE C 341 -3.18 10.69 -24.36
C ILE C 341 -4.28 10.17 -23.44
N GLN C 342 -5.05 9.22 -23.95
CA GLN C 342 -6.17 8.65 -23.21
C GLN C 342 -5.85 7.22 -22.77
N PHE C 343 -5.98 6.96 -21.46
CA PHE C 343 -5.77 5.64 -20.92
C PHE C 343 -7.08 4.88 -20.78
N VAL C 344 -6.98 3.55 -20.72
CA VAL C 344 -8.12 2.73 -20.35
C VAL C 344 -8.44 3.01 -18.88
N ASP C 345 -9.69 2.80 -18.48
CA ASP C 345 -10.13 3.20 -17.15
C ASP C 345 -9.50 2.35 -16.05
N TRP C 346 -9.06 1.14 -16.40
CA TRP C 346 -8.50 0.22 -15.41
C TRP C 346 -6.99 0.38 -15.28
N CYS C 347 -6.47 1.52 -15.73
CA CYS C 347 -5.03 1.79 -15.66
C CYS C 347 -4.73 3.15 -15.01
N PRO C 348 -3.67 3.20 -14.17
CA PRO C 348 -3.19 4.51 -13.72
C PRO C 348 -2.46 5.22 -14.86
N THR C 349 -2.54 6.55 -14.90
CA THR C 349 -2.07 7.32 -16.04
C THR C 349 -0.64 7.83 -15.87
N GLY C 350 0.01 7.45 -14.78
CA GLY C 350 1.35 7.93 -14.48
C GLY C 350 2.41 7.33 -15.39
N PHE C 351 3.25 8.19 -15.96
CA PHE C 351 4.34 7.75 -16.83
C PHE C 351 5.50 7.23 -16.01
N LYS C 352 6.05 6.07 -16.40
CA LYS C 352 7.19 5.50 -15.73
C LYS C 352 8.48 5.94 -16.42
N VAL C 353 9.40 6.49 -15.64
CA VAL C 353 10.61 7.11 -16.18
C VAL C 353 11.88 6.37 -15.75
N GLY C 354 12.83 6.31 -16.69
CA GLY C 354 14.15 5.77 -16.41
C GLY C 354 15.22 6.62 -17.07
N ILE C 355 16.37 6.75 -16.42
CA ILE C 355 17.46 7.57 -16.93
C ILE C 355 18.81 6.86 -16.78
N ASN C 356 19.51 6.69 -17.91
CA ASN C 356 20.89 6.21 -17.91
C ASN C 356 21.83 7.32 -18.33
N TYR C 357 22.71 7.73 -17.42
CA TYR C 357 23.51 8.93 -17.64
C TYR C 357 24.55 8.77 -18.76
N GLN C 358 24.74 7.55 -19.24
CA GLN C 358 25.65 7.30 -20.36
CA GLN C 358 25.65 7.31 -20.34
C GLN C 358 25.03 7.81 -21.64
N PRO C 359 25.68 8.79 -22.31
CA PRO C 359 25.03 9.34 -23.51
C PRO C 359 25.10 8.41 -24.72
N PRO C 360 24.26 8.66 -25.74
CA PRO C 360 24.24 7.81 -26.94
C PRO C 360 25.56 7.86 -27.72
N THR C 361 25.86 6.78 -28.44
CA THR C 361 27.03 6.73 -29.31
C THR C 361 26.57 6.47 -30.74
N VAL C 362 27.38 6.90 -31.70
CA VAL C 362 27.10 6.66 -33.11
C VAL C 362 28.21 5.86 -33.75
N VAL C 363 27.86 5.03 -34.73
CA VAL C 363 28.85 4.27 -35.47
C VAL C 363 29.55 5.19 -36.47
N PRO C 364 30.88 5.07 -36.60
CA PRO C 364 31.60 5.88 -37.60
C PRO C 364 31.04 5.69 -39.01
N GLY C 365 30.88 6.80 -39.73
CA GLY C 365 30.33 6.75 -41.08
C GLY C 365 28.84 6.56 -41.09
N GLY C 366 28.21 6.72 -39.94
CA GLY C 366 26.76 6.60 -39.83
C GLY C 366 26.06 7.84 -40.33
N ASP C 367 24.73 7.86 -40.21
CA ASP C 367 23.93 8.99 -40.67
C ASP C 367 23.42 9.84 -39.52
N LEU C 368 23.28 9.20 -38.35
CA LEU C 368 22.77 9.89 -37.16
C LEU C 368 23.79 10.86 -36.59
N ALA C 369 23.31 11.99 -36.10
CA ALA C 369 24.14 12.95 -35.39
C ALA C 369 24.43 12.46 -33.98
N LYS C 370 25.60 12.84 -33.46
CA LYS C 370 25.94 12.55 -32.07
C LYS C 370 25.25 13.56 -31.17
N VAL C 371 24.24 13.08 -30.44
CA VAL C 371 23.43 13.94 -29.58
C VAL C 371 23.80 13.76 -28.12
N GLN C 372 23.54 14.78 -27.31
CA GLN C 372 23.86 14.75 -25.89
C GLN C 372 22.83 13.97 -25.08
N ARG C 373 21.62 13.85 -25.63
CA ARG C 373 20.54 13.15 -24.93
C ARG C 373 19.57 12.52 -25.92
N ALA C 374 18.93 11.43 -25.49
CA ALA C 374 17.98 10.72 -26.32
C ALA C 374 16.94 10.02 -25.45
N VAL C 375 15.84 9.60 -26.06
CA VAL C 375 14.78 8.93 -25.32
C VAL C 375 14.08 7.89 -26.21
N CYS C 376 13.71 6.78 -25.59
CA CYS C 376 12.88 5.77 -26.25
C CYS C 376 11.64 5.52 -25.41
N MET C 377 10.46 5.79 -25.99
CA MET C 377 9.21 5.59 -25.28
C MET C 377 8.61 4.23 -25.59
N LEU C 378 8.39 3.44 -24.54
CA LEU C 378 7.71 2.15 -24.67
C LEU C 378 6.30 2.27 -24.14
N SER C 379 5.33 2.23 -25.05
CA SER C 379 3.92 2.36 -24.69
C SER C 379 3.13 1.13 -25.08
N ASN C 380 2.18 0.76 -24.22
CA ASN C 380 1.23 -0.30 -24.53
C ASN C 380 -0.09 0.32 -24.98
N THR C 381 -0.33 0.30 -26.28
CA THR C 381 -1.51 0.94 -26.86
C THR C 381 -2.27 -0.05 -27.73
N THR C 382 -3.59 0.10 -27.75
CA THR C 382 -4.45 -0.75 -28.56
C THR C 382 -4.22 -0.52 -30.06
N ALA C 383 -3.59 0.61 -30.38
CA ALA C 383 -3.38 0.99 -31.77
C ALA C 383 -2.47 0.03 -32.51
N ILE C 384 -1.61 -0.67 -31.77
CA ILE C 384 -0.65 -1.59 -32.40
C ILE C 384 -1.36 -2.76 -33.08
N ALA C 385 -2.63 -2.95 -32.73
CA ALA C 385 -3.45 -4.00 -33.34
C ALA C 385 -3.64 -3.73 -34.83
N GLU C 386 -3.45 -2.49 -35.24
CA GLU C 386 -3.53 -2.12 -36.65
C GLU C 386 -2.53 -2.93 -37.47
N ALA C 387 -1.35 -3.17 -36.90
CA ALA C 387 -0.32 -3.93 -37.58
C ALA C 387 -0.77 -5.36 -37.83
N TRP C 388 -1.46 -5.95 -36.86
CA TRP C 388 -2.02 -7.29 -37.02
C TRP C 388 -3.09 -7.27 -38.11
N ALA C 389 -3.92 -6.22 -38.10
CA ALA C 389 -5.04 -6.10 -39.03
C ALA C 389 -4.57 -6.02 -40.48
N ARG C 390 -3.61 -5.15 -40.74
CA ARG C 390 -3.05 -5.01 -42.08
C ARG C 390 -2.50 -6.33 -42.59
N LEU C 391 -1.80 -7.03 -41.70
CA LEU C 391 -1.16 -8.30 -42.04
C LEU C 391 -2.19 -9.41 -42.22
N ASP C 392 -3.22 -9.40 -41.37
CA ASP C 392 -4.28 -10.40 -41.45
C ASP C 392 -5.11 -10.23 -42.71
N HIS C 393 -5.24 -9.00 -43.19
CA HIS C 393 -6.00 -8.72 -44.40
C HIS C 393 -5.28 -9.28 -45.63
N LYS C 394 -3.96 -9.11 -45.67
CA LYS C 394 -3.15 -9.64 -46.76
C LYS C 394 -3.23 -11.16 -46.77
N PHE C 395 -3.15 -11.75 -45.58
CA PHE C 395 -3.28 -13.18 -45.40
C PHE C 395 -4.60 -13.70 -45.98
N ASP C 396 -5.69 -13.00 -45.67
CA ASP C 396 -7.02 -13.43 -46.08
C ASP C 396 -7.21 -13.40 -47.58
N LEU C 397 -6.64 -12.39 -48.24
CA LEU C 397 -6.78 -12.22 -49.69
C LEU C 397 -6.21 -13.42 -50.44
N MET C 398 -5.04 -13.87 -50.02
CA MET C 398 -4.36 -14.97 -50.70
C MET C 398 -4.92 -16.33 -50.28
N TYR C 399 -5.24 -16.49 -49.01
CA TYR C 399 -5.68 -17.77 -48.49
C TYR C 399 -7.10 -18.12 -48.95
N ALA C 400 -7.86 -17.11 -49.35
CA ALA C 400 -9.20 -17.34 -49.89
C ALA C 400 -9.11 -18.13 -51.19
N LYS C 401 -8.00 -17.96 -51.90
CA LYS C 401 -7.76 -18.67 -53.15
C LYS C 401 -6.73 -19.79 -52.94
N ARG C 402 -6.27 -19.95 -51.71
CA ARG C 402 -5.24 -20.93 -51.38
C ARG C 402 -3.97 -20.72 -52.21
N ALA C 403 -3.68 -19.47 -52.53
CA ALA C 403 -2.49 -19.13 -53.31
C ALA C 403 -1.22 -19.47 -52.53
N PHE C 404 -0.25 -20.08 -53.22
CA PHE C 404 1.05 -20.42 -52.64
C PHE C 404 0.98 -21.43 -51.50
N VAL C 405 -0.21 -21.91 -51.18
CA VAL C 405 -0.39 -22.81 -50.04
C VAL C 405 0.25 -24.17 -50.30
N HIS C 406 0.36 -24.55 -51.58
CA HIS C 406 0.89 -25.86 -51.94
C HIS C 406 2.37 -25.99 -51.57
N TRP C 407 3.07 -24.86 -51.54
CA TRP C 407 4.47 -24.86 -51.14
C TRP C 407 4.62 -25.28 -49.70
N TYR C 408 3.61 -25.00 -48.89
CA TYR C 408 3.62 -25.35 -47.48
C TYR C 408 3.16 -26.78 -47.28
N VAL C 409 2.10 -27.15 -47.99
CA VAL C 409 1.58 -28.51 -47.94
C VAL C 409 2.61 -29.51 -48.44
N GLY C 410 3.41 -29.08 -49.42
CA GLY C 410 4.43 -29.93 -49.99
C GLY C 410 5.53 -30.27 -49.00
N GLU C 411 5.71 -29.41 -47.99
CA GLU C 411 6.74 -29.62 -46.98
C GLU C 411 6.17 -30.31 -45.73
N GLY C 412 4.89 -30.66 -45.78
CA GLY C 412 4.27 -31.48 -44.75
C GLY C 412 3.24 -30.78 -43.88
N MET C 413 3.01 -29.49 -44.13
CA MET C 413 2.02 -28.74 -43.36
C MET C 413 0.60 -29.05 -43.82
N GLU C 414 -0.36 -28.71 -42.99
CA GLU C 414 -1.78 -28.92 -43.31
C GLU C 414 -2.51 -27.58 -43.38
N GLU C 415 -3.62 -27.56 -44.12
CA GLU C 415 -4.48 -26.38 -44.17
C GLU C 415 -4.97 -26.01 -42.78
N GLY C 416 -5.05 -27.01 -41.91
CA GLY C 416 -5.50 -26.81 -40.54
C GLY C 416 -4.65 -25.80 -39.80
N GLU C 417 -3.33 -25.87 -39.98
CA GLU C 417 -2.41 -24.98 -39.29
C GLU C 417 -2.62 -23.53 -39.71
N PHE C 418 -3.00 -23.32 -40.96
CA PHE C 418 -3.26 -21.98 -41.48
C PHE C 418 -4.48 -21.36 -40.81
N SER C 419 -5.60 -22.07 -40.86
CA SER C 419 -6.84 -21.60 -40.25
C SER C 419 -6.70 -21.48 -38.74
N GLU C 420 -6.01 -22.44 -38.14
CA GLU C 420 -5.75 -22.44 -36.70
CA GLU C 420 -5.79 -22.42 -36.70
C GLU C 420 -4.96 -21.20 -36.30
N ALA C 421 -4.01 -20.82 -37.15
CA ALA C 421 -3.17 -19.66 -36.88
C ALA C 421 -3.93 -18.36 -37.12
N ARG C 422 -4.76 -18.35 -38.15
CA ARG C 422 -5.54 -17.16 -38.49
C ARG C 422 -6.57 -16.85 -37.41
N GLU C 423 -7.19 -17.89 -36.87
CA GLU C 423 -8.20 -17.73 -35.84
C GLU C 423 -7.58 -17.18 -34.56
N ASP C 424 -6.33 -17.52 -34.32
CA ASP C 424 -5.62 -17.05 -33.14
C ASP C 424 -5.32 -15.55 -33.27
N MET C 425 -5.07 -15.11 -34.50
CA MET C 425 -4.87 -13.70 -34.78
C MET C 425 -6.19 -12.94 -34.68
N ALA C 426 -7.27 -13.60 -35.08
CA ALA C 426 -8.60 -13.00 -34.99
C ALA C 426 -8.98 -12.80 -33.53
N ALA C 427 -8.59 -13.75 -32.68
CA ALA C 427 -8.83 -13.64 -31.25
C ALA C 427 -7.95 -12.57 -30.64
N LEU C 428 -6.74 -12.43 -31.18
CA LEU C 428 -5.79 -11.43 -30.68
C LEU C 428 -6.26 -10.03 -31.03
N GLU C 429 -6.79 -9.86 -32.24
CA GLU C 429 -7.39 -8.59 -32.63
C GLU C 429 -8.57 -8.26 -31.73
N LYS C 430 -9.31 -9.30 -31.33
CA LYS C 430 -10.48 -9.14 -30.48
C LYS C 430 -10.06 -8.80 -29.05
N ASP C 431 -8.96 -9.38 -28.59
CA ASP C 431 -8.45 -9.11 -27.26
C ASP C 431 -8.04 -7.65 -27.12
N TYR C 432 -7.38 -7.12 -28.14
CA TYR C 432 -6.96 -5.72 -28.13
C TYR C 432 -8.16 -4.79 -28.23
N GLU C 433 -9.28 -5.31 -28.71
CA GLU C 433 -10.51 -4.55 -28.80
C GLU C 433 -11.20 -4.51 -27.44
N GLU C 434 -11.14 -5.63 -26.72
CA GLU C 434 -11.83 -5.77 -25.44
C GLU C 434 -11.17 -4.99 -24.32
N VAL C 435 -9.84 -4.96 -24.29
CA VAL C 435 -9.13 -4.24 -23.24
C VAL C 435 -9.39 -2.73 -23.30
N GLY C 436 -9.80 -2.26 -24.47
CA GLY C 436 -10.07 -0.85 -24.68
C GLY C 436 -11.43 -0.41 -24.21
N VAL C 437 -12.37 -1.34 -24.13
CA VAL C 437 -13.73 -1.04 -23.69
C VAL C 437 -13.74 -0.64 -22.23
N ASP C 438 -14.60 0.31 -21.88
CA ASP C 438 -14.72 0.78 -20.50
C ASP C 438 -15.33 -0.29 -19.60
N SER C 439 -14.88 -0.33 -18.35
CA SER C 439 -15.37 -1.31 -17.39
C SER C 439 -16.84 -1.09 -17.07
N VAL C 440 -17.58 -2.17 -16.90
CA VAL C 440 -19.00 -2.11 -16.59
C VAL C 440 -19.19 -1.71 -15.12
N ARG D 2 25.87 -23.52 -53.76
CA ARG D 2 24.59 -23.63 -54.46
C ARG D 2 24.55 -23.77 -56.00
N GLU D 3 24.71 -24.99 -56.49
CA GLU D 3 24.95 -25.27 -57.90
C GLU D 3 23.68 -25.52 -58.71
N ILE D 4 23.74 -25.16 -59.99
CA ILE D 4 22.71 -25.52 -60.96
C ILE D 4 23.34 -26.39 -62.04
N VAL D 5 22.68 -27.49 -62.37
CA VAL D 5 23.12 -28.39 -63.42
C VAL D 5 22.37 -28.08 -64.72
N HIS D 6 23.11 -27.65 -65.73
CA HIS D 6 22.51 -27.28 -67.01
C HIS D 6 22.43 -28.47 -67.96
N ILE D 7 21.35 -28.52 -68.73
CA ILE D 7 21.15 -29.55 -69.74
C ILE D 7 20.61 -28.91 -71.01
N GLN D 8 21.21 -29.23 -72.15
CA GLN D 8 20.72 -28.78 -73.44
C GLN D 8 20.50 -29.97 -74.37
N ALA D 9 19.28 -30.10 -74.88
CA ALA D 9 18.89 -31.25 -75.68
C ALA D 9 18.36 -30.82 -77.05
N GLY D 10 18.76 -31.56 -78.08
CA GLY D 10 18.30 -31.29 -79.44
C GLY D 10 19.07 -30.15 -80.08
N GLN D 11 18.74 -29.87 -81.34
CA GLN D 11 19.43 -28.82 -82.09
C GLN D 11 19.14 -27.44 -81.51
N CYS D 12 17.86 -27.12 -81.34
CA CYS D 12 17.46 -25.83 -80.78
C CYS D 12 18.06 -25.63 -79.40
N GLY D 13 17.94 -26.64 -78.56
CA GLY D 13 18.46 -26.58 -77.20
C GLY D 13 19.95 -26.32 -77.15
N ASN D 14 20.72 -27.06 -77.92
CA ASN D 14 22.18 -26.90 -77.94
C ASN D 14 22.60 -25.56 -78.52
N GLN D 15 21.87 -25.08 -79.51
CA GLN D 15 22.20 -23.82 -80.16
C GLN D 15 21.94 -22.62 -79.25
N ILE D 16 20.75 -22.56 -78.64
CA ILE D 16 20.46 -21.52 -77.67
C ILE D 16 21.26 -21.77 -76.40
N GLY D 17 21.49 -23.04 -76.10
CA GLY D 17 22.29 -23.42 -74.95
C GLY D 17 23.72 -22.96 -75.11
N ALA D 18 24.27 -23.10 -76.31
CA ALA D 18 25.62 -22.65 -76.59
C ALA D 18 25.72 -21.13 -76.44
N LYS D 19 24.76 -20.42 -77.02
CA LYS D 19 24.74 -18.96 -76.93
C LYS D 19 24.64 -18.48 -75.49
N PHE D 20 23.88 -19.21 -74.67
CA PHE D 20 23.72 -18.87 -73.26
C PHE D 20 25.07 -18.84 -72.55
N TRP D 21 25.86 -19.89 -72.75
CA TRP D 21 27.17 -19.99 -72.10
C TRP D 21 28.17 -18.98 -72.63
N GLU D 22 28.03 -18.61 -73.91
CA GLU D 22 28.90 -17.60 -74.50
C GLU D 22 28.69 -16.24 -73.85
N VAL D 23 27.43 -15.87 -73.65
CA VAL D 23 27.09 -14.57 -73.12
C VAL D 23 27.48 -14.43 -71.65
N ILE D 24 27.13 -15.41 -70.82
CA ILE D 24 27.38 -15.31 -69.40
C ILE D 24 28.87 -15.50 -69.08
N SER D 25 29.57 -16.24 -69.94
CA SER D 25 31.00 -16.42 -69.78
C SER D 25 31.71 -15.08 -69.94
N ASP D 26 31.21 -14.27 -70.86
CA ASP D 26 31.73 -12.92 -71.08
C ASP D 26 31.41 -12.02 -69.88
N GLU D 27 30.21 -12.18 -69.34
CA GLU D 27 29.80 -11.39 -68.19
C GLU D 27 30.62 -11.74 -66.96
N HIS D 28 31.00 -13.01 -66.85
CA HIS D 28 31.79 -13.49 -65.71
C HIS D 28 33.29 -13.40 -65.98
N GLY D 29 33.67 -13.03 -67.20
CA GLY D 29 35.06 -12.84 -67.55
C GLY D 29 35.81 -14.14 -67.76
N ILE D 30 35.10 -15.16 -68.23
CA ILE D 30 35.70 -16.46 -68.52
C ILE D 30 35.96 -16.57 -70.03
N ASP D 31 37.19 -16.85 -70.40
CA ASP D 31 37.56 -17.01 -71.80
C ASP D 31 37.30 -18.45 -72.27
N PRO D 32 37.38 -18.70 -73.58
CA PRO D 32 37.10 -20.04 -74.10
C PRO D 32 37.98 -21.15 -73.55
N THR D 33 39.12 -20.80 -72.95
CA THR D 33 40.02 -21.80 -72.38
C THR D 33 39.59 -22.17 -70.96
N GLY D 34 38.68 -21.37 -70.40
CA GLY D 34 38.16 -21.62 -69.07
C GLY D 34 38.88 -20.84 -67.98
N SER D 35 39.70 -19.87 -68.40
CA SER D 35 40.47 -19.06 -67.45
C SER D 35 39.76 -17.73 -67.19
N TYR D 36 39.99 -17.17 -66.00
CA TYR D 36 39.38 -15.91 -65.61
C TYR D 36 40.31 -14.72 -65.87
N HIS D 37 39.82 -13.75 -66.63
CA HIS D 37 40.52 -12.50 -66.86
C HIS D 37 39.53 -11.34 -66.79
N GLY D 38 39.13 -10.99 -65.56
CA GLY D 38 38.12 -9.97 -65.34
C GLY D 38 38.63 -8.81 -64.51
N ASP D 39 37.72 -7.89 -64.18
CA ASP D 39 38.08 -6.66 -63.49
C ASP D 39 37.37 -6.53 -62.14
N SER D 40 36.22 -7.17 -62.00
CA SER D 40 35.41 -7.07 -60.80
C SER D 40 35.34 -8.39 -60.04
N ASP D 41 35.42 -8.31 -58.71
CA ASP D 41 35.32 -9.48 -57.86
C ASP D 41 33.90 -10.03 -57.82
N LEU D 42 32.93 -9.20 -58.24
CA LEU D 42 31.53 -9.61 -58.26
C LEU D 42 31.27 -10.64 -59.35
N GLN D 43 32.26 -10.85 -60.22
CA GLN D 43 32.14 -11.83 -61.29
C GLN D 43 32.34 -13.26 -60.78
N LEU D 44 33.07 -13.39 -59.66
CA LEU D 44 33.46 -14.69 -59.14
C LEU D 44 32.75 -15.07 -57.85
N GLU D 45 32.02 -14.13 -57.26
CA GLU D 45 31.40 -14.34 -55.95
C GLU D 45 30.39 -15.48 -55.98
N ARG D 46 29.71 -15.64 -57.12
CA ARG D 46 28.74 -16.72 -57.29
C ARG D 46 28.99 -17.46 -58.60
N ILE D 47 30.25 -17.68 -58.93
CA ILE D 47 30.61 -18.36 -60.16
C ILE D 47 30.27 -19.85 -60.08
N ASN D 48 30.31 -20.39 -58.87
CA ASN D 48 30.09 -21.81 -58.65
C ASN D 48 28.67 -22.27 -59.02
N VAL D 49 27.77 -21.32 -59.22
CA VAL D 49 26.39 -21.64 -59.56
C VAL D 49 26.30 -22.36 -60.91
N TYR D 50 27.16 -21.97 -61.85
CA TYR D 50 27.13 -22.51 -63.20
C TYR D 50 28.47 -23.13 -63.62
N TYR D 51 29.51 -22.95 -62.80
CA TYR D 51 30.85 -23.38 -63.17
C TYR D 51 31.53 -24.25 -62.11
N ASN D 52 32.16 -25.32 -62.57
CA ASN D 52 33.03 -26.14 -61.72
C ASN D 52 34.47 -25.66 -61.84
N GLU D 53 35.16 -25.54 -60.70
CA GLU D 53 36.55 -25.10 -60.69
C GLU D 53 37.51 -26.29 -60.69
N ALA D 54 38.27 -26.41 -61.78
CA ALA D 54 39.29 -27.45 -61.90
C ALA D 54 40.64 -26.87 -61.51
N THR D 55 41.63 -27.75 -61.35
CA THR D 55 42.98 -27.32 -61.00
C THR D 55 43.53 -26.42 -62.10
N GLY D 56 44.38 -25.46 -61.71
CA GLY D 56 44.89 -24.47 -62.63
C GLY D 56 43.96 -23.28 -62.70
N ASN D 57 43.05 -23.19 -61.73
CA ASN D 57 42.06 -22.11 -61.68
C ASN D 57 41.24 -22.03 -62.96
N LYS D 58 40.88 -23.20 -63.49
CA LYS D 58 40.06 -23.28 -64.69
C LYS D 58 38.60 -23.49 -64.32
N TYR D 59 37.71 -22.76 -64.99
CA TYR D 59 36.27 -22.85 -64.74
C TYR D 59 35.56 -23.61 -65.86
N VAL D 60 34.98 -24.75 -65.51
CA VAL D 60 34.29 -25.60 -66.48
C VAL D 60 32.78 -25.49 -66.28
N PRO D 61 32.03 -25.16 -67.35
CA PRO D 61 30.57 -25.12 -67.25
C PRO D 61 29.96 -26.45 -66.78
N ARG D 62 29.09 -26.38 -65.79
CA ARG D 62 28.38 -27.56 -65.32
C ARG D 62 27.24 -27.86 -66.29
N ALA D 63 27.61 -28.18 -67.53
CA ALA D 63 26.64 -28.36 -68.61
C ALA D 63 26.68 -29.78 -69.15
N ILE D 64 25.55 -30.22 -69.69
CA ILE D 64 25.41 -31.54 -70.29
C ILE D 64 24.75 -31.42 -71.65
N LEU D 65 25.51 -31.76 -72.69
CA LEU D 65 25.05 -31.62 -74.07
C LEU D 65 24.48 -32.95 -74.58
N VAL D 66 23.27 -32.89 -75.13
CA VAL D 66 22.54 -34.09 -75.50
C VAL D 66 21.87 -33.93 -76.86
N ASP D 67 21.87 -35.00 -77.66
CA ASP D 67 21.17 -35.02 -78.93
C ASP D 67 21.19 -36.43 -79.50
N LEU D 68 20.21 -36.74 -80.35
CA LEU D 68 20.15 -38.03 -81.05
C LEU D 68 20.77 -37.92 -82.44
N GLU D 69 21.37 -36.76 -82.73
CA GLU D 69 22.05 -36.53 -84.00
C GLU D 69 23.45 -35.96 -83.73
N PRO D 70 24.50 -36.67 -84.17
CA PRO D 70 25.87 -36.30 -83.79
C PRO D 70 26.37 -35.01 -84.43
N GLY D 71 25.73 -34.57 -85.52
CA GLY D 71 26.16 -33.38 -86.24
C GLY D 71 26.12 -32.12 -85.39
N THR D 72 25.09 -31.99 -84.57
CA THR D 72 24.90 -30.82 -83.72
C THR D 72 26.05 -30.66 -82.71
N MET D 73 26.60 -31.78 -82.26
CA MET D 73 27.65 -31.78 -81.25
C MET D 73 28.94 -31.22 -81.84
N ASP D 74 29.23 -31.63 -83.07
CA ASP D 74 30.46 -31.21 -83.74
C ASP D 74 30.46 -29.71 -83.98
N SER D 75 29.27 -29.14 -84.15
CA SER D 75 29.13 -27.71 -84.39
C SER D 75 29.47 -26.91 -83.14
N VAL D 76 28.98 -27.38 -82.00
CA VAL D 76 29.26 -26.74 -80.71
C VAL D 76 30.74 -26.80 -80.38
N ARG D 77 31.33 -27.99 -80.53
CA ARG D 77 32.73 -28.21 -80.19
C ARG D 77 33.64 -27.34 -81.05
N SER D 78 33.13 -26.93 -82.20
CA SER D 78 33.89 -26.08 -83.12
C SER D 78 33.59 -24.59 -82.87
N GLY D 79 32.59 -24.32 -82.06
CA GLY D 79 32.22 -22.95 -81.73
C GLY D 79 33.30 -22.24 -80.95
N PRO D 80 33.08 -20.94 -80.65
CA PRO D 80 34.08 -20.16 -79.91
C PRO D 80 34.38 -20.76 -78.53
N PHE D 81 33.34 -20.96 -77.73
CA PHE D 81 33.48 -21.60 -76.43
C PHE D 81 33.21 -23.09 -76.55
N GLY D 82 33.67 -23.69 -77.64
CA GLY D 82 33.47 -25.11 -77.86
C GLY D 82 34.40 -25.96 -77.00
N GLN D 83 35.58 -25.41 -76.69
CA GLN D 83 36.60 -26.14 -75.95
C GLN D 83 36.43 -26.03 -74.44
N ILE D 84 35.58 -25.12 -73.99
CA ILE D 84 35.40 -24.89 -72.55
C ILE D 84 34.65 -26.05 -71.92
N PHE D 85 33.77 -26.68 -72.70
CA PHE D 85 32.92 -27.76 -72.19
C PHE D 85 33.72 -29.01 -71.82
N ARG D 86 33.15 -29.83 -70.96
CA ARG D 86 33.76 -31.09 -70.57
C ARG D 86 33.52 -32.13 -71.66
N PRO D 87 34.60 -32.71 -72.22
CA PRO D 87 34.44 -33.67 -73.32
C PRO D 87 33.54 -34.86 -72.97
N ASP D 88 33.62 -35.33 -71.73
CA ASP D 88 32.83 -36.46 -71.29
C ASP D 88 31.34 -36.12 -71.19
N ASN D 89 31.04 -34.83 -71.07
CA ASN D 89 29.66 -34.39 -70.93
C ASN D 89 28.91 -34.32 -72.26
N PHE D 90 29.58 -34.72 -73.34
CA PHE D 90 28.93 -34.87 -74.63
C PHE D 90 28.34 -36.26 -74.73
N VAL D 91 27.02 -36.33 -74.93
CA VAL D 91 26.31 -37.61 -74.98
C VAL D 91 25.40 -37.65 -76.20
N PHE D 92 25.93 -38.12 -77.32
CA PHE D 92 25.17 -38.19 -78.56
C PHE D 92 24.94 -39.62 -79.02
N GLY D 93 23.80 -39.84 -79.67
CA GLY D 93 23.50 -41.12 -80.28
C GLY D 93 23.79 -41.06 -81.77
N GLN D 94 23.12 -41.92 -82.54
CA GLN D 94 23.29 -41.97 -83.98
C GLN D 94 21.95 -42.08 -84.71
N SER D 95 20.98 -42.71 -84.04
CA SER D 95 19.68 -42.99 -84.65
C SER D 95 19.00 -41.77 -85.27
N GLY D 96 18.92 -40.69 -84.50
CA GLY D 96 18.19 -39.50 -84.94
C GLY D 96 16.72 -39.66 -84.66
N ALA D 97 16.04 -38.55 -84.41
CA ALA D 97 14.63 -38.57 -84.02
C ALA D 97 13.72 -38.22 -85.19
N GLY D 98 14.23 -37.42 -86.11
CA GLY D 98 13.46 -37.03 -87.29
C GLY D 98 12.16 -36.31 -86.95
N ASN D 99 12.23 -35.37 -86.02
CA ASN D 99 11.08 -34.58 -85.62
C ASN D 99 9.88 -35.43 -85.21
N ASN D 100 10.12 -36.42 -84.36
CA ASN D 100 9.07 -37.30 -83.85
C ASN D 100 9.15 -37.41 -82.34
N TRP D 101 8.15 -36.87 -81.66
CA TRP D 101 8.12 -36.85 -80.20
C TRP D 101 8.12 -38.27 -79.63
N ALA D 102 7.44 -39.18 -80.32
CA ALA D 102 7.36 -40.57 -79.86
C ALA D 102 8.72 -41.24 -79.86
N LYS D 103 9.52 -40.95 -80.88
CA LYS D 103 10.85 -41.53 -80.99
C LYS D 103 11.77 -41.03 -79.88
N GLY D 104 11.69 -39.73 -79.61
CA GLY D 104 12.54 -39.11 -78.61
C GLY D 104 12.15 -39.46 -77.18
N HIS D 105 10.90 -39.87 -76.99
CA HIS D 105 10.37 -40.08 -75.64
C HIS D 105 10.24 -41.55 -75.25
N TYR D 106 9.89 -42.40 -76.21
CA TYR D 106 9.54 -43.80 -75.91
C TYR D 106 10.56 -44.83 -76.38
N THR D 107 11.22 -44.58 -77.52
CA THR D 107 12.10 -45.58 -78.11
C THR D 107 13.55 -45.11 -78.23
N GLU D 108 13.82 -44.26 -79.21
CA GLU D 108 15.18 -43.82 -79.50
C GLU D 108 15.83 -43.15 -78.30
N GLY D 109 15.15 -42.14 -77.76
CA GLY D 109 15.66 -41.41 -76.61
C GLY D 109 15.74 -42.27 -75.37
N ALA D 110 14.80 -43.20 -75.23
CA ALA D 110 14.77 -44.12 -74.10
C ALA D 110 16.02 -45.01 -74.09
N GLU D 111 16.64 -45.15 -75.25
CA GLU D 111 17.84 -45.98 -75.38
C GLU D 111 19.09 -45.23 -74.93
N LEU D 112 19.08 -43.91 -75.14
CA LEU D 112 20.22 -43.06 -74.83
C LEU D 112 20.11 -42.42 -73.44
N VAL D 113 18.92 -42.45 -72.85
CA VAL D 113 18.65 -41.68 -71.65
C VAL D 113 19.52 -42.09 -70.46
N ASP D 114 19.79 -43.38 -70.33
CA ASP D 114 20.53 -43.89 -69.19
C ASP D 114 21.98 -43.40 -69.20
N SER D 115 22.52 -43.18 -70.38
CA SER D 115 23.88 -42.69 -70.53
C SER D 115 23.96 -41.19 -70.23
N VAL D 116 22.82 -40.51 -70.33
CA VAL D 116 22.76 -39.10 -69.97
C VAL D 116 22.70 -38.97 -68.45
N LEU D 117 21.85 -39.79 -67.83
CA LEU D 117 21.68 -39.76 -66.38
C LEU D 117 22.99 -40.03 -65.65
N ASP D 118 23.86 -40.81 -66.27
CA ASP D 118 25.17 -41.11 -65.70
C ASP D 118 26.01 -39.85 -65.59
N VAL D 119 25.86 -38.96 -66.56
CA VAL D 119 26.59 -37.69 -66.57
C VAL D 119 25.95 -36.71 -65.59
N VAL D 120 24.62 -36.72 -65.54
CA VAL D 120 23.89 -35.90 -64.58
C VAL D 120 24.28 -36.30 -63.15
N ARG D 121 24.36 -37.60 -62.92
CA ARG D 121 24.65 -38.12 -61.59
C ARG D 121 26.08 -37.80 -61.17
N LYS D 122 27.01 -37.83 -62.12
CA LYS D 122 28.40 -37.47 -61.85
C LYS D 122 28.47 -36.03 -61.38
N GLU D 123 27.88 -35.13 -62.17
CA GLU D 123 27.90 -33.72 -61.86
C GLU D 123 27.22 -33.46 -60.50
N SER D 124 26.05 -34.05 -60.32
CA SER D 124 25.25 -33.82 -59.12
C SER D 124 25.95 -34.27 -57.83
N GLU D 125 26.68 -35.38 -57.90
CA GLU D 125 27.32 -35.93 -56.70
C GLU D 125 28.38 -34.99 -56.13
N SER D 126 29.03 -34.22 -57.00
CA SER D 126 30.11 -33.34 -56.57
C SER D 126 29.60 -31.96 -56.16
N CYS D 127 28.30 -31.77 -56.19
CA CYS D 127 27.70 -30.49 -55.77
C CYS D 127 27.67 -30.39 -54.25
N ASP D 128 28.07 -29.23 -53.73
CA ASP D 128 28.00 -28.98 -52.30
C ASP D 128 26.53 -28.94 -51.86
N CYS D 129 25.71 -28.24 -52.65
CA CYS D 129 24.27 -28.20 -52.42
C CYS D 129 23.55 -27.85 -53.72
N LEU D 130 23.00 -28.87 -54.36
CA LEU D 130 22.37 -28.72 -55.68
C LEU D 130 21.04 -27.99 -55.62
N GLN D 131 20.91 -26.92 -56.38
CA GLN D 131 19.64 -26.23 -56.54
C GLN D 131 18.67 -27.09 -57.31
N GLY D 132 19.03 -27.40 -58.54
CA GLY D 132 18.16 -28.15 -59.44
C GLY D 132 18.72 -28.16 -60.85
N PHE D 133 17.83 -28.20 -61.83
CA PHE D 133 18.21 -28.32 -63.23
C PHE D 133 17.45 -27.35 -64.12
N GLN D 134 18.15 -26.78 -65.10
CA GLN D 134 17.49 -25.98 -66.14
C GLN D 134 17.74 -26.61 -67.51
N LEU D 135 16.66 -26.82 -68.25
CA LEU D 135 16.72 -27.48 -69.55
C LEU D 135 16.43 -26.53 -70.68
N THR D 136 17.35 -26.42 -71.64
CA THR D 136 17.12 -25.69 -72.87
C THR D 136 16.74 -26.66 -73.98
N HIS D 137 15.62 -26.38 -74.64
CA HIS D 137 15.12 -27.28 -75.68
C HIS D 137 13.97 -26.62 -76.45
N SER D 138 13.56 -27.29 -77.53
CA SER D 138 12.37 -26.90 -78.27
C SER D 138 11.27 -27.93 -78.04
N LEU D 139 10.03 -27.52 -78.30
CA LEU D 139 8.88 -28.41 -78.13
C LEU D 139 8.30 -28.81 -79.49
N GLY D 140 8.94 -28.38 -80.56
CA GLY D 140 8.48 -28.63 -81.91
C GLY D 140 9.18 -29.82 -82.56
N GLY D 141 10.38 -30.13 -82.09
CA GLY D 141 11.16 -31.20 -82.67
C GLY D 141 10.79 -32.56 -82.13
N GLY D 142 11.78 -33.43 -81.98
CA GLY D 142 11.58 -34.77 -81.47
C GLY D 142 12.50 -35.08 -80.29
N THR D 143 13.76 -34.67 -80.41
CA THR D 143 14.74 -34.92 -79.37
C THR D 143 14.52 -33.99 -78.17
N GLY D 144 14.75 -32.70 -78.38
CA GLY D 144 14.60 -31.70 -77.33
C GLY D 144 13.22 -31.71 -76.72
N SER D 145 12.22 -32.10 -77.50
CA SER D 145 10.84 -32.17 -77.02
C SER D 145 10.56 -33.52 -76.37
N GLY D 146 10.78 -34.59 -77.12
CA GLY D 146 10.49 -35.93 -76.63
C GLY D 146 11.43 -36.40 -75.55
N MET D 147 12.74 -36.37 -75.84
CA MET D 147 13.74 -36.84 -74.89
C MET D 147 13.93 -35.83 -73.75
N GLY D 148 13.70 -34.56 -74.06
CA GLY D 148 13.79 -33.52 -73.05
C GLY D 148 12.80 -33.74 -71.94
N THR D 149 11.56 -34.03 -72.30
CA THR D 149 10.51 -34.27 -71.33
C THR D 149 10.68 -35.62 -70.64
N LEU D 150 11.41 -36.53 -71.29
CA LEU D 150 11.72 -37.82 -70.69
C LEU D 150 12.75 -37.67 -69.59
N LEU D 151 13.85 -36.99 -69.92
CA LEU D 151 14.92 -36.72 -68.96
C LEU D 151 14.37 -36.03 -67.71
N ILE D 152 13.50 -35.07 -67.92
CA ILE D 152 12.84 -34.35 -66.84
C ILE D 152 12.15 -35.31 -65.88
N SER D 153 11.42 -36.27 -66.45
CA SER D 153 10.70 -37.25 -65.65
CA SER D 153 10.70 -37.25 -65.65
C SER D 153 11.65 -38.16 -64.87
N LYS D 154 12.75 -38.55 -65.53
CA LYS D 154 13.72 -39.44 -64.90
C LYS D 154 14.55 -38.72 -63.84
N ILE D 155 14.92 -37.48 -64.13
CA ILE D 155 15.69 -36.67 -63.18
C ILE D 155 14.85 -36.40 -61.93
N ARG D 156 13.56 -36.15 -62.14
CA ARG D 156 12.64 -35.87 -61.04
C ARG D 156 12.44 -37.11 -60.18
N GLU D 157 12.72 -38.28 -60.76
CA GLU D 157 12.58 -39.54 -60.05
C GLU D 157 13.76 -39.76 -59.10
N GLU D 158 14.92 -39.23 -59.48
CA GLU D 158 16.13 -39.35 -58.67
C GLU D 158 16.38 -38.11 -57.83
N TYR D 159 15.81 -36.99 -58.26
CA TYR D 159 15.96 -35.73 -57.55
C TYR D 159 14.60 -35.04 -57.41
N PRO D 160 13.67 -35.69 -56.69
CA PRO D 160 12.30 -35.18 -56.53
C PRO D 160 12.23 -33.88 -55.72
N ASP D 161 13.19 -33.67 -54.82
CA ASP D 161 13.20 -32.50 -53.96
C ASP D 161 14.12 -31.41 -54.50
N ARG D 162 14.35 -31.42 -55.81
CA ARG D 162 15.14 -30.40 -56.49
C ARG D 162 14.30 -29.71 -57.54
N ILE D 163 14.52 -28.41 -57.72
CA ILE D 163 13.74 -27.61 -58.66
C ILE D 163 14.04 -27.98 -60.10
N MET D 164 12.99 -28.09 -60.90
CA MET D 164 13.12 -28.39 -62.32
C MET D 164 12.70 -27.19 -63.17
N ASN D 165 13.68 -26.48 -63.69
CA ASN D 165 13.45 -25.32 -64.54
C ASN D 165 13.64 -25.69 -66.01
N THR D 166 12.97 -24.97 -66.91
CA THR D 166 13.13 -25.22 -68.34
C THR D 166 12.96 -23.96 -69.17
N PHE D 167 13.76 -23.86 -70.23
CA PHE D 167 13.59 -22.83 -71.25
C PHE D 167 13.03 -23.45 -72.52
N SER D 168 11.70 -23.52 -72.61
CA SER D 168 11.04 -24.23 -73.70
C SER D 168 10.74 -23.31 -74.87
N VAL D 169 11.26 -23.66 -76.04
CA VAL D 169 11.03 -22.89 -77.26
C VAL D 169 9.78 -23.40 -77.97
N MET D 170 8.80 -22.52 -78.12
CA MET D 170 7.51 -22.90 -78.71
C MET D 170 7.56 -22.82 -80.23
N PRO D 171 6.90 -23.77 -80.92
CA PRO D 171 6.91 -23.78 -82.39
C PRO D 171 5.99 -22.72 -83.00
N SER D 172 6.30 -22.29 -84.22
CA SER D 172 5.48 -21.30 -84.92
C SER D 172 5.62 -21.48 -86.44
N PRO D 173 4.48 -21.49 -87.17
CA PRO D 173 4.54 -21.62 -88.62
C PRO D 173 5.40 -20.57 -89.32
N LYS D 174 5.62 -19.43 -88.66
CA LYS D 174 6.42 -18.35 -89.23
C LYS D 174 7.90 -18.71 -89.31
N VAL D 175 8.29 -19.77 -88.58
CA VAL D 175 9.71 -20.16 -88.48
C VAL D 175 9.94 -21.57 -88.99
N SER D 176 8.97 -22.45 -88.77
CA SER D 176 9.11 -23.85 -89.18
C SER D 176 7.97 -24.26 -90.12
N ASP D 177 8.29 -25.12 -91.08
CA ASP D 177 7.31 -25.61 -92.05
C ASP D 177 6.81 -27.01 -91.67
N THR D 178 7.48 -27.64 -90.71
CA THR D 178 7.07 -28.93 -90.19
C THR D 178 5.66 -28.80 -89.60
N VAL D 179 4.71 -29.54 -90.14
CA VAL D 179 3.31 -29.35 -89.81
C VAL D 179 2.86 -30.11 -88.56
N VAL D 180 3.66 -31.06 -88.10
CA VAL D 180 3.29 -31.86 -86.92
C VAL D 180 3.83 -31.28 -85.62
N GLU D 181 4.36 -30.06 -85.67
CA GLU D 181 4.90 -29.42 -84.48
C GLU D 181 3.84 -29.19 -83.40
N PRO D 182 2.58 -28.93 -83.81
CA PRO D 182 1.51 -28.84 -82.79
C PRO D 182 1.34 -30.13 -81.98
N TYR D 183 1.63 -31.29 -82.58
CA TYR D 183 1.60 -32.55 -81.84
C TYR D 183 2.69 -32.57 -80.79
N ASN D 184 3.93 -32.36 -81.23
CA ASN D 184 5.08 -32.42 -80.35
C ASN D 184 4.96 -31.43 -79.19
N ALA D 185 4.50 -30.22 -79.50
CA ALA D 185 4.35 -29.19 -78.49
C ALA D 185 3.28 -29.56 -77.47
N THR D 186 2.12 -29.97 -77.96
CA THR D 186 1.01 -30.37 -77.09
C THR D 186 1.42 -31.53 -76.19
N LEU D 187 2.08 -32.52 -76.78
CA LEU D 187 2.55 -33.68 -76.02
C LEU D 187 3.59 -33.26 -74.99
N SER D 188 4.39 -32.26 -75.33
CA SER D 188 5.41 -31.75 -74.42
C SER D 188 4.80 -31.00 -73.25
N VAL D 189 3.87 -30.10 -73.55
CA VAL D 189 3.19 -29.33 -72.52
C VAL D 189 2.48 -30.27 -71.54
N HIS D 190 1.94 -31.36 -72.06
CA HIS D 190 1.28 -32.36 -71.23
C HIS D 190 2.24 -32.92 -70.18
N GLN D 191 3.54 -32.89 -70.50
CA GLN D 191 4.57 -33.35 -69.58
C GLN D 191 5.06 -32.22 -68.67
N LEU D 192 5.21 -31.04 -69.25
CA LEU D 192 5.76 -29.89 -68.53
C LEU D 192 4.84 -29.42 -67.40
N VAL D 193 3.54 -29.61 -67.57
CA VAL D 193 2.56 -29.20 -66.58
C VAL D 193 2.70 -30.01 -65.29
N GLU D 194 3.19 -31.25 -65.42
CA GLU D 194 3.22 -32.19 -64.31
C GLU D 194 4.58 -32.29 -63.62
N ASN D 195 5.65 -32.00 -64.36
CA ASN D 195 7.00 -32.36 -63.92
C ASN D 195 8.02 -31.23 -63.91
N THR D 196 7.58 -30.00 -64.14
CA THR D 196 8.46 -28.84 -64.03
C THR D 196 7.88 -27.82 -63.04
N ASP D 197 8.77 -27.16 -62.32
CA ASP D 197 8.38 -26.20 -61.29
C ASP D 197 8.27 -24.79 -61.85
N GLU D 198 8.94 -24.54 -62.98
CA GLU D 198 8.92 -23.23 -63.62
C GLU D 198 9.47 -23.29 -65.04
N THR D 199 8.67 -22.81 -65.99
CA THR D 199 9.01 -22.88 -67.41
C THR D 199 8.96 -21.51 -68.07
N TYR D 200 10.08 -21.09 -68.64
CA TYR D 200 10.13 -19.85 -69.43
C TYR D 200 9.67 -20.13 -70.85
N CYS D 201 8.57 -19.50 -71.25
CA CYS D 201 7.99 -19.72 -72.57
C CYS D 201 8.66 -18.85 -73.63
N ILE D 202 9.73 -19.37 -74.22
CA ILE D 202 10.36 -18.74 -75.37
C ILE D 202 9.51 -19.06 -76.60
N ASP D 203 8.98 -18.03 -77.26
CA ASP D 203 8.06 -18.23 -78.37
C ASP D 203 8.62 -17.73 -79.69
N ASN D 204 8.88 -18.65 -80.61
CA ASN D 204 9.40 -18.31 -81.93
C ASN D 204 8.49 -17.34 -82.68
N GLU D 205 7.18 -17.46 -82.46
CA GLU D 205 6.22 -16.54 -83.03
C GLU D 205 6.53 -15.12 -82.57
N ALA D 206 6.85 -14.99 -81.28
CA ALA D 206 7.19 -13.69 -80.71
C ALA D 206 8.56 -13.23 -81.19
N LEU D 207 9.53 -14.14 -81.16
CA LEU D 207 10.88 -13.82 -81.59
C LEU D 207 10.90 -13.34 -83.05
N TYR D 208 10.09 -13.99 -83.88
CA TYR D 208 10.02 -13.62 -85.29
C TYR D 208 9.46 -12.22 -85.47
N ASP D 209 8.30 -11.95 -84.86
CA ASP D 209 7.64 -10.66 -84.97
C ASP D 209 8.52 -9.53 -84.49
N ILE D 210 9.33 -9.80 -83.46
CA ILE D 210 10.27 -8.81 -82.95
C ILE D 210 11.36 -8.53 -83.98
N CYS D 211 11.96 -9.60 -84.50
CA CYS D 211 13.02 -9.46 -85.51
C CYS D 211 12.51 -8.74 -86.76
N PHE D 212 11.30 -9.09 -87.19
CA PHE D 212 10.74 -8.53 -88.42
C PHE D 212 10.23 -7.11 -88.23
N ARG D 213 9.27 -6.95 -87.31
CA ARG D 213 8.59 -5.67 -87.14
C ARG D 213 9.45 -4.63 -86.43
N THR D 214 10.02 -5.01 -85.28
CA THR D 214 10.78 -4.07 -84.47
C THR D 214 12.20 -3.88 -85.01
N LEU D 215 12.97 -4.96 -85.06
CA LEU D 215 14.38 -4.87 -85.45
C LEU D 215 14.55 -4.66 -86.95
N LYS D 216 13.45 -4.72 -87.70
CA LYS D 216 13.48 -4.52 -89.14
C LYS D 216 14.41 -5.50 -89.85
N LEU D 217 14.09 -6.79 -89.74
CA LEU D 217 14.83 -7.84 -90.42
C LEU D 217 13.88 -8.64 -91.31
N THR D 218 13.95 -8.37 -92.62
CA THR D 218 13.07 -9.03 -93.58
C THR D 218 13.29 -10.54 -93.62
N THR D 219 14.54 -10.95 -93.43
CA THR D 219 14.91 -12.36 -93.43
C THR D 219 15.61 -12.74 -92.13
N PRO D 220 14.81 -13.09 -91.10
CA PRO D 220 15.38 -13.46 -89.79
C PRO D 220 15.92 -14.88 -89.77
N THR D 221 17.22 -15.02 -89.53
CA THR D 221 17.84 -16.33 -89.36
C THR D 221 17.63 -16.81 -87.93
N TYR D 222 17.96 -18.07 -87.67
CA TYR D 222 17.91 -18.60 -86.31
C TYR D 222 18.87 -17.82 -85.42
N GLY D 223 19.94 -17.30 -86.02
CA GLY D 223 20.93 -16.53 -85.29
C GLY D 223 20.36 -15.22 -84.76
N ASP D 224 19.41 -14.65 -85.49
CA ASP D 224 18.77 -13.41 -85.07
C ASP D 224 17.81 -13.66 -83.93
N LEU D 225 17.10 -14.79 -84.00
CA LEU D 225 16.16 -15.18 -82.96
C LEU D 225 16.90 -15.46 -81.65
N ASN D 226 18.03 -16.16 -81.76
CA ASN D 226 18.78 -16.58 -80.59
C ASN D 226 19.46 -15.44 -79.86
N HIS D 227 19.71 -14.34 -80.57
CA HIS D 227 20.32 -13.17 -79.94
C HIS D 227 19.33 -12.54 -78.95
N LEU D 228 18.05 -12.74 -79.21
CA LEU D 228 17.00 -12.31 -78.29
C LEU D 228 16.94 -13.27 -77.10
N VAL D 229 16.95 -14.58 -77.41
CA VAL D 229 16.87 -15.61 -76.39
C VAL D 229 18.04 -15.50 -75.41
N SER D 230 19.24 -15.35 -75.94
CA SER D 230 20.44 -15.27 -75.12
C SER D 230 20.40 -14.03 -74.22
N ALA D 231 19.93 -12.92 -74.76
CA ALA D 231 19.78 -11.69 -74.00
C ALA D 231 18.73 -11.87 -72.92
N THR D 232 17.68 -12.63 -73.24
CA THR D 232 16.63 -12.94 -72.29
C THR D 232 17.14 -13.87 -71.21
N MET D 233 17.69 -15.01 -71.63
CA MET D 233 18.20 -16.02 -70.70
C MET D 233 19.27 -15.43 -69.79
N SER D 234 20.06 -14.51 -70.34
CA SER D 234 21.05 -13.81 -69.54
C SER D 234 20.37 -13.04 -68.42
N GLY D 235 19.29 -12.36 -68.77
CA GLY D 235 18.58 -11.50 -67.85
C GLY D 235 17.84 -12.22 -66.73
N VAL D 236 17.19 -13.33 -67.07
CA VAL D 236 16.38 -14.05 -66.09
C VAL D 236 17.23 -14.90 -65.15
N THR D 237 18.55 -14.89 -65.36
CA THR D 237 19.47 -15.66 -64.54
C THR D 237 20.47 -14.77 -63.79
N THR D 238 20.34 -13.46 -63.96
CA THR D 238 21.22 -12.50 -63.29
CA THR D 238 21.26 -12.55 -63.29
C THR D 238 21.12 -12.63 -61.77
N CYS D 239 19.89 -12.75 -61.30
CA CYS D 239 19.64 -12.88 -59.87
C CYS D 239 20.30 -14.13 -59.31
N LEU D 240 20.45 -15.14 -60.17
CA LEU D 240 21.07 -16.40 -59.78
C LEU D 240 22.59 -16.30 -59.83
N ARG D 241 23.10 -15.44 -60.71
CA ARG D 241 24.52 -15.43 -61.05
C ARG D 241 25.32 -14.33 -60.34
N PHE D 242 24.64 -13.33 -59.81
CA PHE D 242 25.29 -12.24 -59.09
C PHE D 242 24.73 -12.07 -57.69
N PRO D 243 25.51 -11.47 -56.78
CA PRO D 243 25.03 -11.24 -55.41
C PRO D 243 23.77 -10.37 -55.38
N GLY D 244 22.78 -10.79 -54.61
CA GLY D 244 21.52 -10.06 -54.53
C GLY D 244 20.61 -10.59 -53.44
N GLN D 245 19.44 -9.96 -53.31
CA GLN D 245 18.47 -10.30 -52.28
C GLN D 245 17.26 -11.02 -52.86
N LEU D 246 16.82 -10.58 -54.03
CA LEU D 246 15.57 -11.05 -54.62
C LEU D 246 15.78 -12.21 -55.60
N ASN D 247 15.05 -13.30 -55.37
CA ASN D 247 15.08 -14.46 -56.26
C ASN D 247 16.49 -14.95 -56.53
N ALA D 248 17.30 -15.03 -55.48
CA ALA D 248 18.71 -15.39 -55.62
C ALA D 248 18.92 -16.85 -55.99
N ASP D 249 17.86 -17.65 -55.88
CA ASP D 249 17.95 -19.07 -56.24
C ASP D 249 16.64 -19.55 -56.88
N LEU D 250 16.68 -20.77 -57.41
CA LEU D 250 15.56 -21.31 -58.18
C LEU D 250 14.31 -21.53 -57.34
N ARG D 251 14.48 -21.94 -56.08
CA ARG D 251 13.34 -22.23 -55.23
C ARG D 251 12.65 -20.95 -54.77
N LYS D 252 13.43 -19.97 -54.34
CA LYS D 252 12.88 -18.69 -53.90
C LYS D 252 12.19 -17.97 -55.06
N LEU D 253 12.63 -18.26 -56.28
CA LEU D 253 11.98 -17.73 -57.48
C LEU D 253 10.61 -18.38 -57.67
N ALA D 254 10.58 -19.70 -57.55
CA ALA D 254 9.35 -20.45 -57.75
C ALA D 254 8.29 -20.10 -56.71
N VAL D 255 8.73 -19.88 -55.48
CA VAL D 255 7.81 -19.53 -54.40
C VAL D 255 7.16 -18.17 -54.65
N ASN D 256 7.92 -17.25 -55.24
CA ASN D 256 7.41 -15.90 -55.51
C ASN D 256 6.60 -15.83 -56.81
N MET D 257 6.78 -16.81 -57.69
CA MET D 257 6.23 -16.74 -59.03
C MET D 257 5.09 -17.72 -59.31
N VAL D 258 5.01 -18.79 -58.52
CA VAL D 258 4.05 -19.87 -58.78
C VAL D 258 3.04 -19.97 -57.64
N PRO D 259 1.89 -19.29 -57.78
CA PRO D 259 0.84 -19.38 -56.74
C PRO D 259 0.12 -20.72 -56.77
N PHE D 260 0.15 -21.38 -57.92
CA PHE D 260 -0.46 -22.69 -58.09
C PHE D 260 0.45 -23.56 -58.96
N PRO D 261 0.66 -24.83 -58.55
CA PRO D 261 1.71 -25.68 -59.13
C PRO D 261 1.63 -25.85 -60.64
N ARG D 262 0.43 -25.85 -61.20
CA ARG D 262 0.25 -26.06 -62.63
C ARG D 262 0.53 -24.78 -63.43
N LEU D 263 0.24 -23.63 -62.83
CA LEU D 263 0.41 -22.35 -63.52
C LEU D 263 1.83 -21.83 -63.33
N HIS D 264 2.79 -22.49 -63.97
CA HIS D 264 4.20 -22.14 -63.84
C HIS D 264 4.83 -21.82 -65.20
N PHE D 265 4.02 -21.33 -66.13
CA PHE D 265 4.48 -20.97 -67.46
C PHE D 265 4.62 -19.46 -67.57
N PHE D 266 5.87 -18.99 -67.64
CA PHE D 266 6.17 -17.57 -67.56
C PHE D 266 6.23 -16.90 -68.93
N MET D 267 6.02 -15.59 -68.92
CA MET D 267 6.08 -14.76 -70.11
C MET D 267 7.26 -13.79 -70.00
N PRO D 268 8.41 -14.14 -70.61
CA PRO D 268 9.59 -13.28 -70.42
C PRO D 268 9.51 -11.99 -71.23
N GLY D 269 10.35 -11.02 -70.86
CA GLY D 269 10.42 -9.75 -71.56
C GLY D 269 11.79 -9.12 -71.39
N PHE D 270 12.15 -8.23 -72.30
CA PHE D 270 13.47 -7.60 -72.28
C PHE D 270 13.40 -6.20 -72.88
N ALA D 271 14.30 -5.33 -72.41
CA ALA D 271 14.40 -3.97 -72.95
C ALA D 271 15.77 -3.38 -72.63
N PRO D 272 16.32 -2.57 -73.54
CA PRO D 272 15.76 -2.19 -74.84
C PRO D 272 15.94 -3.28 -75.89
N LEU D 273 15.26 -3.12 -77.03
CA LEU D 273 15.40 -4.04 -78.15
C LEU D 273 15.95 -3.32 -79.37
N ALA D 283 17.26 9.39 -75.45
CA ALA D 283 17.91 8.92 -74.24
C ALA D 283 17.12 7.78 -73.60
N LEU D 284 17.84 6.75 -73.16
CA LEU D 284 17.20 5.60 -72.53
C LEU D 284 17.15 5.77 -71.02
N THR D 285 15.99 6.21 -70.53
CA THR D 285 15.82 6.54 -69.11
C THR D 285 15.08 5.43 -68.37
N VAL D 286 15.05 5.53 -67.05
CA VAL D 286 14.39 4.52 -66.21
C VAL D 286 12.88 4.47 -66.48
N PRO D 287 12.23 5.64 -66.59
CA PRO D 287 10.81 5.60 -66.95
C PRO D 287 10.57 4.99 -68.33
N GLU D 288 11.58 5.06 -69.20
CA GLU D 288 11.47 4.51 -70.55
C GLU D 288 11.69 3.00 -70.54
N LEU D 289 12.69 2.56 -69.79
CA LEU D 289 12.95 1.13 -69.61
C LEU D 289 11.71 0.43 -69.06
N THR D 290 11.10 1.05 -68.06
CA THR D 290 9.93 0.47 -67.39
C THR D 290 8.75 0.31 -68.34
N GLN D 291 8.51 1.33 -69.14
CA GLN D 291 7.36 1.34 -70.05
C GLN D 291 7.50 0.29 -71.14
N GLN D 292 8.73 0.07 -71.60
CA GLN D 292 9.00 -0.89 -72.66
C GLN D 292 8.85 -2.33 -72.19
N MET D 293 9.48 -2.65 -71.05
CA MET D 293 9.52 -4.03 -70.56
C MET D 293 8.11 -4.55 -70.24
N PHE D 294 7.18 -3.64 -70.01
CA PHE D 294 5.80 -4.00 -69.69
C PHE D 294 4.91 -3.97 -70.94
N ASP D 295 5.49 -3.61 -72.09
CA ASP D 295 4.74 -3.53 -73.34
C ASP D 295 4.71 -4.90 -74.03
N SER D 296 3.63 -5.16 -74.75
CA SER D 296 3.44 -6.44 -75.43
C SER D 296 4.48 -6.66 -76.53
N LYS D 297 4.99 -5.58 -77.10
CA LYS D 297 5.95 -5.66 -78.18
C LYS D 297 7.27 -6.27 -77.73
N ASN D 298 7.59 -6.12 -76.43
CA ASN D 298 8.84 -6.61 -75.88
C ASN D 298 8.71 -7.98 -75.22
N MET D 299 7.54 -8.58 -75.34
CA MET D 299 7.29 -9.88 -74.73
C MET D 299 7.84 -11.00 -75.62
N MET D 300 8.55 -11.94 -75.01
CA MET D 300 9.13 -13.06 -75.73
C MET D 300 8.12 -14.18 -75.95
N ALA D 301 6.90 -13.96 -75.48
CA ALA D 301 5.77 -14.86 -75.77
C ALA D 301 4.69 -14.08 -76.49
N ALA D 302 4.18 -14.64 -77.58
CA ALA D 302 3.21 -13.94 -78.42
C ALA D 302 1.87 -13.78 -77.71
N CYS D 303 1.85 -12.94 -76.68
CA CYS D 303 0.63 -12.69 -75.91
C CYS D 303 0.55 -11.25 -75.44
N ASP D 304 -0.66 -10.73 -75.41
CA ASP D 304 -0.92 -9.37 -74.94
C ASP D 304 -1.33 -9.41 -73.46
N PRO D 305 -0.50 -8.83 -72.57
CA PRO D 305 -0.87 -8.88 -71.14
C PRO D 305 -2.11 -8.06 -70.83
N ARG D 306 -2.46 -7.14 -71.73
CA ARG D 306 -3.68 -6.34 -71.57
C ARG D 306 -4.93 -7.20 -71.78
N HIS D 307 -4.74 -8.44 -72.20
CA HIS D 307 -5.85 -9.36 -72.42
C HIS D 307 -6.01 -10.34 -71.25
N GLY D 308 -5.27 -10.11 -70.17
CA GLY D 308 -5.35 -10.95 -68.99
C GLY D 308 -4.93 -10.22 -67.74
N ARG D 309 -4.55 -10.98 -66.71
CA ARG D 309 -4.10 -10.42 -65.45
C ARG D 309 -2.83 -11.08 -64.97
N TYR D 310 -1.94 -10.29 -64.39
CA TYR D 310 -0.69 -10.81 -63.82
C TYR D 310 -0.94 -11.42 -62.45
N LEU D 311 -0.58 -12.69 -62.29
CA LEU D 311 -0.60 -13.33 -60.98
C LEU D 311 0.61 -12.86 -60.19
N THR D 312 1.77 -12.92 -60.85
CA THR D 312 3.04 -12.52 -60.25
C THR D 312 3.95 -11.93 -61.32
N VAL D 313 4.89 -11.10 -60.89
CA VAL D 313 5.87 -10.51 -61.80
C VAL D 313 7.21 -10.33 -61.11
N ALA D 314 8.29 -10.65 -61.83
CA ALA D 314 9.64 -10.36 -61.39
C ALA D 314 10.33 -9.46 -62.40
N ALA D 315 10.77 -8.30 -61.95
CA ALA D 315 11.45 -7.33 -62.80
C ALA D 315 12.91 -7.21 -62.39
N ILE D 316 13.80 -7.18 -63.37
CA ILE D 316 15.23 -7.06 -63.12
C ILE D 316 15.83 -5.93 -63.94
N PHE D 317 16.38 -4.94 -63.24
CA PHE D 317 17.05 -3.82 -63.88
C PHE D 317 18.56 -4.01 -63.77
N ARG D 318 19.27 -3.68 -64.85
CA ARG D 318 20.72 -3.82 -64.90
C ARG D 318 21.38 -2.52 -65.33
N GLY D 319 22.50 -2.19 -64.68
CA GLY D 319 23.24 -0.98 -64.99
C GLY D 319 23.27 -0.02 -63.82
N ARG D 320 24.01 1.07 -63.97
CA ARG D 320 24.11 2.09 -62.94
C ARG D 320 22.97 3.10 -63.09
N MET D 321 22.04 3.08 -62.15
CA MET D 321 20.87 3.96 -62.20
C MET D 321 20.36 4.26 -60.80
N SER D 322 19.43 5.20 -60.71
CA SER D 322 18.90 5.63 -59.42
C SER D 322 17.94 4.60 -58.84
N MET D 323 18.23 4.12 -57.64
CA MET D 323 17.38 3.17 -56.96
C MET D 323 16.01 3.79 -56.68
N LYS D 324 16.03 5.07 -56.31
CA LYS D 324 14.81 5.80 -56.04
C LYS D 324 13.93 5.92 -57.28
N GLU D 325 14.56 6.16 -58.43
CA GLU D 325 13.82 6.35 -59.67
C GLU D 325 13.15 5.05 -60.11
N VAL D 326 13.85 3.93 -59.94
CA VAL D 326 13.29 2.63 -60.28
C VAL D 326 12.07 2.32 -59.43
N ASP D 327 12.20 2.53 -58.12
CA ASP D 327 11.10 2.26 -57.18
C ASP D 327 9.87 3.10 -57.53
N GLU D 328 10.10 4.34 -57.92
CA GLU D 328 9.00 5.26 -58.26
C GLU D 328 8.26 4.79 -59.52
N GLN D 329 9.01 4.43 -60.55
CA GLN D 329 8.41 4.03 -61.82
C GLN D 329 7.73 2.66 -61.70
N MET D 330 8.24 1.80 -60.83
CA MET D 330 7.63 0.49 -60.61
C MET D 330 6.34 0.62 -59.80
N LEU D 331 6.30 1.61 -58.92
CA LEU D 331 5.07 1.93 -58.20
C LEU D 331 4.08 2.60 -59.14
N ASN D 332 4.61 3.36 -60.09
CA ASN D 332 3.78 4.12 -61.02
C ASN D 332 3.09 3.24 -62.06
N VAL D 333 3.80 2.22 -62.54
CA VAL D 333 3.23 1.32 -63.54
C VAL D 333 2.11 0.49 -62.93
N GLN D 334 2.24 0.15 -61.65
CA GLN D 334 1.23 -0.63 -60.96
C GLN D 334 0.00 0.21 -60.66
N ASN D 335 0.22 1.48 -60.32
CA ASN D 335 -0.88 2.41 -60.07
C ASN D 335 -1.72 2.65 -61.32
N LYS D 336 -1.05 2.92 -62.43
CA LYS D 336 -1.72 3.26 -63.68
C LYS D 336 -2.34 2.04 -64.37
N ASN D 337 -1.84 0.85 -64.02
CA ASN D 337 -2.35 -0.39 -64.62
C ASN D 337 -2.76 -1.39 -63.55
N SER D 338 -3.46 -0.90 -62.54
CA SER D 338 -3.85 -1.73 -61.40
C SER D 338 -4.80 -2.86 -61.79
N SER D 339 -5.58 -2.64 -62.85
CA SER D 339 -6.58 -3.62 -63.26
C SER D 339 -5.96 -4.92 -63.77
N TYR D 340 -4.70 -4.84 -64.20
CA TYR D 340 -4.04 -5.98 -64.82
C TYR D 340 -3.19 -6.77 -63.83
N PHE D 341 -3.33 -6.46 -62.55
CA PHE D 341 -2.72 -7.23 -61.48
C PHE D 341 -3.81 -7.73 -60.55
N VAL D 342 -3.83 -9.03 -60.29
CA VAL D 342 -4.86 -9.62 -59.42
C VAL D 342 -4.78 -8.98 -58.04
N GLU D 343 -5.95 -8.61 -57.53
CA GLU D 343 -6.03 -7.90 -56.25
C GLU D 343 -5.87 -8.83 -55.05
N TRP D 344 -6.10 -10.11 -55.27
CA TRP D 344 -6.08 -11.09 -54.17
C TRP D 344 -4.68 -11.66 -53.92
N ILE D 345 -3.67 -11.08 -54.57
CA ILE D 345 -2.27 -11.35 -54.22
C ILE D 345 -1.55 -10.02 -53.98
N PRO D 346 -1.45 -9.60 -52.71
CA PRO D 346 -0.78 -8.33 -52.39
C PRO D 346 0.70 -8.32 -52.74
N ASN D 347 1.18 -7.19 -53.27
CA ASN D 347 2.60 -7.00 -53.52
C ASN D 347 3.20 -8.11 -54.39
N ASN D 348 2.54 -8.38 -55.52
CA ASN D 348 2.92 -9.48 -56.39
C ASN D 348 3.91 -9.07 -57.48
N VAL D 349 4.58 -7.95 -57.27
CA VAL D 349 5.58 -7.46 -58.22
C VAL D 349 6.86 -7.09 -57.48
N LYS D 350 7.88 -7.93 -57.61
CA LYS D 350 9.17 -7.70 -56.98
C LYS D 350 10.17 -7.14 -57.99
N THR D 351 11.15 -6.40 -57.49
CA THR D 351 12.13 -5.73 -58.34
C THR D 351 13.55 -5.88 -57.79
N ALA D 352 14.47 -6.24 -58.67
CA ALA D 352 15.89 -6.36 -58.33
C ALA D 352 16.72 -5.44 -59.22
N VAL D 353 17.86 -5.00 -58.70
CA VAL D 353 18.78 -4.17 -59.45
C VAL D 353 20.21 -4.70 -59.35
N CYS D 354 20.81 -4.97 -60.50
CA CYS D 354 22.20 -5.41 -60.58
C CYS D 354 23.05 -4.31 -61.19
N ASP D 355 24.17 -3.99 -60.53
CA ASP D 355 25.03 -2.91 -60.99
C ASP D 355 25.69 -3.25 -62.33
N ILE D 356 25.93 -4.54 -62.56
CA ILE D 356 26.60 -5.00 -63.76
C ILE D 356 25.63 -5.09 -64.93
N PRO D 357 25.83 -4.27 -65.98
CA PRO D 357 24.95 -4.39 -67.16
C PRO D 357 25.42 -5.48 -68.12
N PRO D 358 24.56 -5.87 -69.08
CA PRO D 358 24.97 -6.84 -70.10
C PRO D 358 25.94 -6.24 -71.10
N ARG D 359 26.39 -7.03 -72.07
CA ARG D 359 27.38 -6.58 -73.03
C ARG D 359 26.78 -5.62 -74.06
N GLY D 360 27.37 -4.43 -74.15
CA GLY D 360 26.98 -3.45 -75.16
C GLY D 360 25.78 -2.62 -74.79
N LEU D 361 25.54 -2.47 -73.49
CA LEU D 361 24.42 -1.66 -73.00
C LEU D 361 24.78 -0.95 -71.71
N LYS D 362 24.41 0.31 -71.60
CA LYS D 362 24.61 1.09 -70.38
C LYS D 362 23.64 0.63 -69.30
N MET D 363 22.45 0.23 -69.72
CA MET D 363 21.45 -0.29 -68.79
C MET D 363 20.33 -1.03 -69.53
N SER D 364 19.81 -2.08 -68.91
CA SER D 364 18.75 -2.89 -69.50
C SER D 364 17.70 -3.24 -68.46
N ALA D 365 16.65 -3.93 -68.91
CA ALA D 365 15.57 -4.34 -68.01
C ALA D 365 14.97 -5.66 -68.49
N THR D 366 14.97 -6.66 -67.61
CA THR D 366 14.43 -7.98 -67.94
C THR D 366 13.14 -8.23 -67.16
N PHE D 367 12.13 -8.74 -67.87
CA PHE D 367 10.80 -8.93 -67.32
C PHE D 367 10.43 -10.41 -67.28
N ILE D 368 9.94 -10.86 -66.12
CA ILE D 368 9.40 -12.21 -65.97
C ILE D 368 7.98 -12.12 -65.41
N GLY D 369 7.01 -12.55 -66.21
CA GLY D 369 5.60 -12.42 -65.84
C GLY D 369 4.84 -13.73 -65.89
N ASN D 370 4.04 -13.97 -64.84
CA ASN D 370 3.11 -15.09 -64.81
C ASN D 370 1.70 -14.57 -65.06
N SER D 371 1.37 -14.39 -66.33
CA SER D 371 0.10 -13.80 -66.72
C SER D 371 -0.89 -14.87 -67.15
N THR D 372 -2.17 -14.61 -66.89
CA THR D 372 -3.24 -15.49 -67.35
C THR D 372 -3.43 -15.33 -68.86
N ALA D 373 -2.80 -14.31 -69.43
CA ALA D 373 -2.85 -14.08 -70.87
C ALA D 373 -1.96 -15.07 -71.61
N ILE D 374 -1.23 -15.90 -70.87
CA ILE D 374 -0.39 -16.93 -71.48
C ILE D 374 -1.26 -17.94 -72.20
N GLN D 375 -2.55 -17.97 -71.87
CA GLN D 375 -3.48 -18.90 -72.49
C GLN D 375 -3.61 -18.65 -73.99
N GLU D 376 -3.34 -17.41 -74.41
CA GLU D 376 -3.35 -17.07 -75.83
C GLU D 376 -2.35 -17.95 -76.59
N LEU D 377 -1.21 -18.21 -75.95
CA LEU D 377 -0.18 -19.07 -76.53
C LEU D 377 -0.68 -20.50 -76.63
N PHE D 378 -1.16 -21.04 -75.51
CA PHE D 378 -1.64 -22.41 -75.45
C PHE D 378 -2.89 -22.62 -76.30
N LYS D 379 -3.62 -21.53 -76.54
CA LYS D 379 -4.81 -21.59 -77.40
C LYS D 379 -4.40 -21.72 -78.86
N ARG D 380 -3.32 -21.04 -79.22
CA ARG D 380 -2.79 -21.11 -80.59
C ARG D 380 -2.35 -22.52 -80.92
N ILE D 381 -1.62 -23.14 -80.00
CA ILE D 381 -1.16 -24.51 -80.17
C ILE D 381 -2.34 -25.47 -80.20
N SER D 382 -3.27 -25.28 -79.27
CA SER D 382 -4.44 -26.14 -79.16
C SER D 382 -5.28 -26.10 -80.43
N GLU D 383 -5.24 -24.98 -81.13
CA GLU D 383 -6.01 -24.80 -82.35
C GLU D 383 -5.38 -25.60 -83.49
N GLN D 384 -4.07 -25.43 -83.66
CA GLN D 384 -3.32 -26.12 -84.70
C GLN D 384 -3.31 -27.62 -84.46
N PHE D 385 -3.23 -28.01 -83.20
CA PHE D 385 -3.24 -29.42 -82.81
C PHE D 385 -4.53 -30.09 -83.24
N THR D 386 -5.66 -29.42 -83.02
CA THR D 386 -6.96 -30.01 -83.25
C THR D 386 -7.31 -30.04 -84.73
N ALA D 387 -6.79 -29.07 -85.49
CA ALA D 387 -7.07 -28.97 -86.92
C ALA D 387 -6.52 -30.20 -87.66
N MET D 388 -5.53 -30.85 -87.06
CA MET D 388 -4.91 -32.04 -87.66
C MET D 388 -5.40 -33.33 -87.01
N PHE D 389 -5.49 -33.33 -85.69
CA PHE D 389 -5.86 -34.54 -84.96
C PHE D 389 -7.29 -34.98 -85.29
N ARG D 390 -8.13 -34.05 -85.71
CA ARG D 390 -9.48 -34.39 -86.12
C ARG D 390 -9.44 -35.15 -87.45
N ARG D 391 -8.46 -34.82 -88.27
CA ARG D 391 -8.23 -35.54 -89.52
C ARG D 391 -7.36 -36.77 -89.28
N LYS D 392 -6.85 -36.90 -88.07
CA LYS D 392 -5.93 -37.98 -87.72
C LYS D 392 -4.73 -37.98 -88.65
N ALA D 393 -4.29 -36.79 -89.03
CA ALA D 393 -3.18 -36.63 -89.95
C ALA D 393 -1.87 -37.16 -89.37
N PHE D 394 -1.18 -37.99 -90.14
CA PHE D 394 0.11 -38.54 -89.76
C PHE D 394 0.04 -39.28 -88.42
N LEU D 395 -1.02 -40.06 -88.24
CA LEU D 395 -1.19 -40.81 -86.99
C LEU D 395 -0.30 -42.06 -86.96
N HIS D 396 -0.15 -42.70 -88.12
CA HIS D 396 0.57 -43.96 -88.20
C HIS D 396 2.04 -43.79 -87.79
N TRP D 397 2.55 -42.58 -87.94
CA TRP D 397 3.92 -42.28 -87.55
C TRP D 397 4.09 -42.34 -86.03
N TYR D 398 3.20 -41.66 -85.32
CA TYR D 398 3.27 -41.62 -83.86
C TYR D 398 2.88 -42.95 -83.24
N THR D 399 1.77 -43.52 -83.72
CA THR D 399 1.32 -44.82 -83.22
C THR D 399 2.24 -45.94 -83.70
N GLY D 400 3.08 -45.63 -84.67
CA GLY D 400 4.04 -46.60 -85.19
C GLY D 400 5.12 -46.94 -84.18
N GLU D 401 5.24 -46.11 -83.14
CA GLU D 401 6.23 -46.32 -82.09
C GLU D 401 5.62 -46.96 -80.85
N GLY D 402 4.30 -47.19 -80.88
CA GLY D 402 3.61 -47.89 -79.82
C GLY D 402 2.55 -47.07 -79.12
N MET D 403 2.43 -45.80 -79.47
CA MET D 403 1.46 -44.91 -78.83
C MET D 403 0.03 -45.26 -79.23
N ASP D 404 -0.92 -44.78 -78.42
CA ASP D 404 -2.34 -44.92 -78.71
C ASP D 404 -2.97 -43.54 -78.81
N GLU D 405 -4.13 -43.47 -79.46
CA GLU D 405 -4.84 -42.20 -79.63
C GLU D 405 -5.25 -41.59 -78.29
N MET D 406 -5.31 -42.43 -77.27
CA MET D 406 -5.65 -41.97 -75.92
C MET D 406 -4.72 -40.88 -75.43
N GLU D 407 -3.42 -41.11 -75.59
CA GLU D 407 -2.41 -40.18 -75.07
C GLU D 407 -2.51 -38.81 -75.74
N PHE D 408 -2.91 -38.80 -77.01
CA PHE D 408 -3.14 -37.55 -77.72
C PHE D 408 -4.35 -36.83 -77.15
N THR D 409 -5.41 -37.59 -76.89
CA THR D 409 -6.64 -37.04 -76.32
C THR D 409 -6.39 -36.46 -74.94
N GLU D 410 -5.66 -37.21 -74.12
CA GLU D 410 -5.36 -36.78 -72.75
C GLU D 410 -4.51 -35.52 -72.75
N ALA D 411 -3.50 -35.47 -73.62
CA ALA D 411 -2.61 -34.32 -73.71
C ALA D 411 -3.37 -33.08 -74.16
N GLU D 412 -4.35 -33.28 -75.05
CA GLU D 412 -5.18 -32.18 -75.52
C GLU D 412 -6.02 -31.62 -74.37
N SER D 413 -6.64 -32.53 -73.62
CA SER D 413 -7.50 -32.14 -72.50
C SER D 413 -6.72 -31.43 -71.41
N ASN D 414 -5.55 -31.96 -71.07
CA ASN D 414 -4.74 -31.39 -70.00
C ASN D 414 -4.29 -29.97 -70.32
N MET D 415 -4.08 -29.68 -71.60
CA MET D 415 -3.68 -28.33 -72.01
C MET D 415 -4.91 -27.43 -72.10
N ASN D 416 -6.06 -28.03 -72.40
CA ASN D 416 -7.32 -27.29 -72.37
C ASN D 416 -7.70 -26.96 -70.92
N ASP D 417 -7.39 -27.89 -70.02
CA ASP D 417 -7.62 -27.67 -68.60
C ASP D 417 -6.74 -26.53 -68.08
N LEU D 418 -5.51 -26.48 -68.56
CA LEU D 418 -4.57 -25.44 -68.17
C LEU D 418 -5.09 -24.06 -68.58
N VAL D 419 -5.63 -23.98 -69.79
CA VAL D 419 -6.21 -22.74 -70.30
C VAL D 419 -7.39 -22.32 -69.44
N SER D 420 -8.23 -23.28 -69.08
CA SER D 420 -9.40 -23.02 -68.26
C SER D 420 -9.02 -22.48 -66.88
N GLU D 421 -7.95 -23.04 -66.33
CA GLU D 421 -7.50 -22.68 -65.00
C GLU D 421 -6.91 -21.27 -64.96
N TYR D 422 -6.27 -20.86 -66.05
CA TYR D 422 -5.78 -19.49 -66.18
C TYR D 422 -6.96 -18.52 -66.28
N GLN D 423 -8.02 -18.96 -66.94
CA GLN D 423 -9.22 -18.16 -67.10
C GLN D 423 -9.95 -18.01 -65.77
N GLN D 424 -9.93 -19.07 -64.97
CA GLN D 424 -10.58 -19.08 -63.66
C GLN D 424 -10.03 -18.00 -62.76
N TYR D 425 -8.70 -17.97 -62.60
CA TYR D 425 -8.05 -17.04 -61.71
C TYR D 425 -7.96 -15.64 -62.32
N GLN D 426 -8.19 -15.56 -63.63
CA GLN D 426 -8.30 -14.27 -64.30
C GLN D 426 -9.65 -13.65 -63.98
N ASP D 427 -10.68 -14.49 -63.91
CA ASP D 427 -12.02 -14.04 -63.57
C ASP D 427 -12.23 -13.93 -62.06
N ALA D 428 -11.28 -14.45 -61.29
CA ALA D 428 -11.37 -14.44 -59.84
C ALA D 428 -11.44 -13.02 -59.28
N THR D 429 -12.07 -12.88 -58.12
CA THR D 429 -12.21 -11.58 -57.47
C THR D 429 -11.93 -11.69 -55.98
N ALA D 430 -11.49 -10.58 -55.38
CA ALA D 430 -11.18 -10.56 -53.96
C ALA D 430 -12.45 -10.71 -53.11
N ASP D 431 -13.56 -10.21 -53.63
CA ASP D 431 -14.83 -10.26 -52.92
C ASP D 431 -15.65 -11.48 -53.35
N MET E 1 -20.15 19.58 75.94
CA MET E 1 -18.80 19.36 75.46
C MET E 1 -17.95 18.68 76.53
N GLU E 2 -17.96 17.36 76.54
CA GLU E 2 -17.32 16.58 77.59
C GLU E 2 -16.01 15.93 77.13
N VAL E 3 -14.94 16.17 77.88
CA VAL E 3 -13.65 15.53 77.64
C VAL E 3 -13.58 14.23 78.44
N ILE E 4 -13.08 13.17 77.81
CA ILE E 4 -13.02 11.85 78.46
C ILE E 4 -11.75 11.09 78.09
N GLU E 5 -11.44 10.06 78.88
CA GLU E 5 -10.31 9.18 78.64
C GLU E 5 -9.02 9.96 78.34
N LEU E 6 -8.74 10.97 79.15
CA LEU E 6 -7.53 11.75 79.00
C LEU E 6 -6.32 10.96 79.47
N ASN E 7 -5.40 10.68 78.55
CA ASN E 7 -4.15 10.01 78.86
C ASN E 7 -2.97 10.92 78.55
N LYS E 8 -1.99 10.94 79.45
CA LYS E 8 -0.82 11.81 79.30
C LYS E 8 0.47 11.03 79.44
N CYS E 9 1.48 11.44 78.67
CA CYS E 9 2.82 10.87 78.78
C CYS E 9 3.86 11.94 78.47
N THR E 10 5.13 11.56 78.50
CA THR E 10 6.22 12.49 78.21
C THR E 10 6.12 13.06 76.80
N SER E 11 5.79 12.20 75.84
CA SER E 11 5.81 12.57 74.44
C SER E 11 4.52 13.22 73.95
N GLY E 12 3.48 13.20 74.77
CA GLY E 12 2.21 13.79 74.39
C GLY E 12 1.04 13.38 75.25
N GLN E 13 -0.16 13.56 74.70
CA GLN E 13 -1.39 13.20 75.40
C GLN E 13 -2.55 13.06 74.41
N SER E 14 -3.53 12.24 74.77
CA SER E 14 -4.69 11.99 73.91
C SER E 14 -5.98 12.02 74.73
N PHE E 15 -7.09 12.17 74.03
CA PHE E 15 -8.40 12.24 74.68
C PHE E 15 -9.52 12.16 73.65
N GLU E 16 -10.75 12.19 74.12
CA GLU E 16 -11.93 12.23 73.26
C GLU E 16 -12.87 13.32 73.74
N VAL E 17 -13.43 14.06 72.80
CA VAL E 17 -14.42 15.08 73.11
C VAL E 17 -15.72 14.77 72.38
N ILE E 18 -16.83 14.86 73.11
CA ILE E 18 -18.15 14.55 72.57
C ILE E 18 -19.04 15.77 72.64
N LEU E 19 -19.57 16.17 71.48
CA LEU E 19 -20.39 17.37 71.38
C LEU E 19 -21.88 17.02 71.47
N LYS E 20 -22.21 15.75 71.25
CA LYS E 20 -23.59 15.30 71.26
C LYS E 20 -23.63 13.77 71.17
N PRO E 21 -24.47 13.13 72.02
CA PRO E 21 -24.53 11.66 71.98
C PRO E 21 -25.31 11.14 70.77
N PRO E 22 -25.29 9.81 70.54
CA PRO E 22 -26.00 9.21 69.42
C PRO E 22 -27.48 9.55 69.39
N SER E 23 -27.88 10.39 68.43
CA SER E 23 -29.28 10.78 68.30
C SER E 23 -30.16 9.60 67.91
N ASP E 39 -13.61 -15.83 53.54
CA ASP E 39 -12.56 -15.56 52.55
C ASP E 39 -12.16 -16.84 51.83
N PRO E 40 -11.88 -16.76 50.53
CA PRO E 40 -11.54 -17.96 49.74
C PRO E 40 -10.25 -18.63 50.21
N SER E 41 -10.18 -19.95 50.08
CA SER E 41 -9.03 -20.72 50.51
C SER E 41 -7.96 -20.77 49.43
N LEU E 42 -6.79 -21.33 49.78
CA LEU E 42 -5.68 -21.43 48.85
C LEU E 42 -6.05 -22.31 47.65
N GLU E 43 -6.87 -23.33 47.89
CA GLU E 43 -7.32 -24.21 46.82
C GLU E 43 -8.12 -23.43 45.78
N GLU E 44 -9.02 -22.58 46.26
CA GLU E 44 -9.92 -21.83 45.39
C GLU E 44 -9.16 -20.75 44.60
N ILE E 45 -8.14 -20.18 45.22
CA ILE E 45 -7.32 -19.18 44.55
C ILE E 45 -6.52 -19.85 43.42
N GLN E 46 -5.89 -20.97 43.73
CA GLN E 46 -5.06 -21.68 42.76
C GLN E 46 -5.89 -22.17 41.58
N LYS E 47 -7.16 -22.47 41.81
CA LYS E 47 -8.05 -22.89 40.74
C LYS E 47 -8.33 -21.73 39.79
N LYS E 48 -8.49 -20.52 40.35
CA LYS E 48 -8.76 -19.34 39.56
C LYS E 48 -7.55 -18.95 38.70
N LEU E 49 -6.36 -19.06 39.27
CA LEU E 49 -5.14 -18.74 38.56
C LEU E 49 -4.86 -19.76 37.47
N GLU E 50 -5.19 -21.02 37.73
CA GLU E 50 -4.97 -22.09 36.77
C GLU E 50 -6.01 -22.05 35.64
N ALA E 51 -7.23 -21.65 35.98
CA ALA E 51 -8.30 -21.52 35.00
C ALA E 51 -7.97 -20.42 34.01
N ALA E 52 -7.30 -19.38 34.49
CA ALA E 52 -6.88 -18.27 33.64
C ALA E 52 -5.69 -18.70 32.79
N GLU E 53 -4.80 -19.51 33.37
CA GLU E 53 -3.62 -20.00 32.67
C GLU E 53 -4.03 -20.91 31.52
N GLU E 54 -5.04 -21.72 31.73
CA GLU E 54 -5.52 -22.66 30.71
C GLU E 54 -6.22 -21.91 29.57
N ARG E 55 -6.92 -20.84 29.91
CA ARG E 55 -7.58 -20.02 28.89
C ARG E 55 -6.54 -19.33 28.00
N ARG E 56 -5.38 -19.01 28.57
CA ARG E 56 -4.28 -18.46 27.79
C ARG E 56 -3.71 -19.51 26.86
N LYS E 57 -3.49 -20.71 27.39
CA LYS E 57 -2.94 -21.81 26.62
C LYS E 57 -3.84 -22.19 25.45
N TYR E 58 -5.16 -22.08 25.65
CA TYR E 58 -6.12 -22.39 24.61
C TYR E 58 -6.08 -21.34 23.50
N GLN E 59 -6.05 -20.07 23.89
CA GLN E 59 -5.99 -18.97 22.94
C GLN E 59 -4.70 -19.02 22.12
N GLU E 60 -3.60 -19.42 22.75
CA GLU E 60 -2.33 -19.54 22.06
C GLU E 60 -2.32 -20.76 21.13
N ALA E 61 -2.95 -21.83 21.57
CA ALA E 61 -3.04 -23.05 20.77
C ALA E 61 -3.87 -22.80 19.50
N GLU E 62 -4.93 -22.01 19.64
CA GLU E 62 -5.78 -21.66 18.51
C GLU E 62 -5.01 -20.81 17.51
N LEU E 63 -4.10 -19.97 18.01
CA LEU E 63 -3.28 -19.13 17.14
C LEU E 63 -2.29 -19.98 16.36
N LEU E 64 -1.56 -20.85 17.05
CA LEU E 64 -0.57 -21.70 16.42
C LEU E 64 -1.24 -22.69 15.47
N LYS E 65 -2.51 -22.99 15.72
CA LYS E 65 -3.28 -23.84 14.81
C LYS E 65 -3.60 -23.06 13.54
N HIS E 66 -3.98 -21.80 13.71
CA HIS E 66 -4.28 -20.91 12.60
C HIS E 66 -3.03 -20.65 11.75
N LEU E 67 -1.91 -20.42 12.42
CA LEU E 67 -0.65 -20.20 11.73
C LEU E 67 -0.19 -21.47 11.02
N ALA E 68 -0.45 -22.62 11.64
CA ALA E 68 -0.08 -23.90 11.04
C ALA E 68 -0.82 -24.10 9.72
N GLU E 69 -2.08 -23.68 9.69
CA GLU E 69 -2.88 -23.78 8.47
C GLU E 69 -2.34 -22.86 7.39
N LYS E 70 -1.70 -21.77 7.79
CA LYS E 70 -1.11 -20.85 6.83
C LYS E 70 0.14 -21.44 6.20
N ARG E 71 0.90 -22.19 6.99
CA ARG E 71 2.08 -22.89 6.50
C ARG E 71 1.66 -23.89 5.42
N GLU E 72 0.53 -24.56 5.67
CA GLU E 72 -0.02 -25.53 4.73
C GLU E 72 -0.38 -24.85 3.41
N HIS E 73 -0.97 -23.67 3.50
CA HIS E 73 -1.34 -22.91 2.31
C HIS E 73 -0.10 -22.46 1.56
N GLU E 74 0.90 -22.00 2.30
CA GLU E 74 2.18 -21.56 1.71
C GLU E 74 2.81 -22.68 0.89
N ARG E 75 2.70 -23.91 1.39
CA ARG E 75 3.23 -25.08 0.69
C ARG E 75 2.43 -25.39 -0.56
N GLU E 76 1.12 -25.16 -0.50
CA GLU E 76 0.24 -25.48 -1.62
C GLU E 76 0.43 -24.51 -2.78
N VAL E 77 0.79 -23.27 -2.47
CA VAL E 77 0.98 -22.26 -3.51
C VAL E 77 2.24 -22.54 -4.34
N ILE E 78 3.35 -22.82 -3.66
CA ILE E 78 4.61 -23.05 -4.35
C ILE E 78 4.60 -24.39 -5.09
N GLN E 79 3.88 -25.37 -4.54
CA GLN E 79 3.72 -26.65 -5.20
C GLN E 79 2.85 -26.51 -6.44
N LYS E 80 1.93 -25.55 -6.39
CA LYS E 80 1.05 -25.28 -7.53
C LYS E 80 1.79 -24.54 -8.62
N ALA E 81 2.73 -23.68 -8.23
CA ALA E 81 3.56 -22.96 -9.18
C ALA E 81 4.46 -23.93 -9.93
N ILE E 82 5.01 -24.89 -9.19
CA ILE E 82 5.85 -25.93 -9.79
C ILE E 82 5.03 -26.80 -10.74
N GLU E 83 3.85 -27.21 -10.29
CA GLU E 83 2.98 -28.08 -11.07
C GLU E 83 2.58 -27.46 -12.40
N GLU E 84 2.30 -26.16 -12.38
CA GLU E 84 1.85 -25.46 -13.59
C GLU E 84 3.00 -25.25 -14.56
N ASN E 85 4.20 -24.99 -14.06
CA ASN E 85 5.37 -24.83 -14.91
CA ASN E 85 5.37 -24.83 -14.90
C ASN E 85 5.72 -26.14 -15.59
N ASN E 86 5.73 -27.22 -14.81
CA ASN E 86 6.04 -28.55 -15.34
C ASN E 86 5.00 -29.00 -16.36
N ASN E 87 3.74 -28.66 -16.10
CA ASN E 87 2.66 -29.04 -17.01
C ASN E 87 2.76 -28.25 -18.32
N PHE E 88 3.22 -27.01 -18.22
CA PHE E 88 3.42 -26.18 -19.40
C PHE E 88 4.57 -26.72 -20.25
N ILE E 89 5.65 -27.11 -19.59
CA ILE E 89 6.78 -27.73 -20.26
C ILE E 89 6.33 -29.04 -20.92
N LYS E 90 5.54 -29.80 -20.18
CA LYS E 90 5.03 -31.08 -20.68
C LYS E 90 4.15 -30.87 -21.91
N MET E 91 3.19 -29.96 -21.80
CA MET E 91 2.29 -29.64 -22.91
C MET E 91 3.07 -29.27 -24.16
N ALA E 92 4.08 -28.43 -23.99
CA ALA E 92 4.88 -27.95 -25.11
C ALA E 92 5.66 -29.09 -25.75
N LYS E 93 6.21 -29.98 -24.93
CA LYS E 93 7.03 -31.08 -25.41
C LYS E 93 6.21 -32.06 -26.24
N GLU E 94 4.99 -32.34 -25.79
CA GLU E 94 4.13 -33.31 -26.46
C GLU E 94 3.57 -32.74 -27.77
N LYS E 95 3.11 -31.50 -27.73
CA LYS E 95 2.53 -30.86 -28.90
C LYS E 95 3.56 -30.69 -30.01
N LEU E 96 4.80 -30.38 -29.62
CA LEU E 96 5.88 -30.24 -30.58
C LEU E 96 6.19 -31.60 -31.20
N ALA E 97 6.28 -32.63 -30.35
CA ALA E 97 6.54 -33.98 -30.82
C ALA E 97 5.46 -34.46 -31.78
N GLN E 98 4.23 -34.02 -31.54
CA GLN E 98 3.10 -34.41 -32.38
C GLN E 98 3.19 -33.75 -33.76
N LYS E 99 3.58 -32.47 -33.79
CA LYS E 99 3.71 -31.73 -35.03
C LYS E 99 4.82 -32.31 -35.91
N MET E 100 5.99 -32.51 -35.31
CA MET E 100 7.13 -33.04 -36.05
CA MET E 100 7.16 -33.09 -35.97
C MET E 100 6.81 -34.43 -36.63
N GLU E 101 6.04 -35.23 -35.90
CA GLU E 101 5.66 -36.56 -36.36
C GLU E 101 4.66 -36.47 -37.51
N SER E 102 3.61 -35.68 -37.31
CA SER E 102 2.57 -35.51 -38.31
C SER E 102 3.12 -34.88 -39.58
N ASN E 103 4.11 -34.02 -39.44
CA ASN E 103 4.74 -33.37 -40.58
C ASN E 103 5.62 -34.33 -41.36
N LYS E 104 6.31 -35.22 -40.64
CA LYS E 104 7.16 -36.23 -41.25
C LYS E 104 6.33 -37.18 -42.11
N GLU E 105 5.20 -37.61 -41.58
CA GLU E 105 4.31 -38.52 -42.28
C GLU E 105 3.71 -37.87 -43.52
N ASN E 106 3.28 -36.61 -43.39
CA ASN E 106 2.66 -35.89 -44.50
C ASN E 106 3.62 -35.67 -45.67
N ARG E 107 4.84 -35.25 -45.38
CA ARG E 107 5.81 -34.97 -46.43
C ARG E 107 6.24 -36.26 -47.13
N GLU E 108 6.47 -37.30 -46.36
CA GLU E 108 6.85 -38.60 -46.91
C GLU E 108 5.76 -39.13 -47.84
N ALA E 109 4.50 -38.90 -47.47
CA ALA E 109 3.36 -39.35 -48.26
C ALA E 109 3.29 -38.59 -49.58
N HIS E 110 3.66 -37.32 -49.55
CA HIS E 110 3.64 -36.49 -50.75
C HIS E 110 4.73 -36.91 -51.73
N LEU E 111 5.93 -37.14 -51.21
CA LEU E 111 7.04 -37.61 -52.04
C LEU E 111 6.76 -39.01 -52.57
N ALA E 112 6.13 -39.83 -51.74
CA ALA E 112 5.79 -41.20 -52.13
C ALA E 112 4.77 -41.21 -53.26
N ALA E 113 3.83 -40.27 -53.22
CA ALA E 113 2.82 -40.16 -54.25
C ALA E 113 3.42 -39.61 -55.54
N MET E 114 4.46 -38.79 -55.40
CA MET E 114 5.14 -38.22 -56.55
C MET E 114 5.88 -39.30 -57.33
N LEU E 115 6.59 -40.16 -56.62
CA LEU E 115 7.34 -41.24 -57.24
C LEU E 115 6.41 -42.29 -57.83
N GLU E 116 5.33 -42.59 -57.10
CA GLU E 116 4.36 -43.58 -57.55
C GLU E 116 3.65 -43.13 -58.82
N ARG E 117 3.69 -41.83 -59.09
CA ARG E 117 3.20 -41.31 -60.37
C ARG E 117 4.26 -41.48 -61.45
N LEU E 118 5.51 -41.19 -61.10
CA LEU E 118 6.62 -41.33 -62.03
C LEU E 118 6.88 -42.80 -62.37
N GLN E 119 6.64 -43.67 -61.41
CA GLN E 119 6.83 -45.11 -61.62
C GLN E 119 5.70 -45.71 -62.45
N GLU E 120 4.61 -44.95 -62.61
CA GLU E 120 3.52 -45.34 -63.48
C GLU E 120 3.79 -44.91 -64.91
N LYS E 121 4.56 -43.84 -65.07
CA LYS E 121 4.99 -43.39 -66.39
C LYS E 121 5.94 -44.41 -67.00
N ASP E 122 6.82 -44.97 -66.16
CA ASP E 122 7.77 -45.98 -66.62
C ASP E 122 7.07 -47.27 -67.01
N LYS E 123 6.05 -47.64 -66.24
CA LYS E 123 5.28 -48.83 -66.54
C LYS E 123 4.49 -48.64 -67.84
N HIS E 124 4.07 -47.41 -68.06
CA HIS E 124 3.36 -47.05 -69.29
C HIS E 124 4.32 -47.03 -70.48
N ALA E 125 5.58 -46.69 -70.21
CA ALA E 125 6.60 -46.65 -71.25
C ALA E 125 6.94 -48.06 -71.74
N GLU E 126 7.15 -48.96 -70.79
CA GLU E 126 7.42 -50.36 -71.14
C GLU E 126 6.25 -50.96 -71.89
N GLU E 127 5.05 -50.48 -71.58
CA GLU E 127 3.84 -50.94 -72.24
C GLU E 127 3.80 -50.47 -73.70
N VAL E 128 4.35 -49.28 -73.93
CA VAL E 128 4.40 -48.72 -75.29
C VAL E 128 5.42 -49.46 -76.15
N ARG E 129 6.64 -49.59 -75.64
CA ARG E 129 7.71 -50.27 -76.36
C ARG E 129 7.33 -51.72 -76.64
N LYS E 130 6.60 -52.33 -75.71
CA LYS E 130 6.13 -53.69 -75.90
C LYS E 130 5.08 -53.75 -77.00
N ASN E 131 4.30 -52.68 -77.11
CA ASN E 131 3.24 -52.59 -78.11
C ASN E 131 3.81 -52.47 -79.53
N LYS E 132 4.91 -51.75 -79.65
CA LYS E 132 5.59 -51.58 -80.93
C LYS E 132 6.18 -52.90 -81.41
N GLU E 133 6.73 -53.66 -80.47
CA GLU E 133 7.39 -54.91 -80.78
C GLU E 133 6.41 -55.97 -81.29
N LEU E 134 5.14 -55.80 -80.95
CA LEU E 134 4.10 -56.75 -81.37
C LEU E 134 3.47 -56.35 -82.70
N LYS E 135 3.57 -55.06 -83.04
CA LYS E 135 3.03 -54.56 -84.30
C LYS E 135 4.09 -54.55 -85.39
N GLU E 136 5.35 -54.72 -85.00
CA GLU E 136 6.43 -54.90 -85.96
C GLU E 136 6.57 -56.38 -86.33
N GLU E 137 5.80 -57.23 -85.66
CA GLU E 137 5.75 -58.66 -85.97
C GLU E 137 4.56 -58.97 -86.87
N ALA E 138 4.15 -57.99 -87.68
CA ALA E 138 3.02 -58.15 -88.58
C ALA E 138 3.03 -57.08 -89.66
N MET F 1 -12.47 31.14 23.09
CA MET F 1 -13.76 30.42 22.93
C MET F 1 -14.09 29.60 24.17
N TYR F 2 -15.16 29.98 24.86
CA TYR F 2 -15.64 29.22 26.01
C TYR F 2 -16.59 28.13 25.53
N THR F 3 -16.76 27.10 26.35
CA THR F 3 -17.62 25.96 26.01
C THR F 3 -18.63 25.69 27.12
N PHE F 4 -19.81 25.22 26.72
CA PHE F 4 -20.85 24.89 27.68
C PHE F 4 -21.70 23.71 27.20
N VAL F 5 -22.53 23.19 28.10
CA VAL F 5 -23.40 22.06 27.80
C VAL F 5 -24.81 22.30 28.34
N VAL F 6 -25.80 21.72 27.68
CA VAL F 6 -27.20 21.84 28.08
C VAL F 6 -27.74 20.46 28.46
N ARG F 7 -28.22 20.34 29.70
CA ARG F 7 -28.74 19.08 30.21
C ARG F 7 -30.17 19.22 30.72
N ASP F 8 -30.77 20.39 30.48
CA ASP F 8 -32.17 20.63 30.83
C ASP F 8 -32.88 21.30 29.66
N GLU F 9 -33.47 20.48 28.80
CA GLU F 9 -34.14 20.97 27.60
C GLU F 9 -35.47 21.64 27.90
N ASN F 10 -35.99 21.40 29.10
CA ASN F 10 -37.32 21.91 29.49
C ASN F 10 -37.23 23.17 30.33
N SER F 11 -36.11 23.89 30.21
CA SER F 11 -35.90 25.13 30.95
C SER F 11 -35.97 26.33 30.02
N SER F 12 -37.05 27.10 30.13
CA SER F 12 -37.25 28.28 29.29
C SER F 12 -36.21 29.35 29.55
N VAL F 13 -35.86 29.54 30.82
CA VAL F 13 -34.88 30.54 31.21
C VAL F 13 -33.52 30.29 30.55
N TYR F 14 -32.98 29.10 30.78
CA TYR F 14 -31.63 28.79 30.32
C TYR F 14 -31.60 28.34 28.85
N ALA F 15 -32.77 28.20 28.25
CA ALA F 15 -32.86 28.02 26.81
C ALA F 15 -32.53 29.35 26.14
N GLU F 16 -32.94 30.43 26.79
CA GLU F 16 -32.65 31.78 26.32
C GLU F 16 -31.20 32.15 26.60
N VAL F 17 -30.70 31.70 27.75
CA VAL F 17 -29.29 31.92 28.10
C VAL F 17 -28.41 31.23 27.06
N SER F 18 -28.81 30.01 26.69
CA SER F 18 -28.09 29.25 25.67
C SER F 18 -28.06 30.04 24.36
N ARG F 19 -29.20 30.62 24.00
CA ARG F 19 -29.30 31.41 22.77
C ARG F 19 -28.35 32.61 22.80
N LEU F 20 -28.42 33.38 23.89
CA LEU F 20 -27.62 34.59 24.02
C LEU F 20 -26.13 34.29 23.96
N LEU F 21 -25.71 33.20 24.61
CA LEU F 21 -24.32 32.80 24.61
C LEU F 21 -23.79 32.57 23.19
N LEU F 22 -24.58 31.86 22.39
CA LEU F 22 -24.20 31.58 21.01
C LEU F 22 -24.07 32.87 20.20
N ALA F 23 -24.92 33.84 20.49
CA ALA F 23 -24.97 35.08 19.72
C ALA F 23 -23.71 35.94 19.93
N THR F 24 -23.00 35.71 21.02
CA THR F 24 -21.78 36.45 21.30
C THR F 24 -20.64 36.00 20.41
N GLY F 25 -20.78 34.81 19.82
CA GLY F 25 -19.76 34.27 18.94
C GLY F 25 -18.49 33.90 19.68
N GLN F 26 -18.61 33.79 21.01
CA GLN F 26 -17.47 33.45 21.86
C GLN F 26 -17.79 32.27 22.77
N TRP F 27 -18.98 31.70 22.59
CA TRP F 27 -19.39 30.50 23.31
C TRP F 27 -19.81 29.41 22.34
N LYS F 28 -19.28 28.21 22.53
CA LYS F 28 -19.61 27.06 21.71
C LYS F 28 -20.33 25.99 22.55
N ARG F 29 -21.33 25.36 21.96
CA ARG F 29 -22.09 24.33 22.65
C ARG F 29 -21.57 22.94 22.31
N LEU F 30 -21.29 22.15 23.33
CA LEU F 30 -20.83 20.78 23.17
C LEU F 30 -21.99 19.81 23.33
N ARG F 31 -21.73 18.53 23.09
CA ARG F 31 -22.71 17.49 23.39
C ARG F 31 -22.91 17.47 24.90
N LYS F 32 -24.10 17.07 25.34
CA LYS F 32 -24.44 17.15 26.76
C LYS F 32 -23.67 16.15 27.62
N ASP F 33 -22.85 15.31 26.98
CA ASP F 33 -22.04 14.32 27.69
C ASP F 33 -20.55 14.54 27.45
N ASN F 34 -20.19 15.68 26.88
CA ASN F 34 -18.79 16.05 26.69
C ASN F 34 -18.26 16.71 27.97
N PRO F 35 -17.23 16.12 28.60
CA PRO F 35 -16.79 16.62 29.91
C PRO F 35 -15.95 17.90 29.86
N ARG F 36 -15.38 18.22 28.70
CA ARG F 36 -14.49 19.36 28.59
C ARG F 36 -15.26 20.65 28.36
N PHE F 37 -16.04 21.04 29.37
CA PHE F 37 -16.87 22.25 29.32
C PHE F 37 -16.46 23.25 30.38
N ASN F 38 -16.73 24.53 30.12
CA ASN F 38 -16.53 25.58 31.11
C ASN F 38 -17.79 25.80 31.95
N LEU F 39 -18.94 25.57 31.33
CA LEU F 39 -20.23 25.84 31.95
C LEU F 39 -21.20 24.66 31.79
N MET F 40 -21.88 24.31 32.88
CA MET F 40 -22.95 23.32 32.81
C MET F 40 -24.30 23.95 33.17
N LEU F 41 -25.22 23.91 32.22
CA LEU F 41 -26.61 24.23 32.50
C LEU F 41 -27.31 22.91 32.86
N GLY F 42 -27.07 22.47 34.09
CA GLY F 42 -27.38 21.11 34.51
C GLY F 42 -28.85 20.77 34.60
N GLU F 43 -29.13 19.51 34.93
CA GLU F 43 -30.49 19.02 35.08
C GLU F 43 -31.04 19.34 36.46
N ARG F 44 -32.34 19.13 36.64
CA ARG F 44 -33.00 19.41 37.91
C ARG F 44 -32.76 18.31 38.93
N ASN F 45 -32.76 17.06 38.46
CA ASN F 45 -32.70 15.90 39.34
C ASN F 45 -31.38 15.16 39.27
N ARG F 46 -30.76 14.95 40.42
CA ARG F 46 -29.52 14.20 40.53
C ARG F 46 -28.41 14.76 39.64
N LEU F 47 -28.22 16.08 39.71
CA LEU F 47 -27.11 16.72 39.01
C LEU F 47 -25.80 16.21 39.60
N PRO F 48 -24.92 15.65 38.75
CA PRO F 48 -23.68 15.05 39.28
C PRO F 48 -22.65 16.11 39.67
N PHE F 49 -22.83 16.71 40.83
CA PHE F 49 -21.87 17.69 41.35
C PHE F 49 -20.54 17.03 41.64
N GLY F 50 -20.57 15.72 41.89
CA GLY F 50 -19.38 14.98 42.24
C GLY F 50 -18.37 14.86 41.10
N ARG F 51 -18.84 15.10 39.87
CA ARG F 51 -17.98 14.97 38.70
C ARG F 51 -17.53 16.33 38.16
N LEU F 52 -17.79 17.39 38.93
CA LEU F 52 -17.41 18.75 38.53
C LEU F 52 -16.11 19.17 39.20
N GLY F 53 -15.31 19.96 38.48
CA GLY F 53 -14.10 20.52 39.02
C GLY F 53 -12.92 19.55 39.06
N HIS F 54 -12.94 18.58 38.15
CA HIS F 54 -11.87 17.58 38.05
C HIS F 54 -11.30 17.50 36.63
N GLU F 55 -11.42 18.61 35.89
CA GLU F 55 -10.90 18.70 34.53
C GLU F 55 -9.77 19.73 34.47
N PRO F 56 -8.51 19.26 34.42
CA PRO F 56 -7.37 20.19 34.34
C PRO F 56 -7.45 21.17 33.17
N GLY F 57 -7.14 22.43 33.44
CA GLY F 57 -7.15 23.46 32.42
C GLY F 57 -8.52 24.02 32.12
N LEU F 58 -9.48 23.72 32.99
CA LEU F 58 -10.85 24.22 32.82
C LEU F 58 -11.44 24.74 34.12
N VAL F 59 -11.75 26.03 34.13
CA VAL F 59 -12.55 26.64 35.20
C VAL F 59 -14.01 26.28 34.96
N GLN F 60 -14.56 25.43 35.82
CA GLN F 60 -15.91 24.91 35.62
C GLN F 60 -16.94 25.63 36.48
N LEU F 61 -18.08 25.93 35.87
CA LEU F 61 -19.18 26.64 36.51
C LEU F 61 -20.48 25.89 36.25
N VAL F 62 -21.39 25.91 37.23
CA VAL F 62 -22.68 25.24 37.09
C VAL F 62 -23.80 26.17 37.57
N ASN F 63 -24.98 26.03 36.98
CA ASN F 63 -26.09 26.92 37.26
C ASN F 63 -27.00 26.41 38.39
N TYR F 64 -26.41 25.70 39.34
CA TYR F 64 -27.14 25.23 40.52
C TYR F 64 -26.24 25.12 41.74
N TYR F 65 -26.79 25.44 42.90
CA TYR F 65 -26.09 25.27 44.17
C TYR F 65 -26.45 23.94 44.81
N ARG F 66 -25.44 23.10 44.99
CA ARG F 66 -25.64 21.82 45.67
C ARG F 66 -26.09 22.08 47.10
N GLY F 67 -27.19 21.44 47.49
CA GLY F 67 -27.75 21.62 48.82
C GLY F 67 -28.78 22.74 48.89
N ALA F 68 -29.03 23.39 47.76
CA ALA F 68 -30.00 24.47 47.71
C ALA F 68 -31.43 23.95 47.83
N ASP F 69 -31.59 22.63 47.73
CA ASP F 69 -32.90 22.01 47.83
C ASP F 69 -33.49 22.15 49.23
N LYS F 70 -32.64 22.47 50.20
CA LYS F 70 -33.08 22.70 51.58
C LYS F 70 -34.05 23.87 51.64
N LEU F 71 -33.82 24.85 50.77
CA LEU F 71 -34.65 26.05 50.74
C LEU F 71 -35.83 25.88 49.81
N CYS F 72 -35.69 24.99 48.83
CA CYS F 72 -36.65 24.87 47.74
C CYS F 72 -37.63 23.70 47.90
N ARG F 73 -37.59 23.03 49.05
CA ARG F 73 -38.55 21.98 49.36
C ARG F 73 -39.46 22.42 50.50
N LYS F 74 -40.75 22.13 50.37
CA LYS F 74 -41.73 22.52 51.37
C LYS F 74 -41.33 22.04 52.76
N ALA F 75 -41.18 20.73 52.91
CA ALA F 75 -40.84 20.14 54.19
C ALA F 75 -39.47 20.62 54.68
N SER F 76 -38.52 20.72 53.75
CA SER F 76 -37.16 21.15 54.09
C SER F 76 -37.14 22.59 54.61
N LEU F 77 -37.87 23.47 53.94
CA LEU F 77 -37.91 24.88 54.32
C LEU F 77 -38.47 25.06 55.73
N VAL F 78 -39.53 24.34 56.05
CA VAL F 78 -40.14 24.40 57.37
C VAL F 78 -39.14 23.97 58.44
N LYS F 79 -38.43 22.87 58.18
CA LYS F 79 -37.44 22.36 59.11
C LYS F 79 -36.29 23.34 59.27
N LEU F 80 -35.85 23.90 58.15
CA LEU F 80 -34.72 24.84 58.14
C LEU F 80 -35.00 26.04 59.04
N ILE F 81 -36.20 26.61 58.92
CA ILE F 81 -36.56 27.81 59.65
C ILE F 81 -36.67 27.55 61.15
N LYS F 82 -37.29 26.41 61.50
CA LYS F 82 -37.58 26.12 62.90
C LYS F 82 -36.38 25.58 63.68
N THR F 83 -35.34 25.15 62.96
CA THR F 83 -34.16 24.56 63.59
C THR F 83 -32.91 25.42 63.42
N SER F 84 -33.02 26.50 62.65
CA SER F 84 -31.89 27.41 62.43
C SER F 84 -31.96 28.59 63.40
N PRO F 85 -30.97 28.73 64.30
CA PRO F 85 -30.98 29.83 65.27
C PRO F 85 -31.16 31.23 64.66
N GLU F 86 -30.57 31.46 63.50
CA GLU F 86 -30.65 32.78 62.85
C GLU F 86 -32.03 33.03 62.26
N LEU F 87 -32.84 31.98 62.14
CA LEU F 87 -34.24 32.10 61.72
C LEU F 87 -35.14 31.82 62.91
N SER F 88 -34.91 30.68 63.56
CA SER F 88 -35.53 30.36 64.85
C SER F 88 -37.03 30.14 64.75
N GLU F 89 -37.63 29.81 65.89
CA GLU F 89 -39.07 29.65 65.97
C GLU F 89 -39.72 31.02 66.00
N SER F 90 -39.01 31.97 66.61
CA SER F 90 -39.46 33.36 66.65
C SER F 90 -39.20 34.04 65.30
N CYS F 91 -39.82 33.51 64.25
CA CYS F 91 -39.71 34.06 62.91
C CYS F 91 -41.01 34.75 62.53
N THR F 92 -40.97 36.07 62.40
CA THR F 92 -42.17 36.88 62.26
C THR F 92 -42.74 36.89 60.84
N TRP F 93 -41.95 36.48 59.86
CA TRP F 93 -42.34 36.60 58.46
C TRP F 93 -42.65 35.26 57.77
N PHE F 94 -42.61 34.17 58.54
CA PHE F 94 -42.98 32.87 58.00
C PHE F 94 -44.25 32.35 58.70
N PRO F 95 -45.27 31.95 57.93
CA PRO F 95 -46.49 31.43 58.55
C PRO F 95 -46.24 30.21 59.43
N GLU F 96 -47.02 30.06 60.49
CA GLU F 96 -46.93 28.89 61.36
C GLU F 96 -47.13 27.61 60.56
N SER F 97 -46.11 26.76 60.54
CA SER F 97 -46.11 25.56 59.71
C SER F 97 -45.69 24.31 60.49
N TYR F 98 -46.19 23.17 60.04
CA TYR F 98 -45.84 21.88 60.63
C TYR F 98 -45.74 20.81 59.54
N VAL F 99 -44.72 19.96 59.65
CA VAL F 99 -44.50 18.88 58.68
C VAL F 99 -45.25 17.62 59.11
N ILE F 100 -46.00 17.05 58.18
CA ILE F 100 -46.85 15.89 58.48
C ILE F 100 -46.61 14.75 57.47
N TYR F 101 -46.25 13.59 58.00
CA TYR F 101 -46.13 12.38 57.19
C TYR F 101 -47.47 11.63 57.17
N PRO F 102 -47.82 11.02 56.03
CA PRO F 102 -49.03 10.21 55.99
C PRO F 102 -49.01 9.05 56.99
N THR F 125 -38.66 13.53 61.49
CA THR F 125 -39.84 12.90 62.09
C THR F 125 -41.09 13.75 61.85
N ASP F 126 -42.22 13.26 62.34
CA ASP F 126 -43.51 13.94 62.12
C ASP F 126 -43.80 14.93 63.24
N GLU F 127 -44.70 15.86 62.97
CA GLU F 127 -45.09 16.89 63.93
C GLU F 127 -46.60 16.93 64.15
N ARG F 128 -47.28 15.84 63.82
CA ARG F 128 -48.73 15.75 63.96
C ARG F 128 -49.15 16.00 65.40
N GLU F 129 -48.28 15.62 66.34
CA GLU F 129 -48.55 15.80 67.76
C GLU F 129 -48.63 17.28 68.13
N VAL F 130 -47.62 18.05 67.72
CA VAL F 130 -47.50 19.44 68.11
C VAL F 130 -48.47 20.34 67.33
N PHE F 131 -48.82 19.91 66.12
CA PHE F 131 -49.74 20.69 65.28
C PHE F 131 -51.08 20.90 65.97
N LEU F 132 -51.59 19.85 66.59
CA LEU F 132 -52.90 19.89 67.25
C LEU F 132 -52.87 20.77 68.50
N ALA F 133 -51.69 20.91 69.10
CA ALA F 133 -51.54 21.69 70.32
C ALA F 133 -51.90 23.15 70.10
N ALA F 134 -51.36 23.73 69.02
CA ALA F 134 -51.64 25.13 68.70
C ALA F 134 -53.02 25.27 68.06
N TYR F 135 -53.46 24.22 67.38
CA TYR F 135 -54.78 24.20 66.76
C TYR F 135 -55.88 24.31 67.81
N ASN F 136 -55.60 23.80 69.01
CA ASN F 136 -56.57 23.83 70.09
C ASN F 136 -56.72 25.22 70.69
N ARG F 137 -55.61 25.95 70.81
CA ARG F 137 -55.62 27.30 71.36
C ARG F 137 -56.41 28.23 70.45
N ARG F 138 -56.60 27.83 69.20
CA ARG F 138 -57.37 28.60 68.23
C ARG F 138 -58.82 28.13 68.21
N ARG F 139 -59.05 26.89 68.64
CA ARG F 139 -60.40 26.41 68.89
C ARG F 139 -60.90 27.04 70.18
N GLU F 140 -60.02 27.08 71.17
CA GLU F 140 -60.30 27.74 72.43
C GLU F 140 -60.37 29.25 72.26
N GLY F 141 -59.30 29.82 71.71
CA GLY F 141 -59.13 31.26 71.63
C GLY F 141 -60.02 31.97 70.63
N ARG F 142 -60.93 31.23 70.00
CA ARG F 142 -61.91 31.80 69.09
C ARG F 142 -61.28 32.38 67.82
N GLU F 143 -59.96 32.28 67.70
CA GLU F 143 -59.24 32.89 66.58
C GLU F 143 -59.50 32.13 65.29
N GLY F 144 -59.25 32.80 64.16
CA GLY F 144 -59.39 32.19 62.86
C GLY F 144 -58.48 30.98 62.74
N ASN F 145 -59.09 29.80 62.80
CA ASN F 145 -58.35 28.55 62.86
C ASN F 145 -58.30 27.84 61.51
N VAL F 146 -58.13 28.61 60.44
CA VAL F 146 -58.04 28.06 59.09
C VAL F 146 -56.59 27.76 58.72
N TRP F 147 -56.37 26.61 58.12
CA TRP F 147 -55.04 26.18 57.70
C TRP F 147 -55.07 25.63 56.28
N ILE F 148 -53.93 25.68 55.59
CA ILE F 148 -53.79 25.10 54.26
C ILE F 148 -52.76 23.97 54.31
N ALA F 149 -53.02 22.93 53.51
CA ALA F 149 -52.11 21.79 53.41
C ALA F 149 -51.63 21.63 51.98
N LYS F 150 -50.33 21.37 51.81
CA LYS F 150 -49.74 21.26 50.48
C LYS F 150 -48.51 20.37 50.48
N SER F 151 -48.14 19.88 49.30
CA SER F 151 -46.98 19.01 49.14
C SER F 151 -45.99 19.60 48.15
N SER F 152 -44.73 19.20 48.27
CA SER F 152 -43.67 19.69 47.40
C SER F 152 -43.67 18.97 46.05
N GLU F 158 -52.52 21.30 42.23
CA GLU F 158 -52.78 19.90 42.56
C GLU F 158 -52.34 19.57 43.97
N GLY F 159 -53.28 19.08 44.78
CA GLY F 159 -52.97 18.63 46.12
C GLY F 159 -53.01 19.74 47.17
N ILE F 160 -54.10 20.49 47.17
CA ILE F 160 -54.31 21.54 48.18
C ILE F 160 -55.71 21.43 48.76
N LEU F 161 -55.82 21.69 50.06
CA LEU F 161 -57.12 21.80 50.72
C LEU F 161 -57.05 22.86 51.81
N ILE F 162 -58.12 23.62 51.93
CA ILE F 162 -58.21 24.70 52.92
C ILE F 162 -59.45 24.51 53.78
N SER F 163 -59.25 24.45 55.10
CA SER F 163 -60.35 24.20 56.01
C SER F 163 -59.96 24.55 57.45
N SER F 164 -60.96 24.91 58.25
CA SER F 164 -60.76 25.21 59.66
C SER F 164 -60.85 23.95 60.51
N GLU F 165 -61.20 22.83 59.88
CA GLU F 165 -61.32 21.55 60.56
C GLU F 165 -60.05 20.71 60.35
N ALA F 166 -59.31 20.47 61.43
CA ALA F 166 -58.09 19.69 61.35
C ALA F 166 -58.38 18.25 60.99
N SER F 167 -59.52 17.74 61.47
CA SER F 167 -59.93 16.37 61.19
C SER F 167 -59.94 16.10 59.70
N GLU F 168 -60.39 17.10 58.94
CA GLU F 168 -60.33 17.01 57.49
C GLU F 168 -58.86 17.01 57.05
N LEU F 169 -58.11 18.01 57.46
CA LEU F 169 -56.73 18.20 57.02
C LEU F 169 -55.89 16.93 57.12
N LEU F 170 -55.92 16.30 58.29
CA LEU F 170 -55.11 15.12 58.54
C LEU F 170 -55.55 13.92 57.71
N ASP F 171 -56.81 13.92 57.28
CA ASP F 171 -57.34 12.83 56.47
C ASP F 171 -56.80 12.86 55.05
N PHE F 172 -56.88 14.02 54.39
CA PHE F 172 -56.41 14.17 53.02
C PHE F 172 -54.94 13.81 52.88
N ILE F 173 -54.15 14.15 53.91
CA ILE F 173 -52.73 13.84 53.89
C ILE F 173 -52.52 12.32 53.88
N ASP F 174 -53.29 11.62 54.71
CA ASP F 174 -53.19 10.17 54.79
C ASP F 174 -53.67 9.53 53.49
N GLU F 175 -54.60 10.19 52.81
CA GLU F 175 -55.11 9.70 51.54
C GLU F 175 -54.02 9.75 50.48
N GLN F 176 -53.10 10.69 50.63
CA GLN F 176 -51.95 10.79 49.72
C GLN F 176 -50.81 9.91 50.23
N GLY F 177 -49.71 9.87 49.50
CA GLY F 177 -48.61 8.96 49.79
C GLY F 177 -47.25 9.63 49.98
N GLN F 178 -47.23 10.96 50.03
CA GLN F 178 -45.99 11.69 50.24
C GLN F 178 -46.11 12.70 51.37
N VAL F 179 -44.99 13.30 51.75
CA VAL F 179 -44.94 14.23 52.87
C VAL F 179 -45.68 15.52 52.52
N HIS F 180 -46.51 15.99 53.45
CA HIS F 180 -47.22 17.25 53.31
C HIS F 180 -46.84 18.19 54.44
N VAL F 181 -47.18 19.47 54.27
CA VAL F 181 -46.99 20.48 55.31
C VAL F 181 -48.28 21.24 55.54
N ILE F 182 -48.69 21.36 56.79
CA ILE F 182 -49.84 22.16 57.17
C ILE F 182 -49.34 23.55 57.56
N GLN F 183 -49.95 24.57 56.97
CA GLN F 183 -49.52 25.95 57.17
C GLN F 183 -50.72 26.85 57.46
N LYS F 184 -50.52 27.84 58.32
CA LYS F 184 -51.59 28.78 58.65
C LYS F 184 -52.02 29.56 57.42
N TYR F 185 -53.30 29.47 57.09
CA TYR F 185 -53.84 30.19 55.94
C TYR F 185 -54.14 31.63 56.32
N LEU F 186 -53.49 32.57 55.63
CA LEU F 186 -53.69 33.99 55.90
C LEU F 186 -55.10 34.41 55.50
N GLU F 187 -55.96 34.58 56.48
CA GLU F 187 -57.37 34.87 56.23
C GLU F 187 -57.62 36.35 55.94
N LYS F 188 -56.63 37.20 56.22
CA LYS F 188 -56.73 38.63 55.97
C LYS F 188 -55.68 39.10 54.96
N PRO F 189 -55.83 38.68 53.70
CA PRO F 189 -54.90 39.11 52.64
C PRO F 189 -55.21 40.50 52.11
N LEU F 190 -54.21 41.19 51.57
CA LEU F 190 -54.44 42.45 50.88
C LEU F 190 -55.22 42.15 49.61
N LEU F 191 -56.09 43.08 49.21
CA LEU F 191 -56.98 42.87 48.08
C LEU F 191 -56.95 44.04 47.10
N LEU F 192 -56.66 43.75 45.84
CA LEU F 192 -56.64 44.76 44.80
C LEU F 192 -58.06 45.22 44.47
N GLU F 193 -58.26 46.52 44.45
CA GLU F 193 -59.53 47.12 44.06
C GLU F 193 -59.34 47.92 42.77
N PRO F 194 -60.28 47.81 41.82
CA PRO F 194 -61.53 47.04 41.86
C PRO F 194 -61.31 45.54 41.71
N GLY F 195 -62.12 44.74 42.39
CA GLY F 195 -62.02 43.29 42.29
C GLY F 195 -62.20 42.58 43.62
N HIS F 196 -61.61 43.13 44.67
CA HIS F 196 -61.62 42.48 45.98
C HIS F 196 -60.97 41.11 45.85
N ARG F 197 -59.80 41.07 45.21
CA ARG F 197 -59.19 39.83 44.74
C ARG F 197 -57.80 39.60 45.29
N LYS F 198 -57.37 38.34 45.28
CA LYS F 198 -56.10 37.92 45.87
C LYS F 198 -54.93 38.08 44.90
N PHE F 199 -53.73 37.81 45.40
CA PHE F 199 -52.51 37.89 44.60
C PHE F 199 -51.32 37.34 45.38
N ASP F 200 -50.23 37.04 44.66
CA ASP F 200 -48.95 36.75 45.30
C ASP F 200 -47.83 37.40 44.48
N ILE F 201 -46.74 37.76 45.16
CA ILE F 201 -45.61 38.40 44.51
C ILE F 201 -44.50 37.39 44.22
N ARG F 202 -43.94 37.47 43.01
CA ARG F 202 -42.83 36.62 42.61
C ARG F 202 -41.59 37.48 42.36
N SER F 203 -40.53 37.19 43.12
CA SER F 203 -39.25 37.89 42.97
C SER F 203 -38.18 36.92 42.47
N TRP F 204 -37.39 37.37 41.50
CA TRP F 204 -36.31 36.57 40.96
C TRP F 204 -34.97 37.02 41.53
N VAL F 205 -34.30 36.09 42.22
CA VAL F 205 -33.03 36.36 42.88
C VAL F 205 -31.90 35.56 42.23
N LEU F 206 -30.80 36.24 41.95
CA LEU F 206 -29.62 35.61 41.37
C LEU F 206 -28.45 35.63 42.36
N VAL F 207 -27.96 34.44 42.69
CA VAL F 207 -26.79 34.29 43.55
C VAL F 207 -25.61 33.81 42.71
N ASP F 208 -24.58 34.63 42.60
CA ASP F 208 -23.42 34.30 41.76
C ASP F 208 -22.41 33.45 42.52
N HIS F 209 -21.27 33.21 41.89
CA HIS F 209 -20.22 32.37 42.47
C HIS F 209 -19.60 33.00 43.72
N LEU F 210 -19.66 34.33 43.81
CA LEU F 210 -19.14 35.04 44.97
C LEU F 210 -20.21 35.16 46.05
N TYR F 211 -21.38 34.59 45.78
CA TYR F 211 -22.51 34.63 46.70
C TYR F 211 -23.04 36.05 46.89
N ASN F 212 -22.80 36.91 45.91
CA ASN F 212 -23.48 38.19 45.87
C ASN F 212 -24.95 37.98 45.53
N ILE F 213 -25.84 38.49 46.38
CA ILE F 213 -27.27 38.27 46.21
C ILE F 213 -27.90 39.40 45.39
N TYR F 214 -28.36 39.06 44.19
CA TYR F 214 -28.90 40.04 43.26
C TYR F 214 -30.41 39.90 43.10
N LEU F 215 -31.15 40.90 43.57
CA LEU F 215 -32.60 40.93 43.40
C LEU F 215 -32.97 41.63 42.10
N TYR F 216 -33.66 40.92 41.23
CA TYR F 216 -34.14 41.49 39.98
C TYR F 216 -35.14 42.61 40.28
N ARG F 217 -34.88 43.80 39.75
CA ARG F 217 -35.70 44.97 40.08
C ARG F 217 -37.12 44.86 39.54
N GLU F 218 -37.36 43.87 38.68
CA GLU F 218 -38.70 43.62 38.14
C GLU F 218 -39.28 42.34 38.71
N GLY F 219 -40.32 42.49 39.53
CA GLY F 219 -41.07 41.35 40.03
C GLY F 219 -42.42 41.31 39.34
N VAL F 220 -43.28 40.40 39.77
CA VAL F 220 -44.61 40.27 39.18
CA VAL F 220 -44.61 40.28 39.18
C VAL F 220 -45.64 39.83 40.22
N LEU F 221 -46.86 40.33 40.07
CA LEU F 221 -47.97 39.92 40.91
C LEU F 221 -48.87 38.95 40.15
N ARG F 222 -48.77 37.66 40.46
CA ARG F 222 -49.72 36.69 39.93
C ARG F 222 -51.05 36.91 40.64
N THR F 223 -51.92 37.70 40.03
CA THR F 223 -53.17 38.11 40.67
C THR F 223 -54.26 37.07 40.49
N SER F 224 -55.27 37.13 41.35
CA SER F 224 -56.49 36.36 41.18
C SER F 224 -57.53 37.22 40.48
N SER F 225 -58.29 36.62 39.56
CA SER F 225 -59.28 37.37 38.80
C SER F 225 -60.69 37.19 39.35
N GLU F 226 -60.79 36.54 40.51
CA GLU F 226 -62.07 36.33 41.17
C GLU F 226 -62.07 36.96 42.56
N PRO F 227 -63.20 37.54 42.98
CA PRO F 227 -63.25 38.19 44.29
C PRO F 227 -63.06 37.21 45.44
N TYR F 228 -62.21 37.58 46.41
CA TYR F 228 -61.94 36.75 47.58
C TYR F 228 -63.22 36.54 48.38
N ASN F 229 -63.32 35.38 49.05
CA ASN F 229 -64.52 35.01 49.78
C ASN F 229 -64.19 34.06 50.91
N SER F 230 -64.26 34.56 52.15
CA SER F 230 -63.83 33.79 53.31
C SER F 230 -64.99 33.03 53.95
N ALA F 231 -65.85 32.45 53.12
CA ALA F 231 -66.96 31.62 53.60
C ALA F 231 -66.94 30.25 52.95
N ASN F 232 -66.39 30.18 51.73
CA ASN F 232 -66.27 28.93 50.99
C ASN F 232 -64.82 28.69 50.59
N PHE F 233 -64.08 28.01 51.44
CA PHE F 233 -62.65 27.78 51.22
C PHE F 233 -62.40 26.60 50.28
N GLN F 234 -63.46 26.09 49.66
CA GLN F 234 -63.34 24.98 48.71
C GLN F 234 -63.40 25.49 47.28
N ASP F 235 -63.95 26.69 47.10
CA ASP F 235 -63.96 27.33 45.79
C ASP F 235 -62.57 27.89 45.49
N LYS F 236 -61.64 26.99 45.17
CA LYS F 236 -60.24 27.35 45.04
C LYS F 236 -59.91 27.95 43.67
N THR F 237 -60.49 29.12 43.41
CA THR F 237 -60.14 29.92 42.24
C THR F 237 -59.89 31.36 42.66
N CYS F 238 -60.49 31.76 43.79
CA CYS F 238 -60.25 33.07 44.38
C CYS F 238 -59.23 32.97 45.52
N HIS F 239 -58.77 31.75 45.79
CA HIS F 239 -57.85 31.50 46.90
C HIS F 239 -56.46 31.13 46.39
N LEU F 240 -56.41 30.41 45.26
CA LEU F 240 -55.14 30.01 44.66
C LEU F 240 -54.84 30.89 43.46
N THR F 241 -53.79 31.70 43.58
CA THR F 241 -53.46 32.68 42.56
C THR F 241 -52.51 32.12 41.50
N ASN F 242 -52.42 30.80 41.41
CA ASN F 242 -51.59 30.16 40.40
C ASN F 242 -52.02 30.53 38.99
N HIS F 243 -51.06 30.92 38.16
CA HIS F 243 -51.36 31.31 36.78
C HIS F 243 -52.00 30.17 36.00
N CYS F 244 -51.73 28.94 36.43
CA CYS F 244 -52.30 27.76 35.78
C CYS F 244 -53.78 27.61 36.14
N ILE F 245 -54.07 27.60 37.44
CA ILE F 245 -55.43 27.48 37.94
C ILE F 245 -56.29 28.64 37.47
N GLN F 246 -55.68 29.81 37.31
CA GLN F 246 -56.40 31.00 36.89
C GLN F 246 -56.72 30.97 35.39
N LYS F 247 -55.79 30.48 34.59
CA LYS F 247 -55.97 30.46 33.14
C LYS F 247 -57.00 29.43 32.70
N GLU F 248 -57.42 28.57 33.64
CA GLU F 248 -58.38 27.51 33.35
C GLU F 248 -59.66 27.65 34.15
N TYR F 249 -59.58 27.39 35.46
CA TYR F 249 -60.75 27.29 36.31
C TYR F 249 -61.46 28.63 36.52
N SER F 250 -60.75 29.74 36.29
CA SER F 250 -61.35 31.06 36.44
C SER F 250 -61.95 31.54 35.13
N LYS F 251 -63.01 32.34 35.23
CA LYS F 251 -63.76 32.80 34.07
C LYS F 251 -63.46 34.26 33.72
N ASN F 252 -62.74 34.94 34.61
CA ASN F 252 -62.40 36.35 34.41
C ASN F 252 -60.91 36.54 34.14
N TYR F 253 -60.27 35.49 33.65
CA TYR F 253 -58.84 35.51 33.34
C TYR F 253 -58.53 36.56 32.27
N GLY F 254 -57.82 37.61 32.67
CA GLY F 254 -57.37 38.64 31.74
C GLY F 254 -58.25 39.88 31.75
N ARG F 255 -59.08 40.03 32.76
CA ARG F 255 -60.00 41.16 32.85
C ARG F 255 -59.26 42.45 33.21
N TYR F 256 -58.56 42.43 34.35
CA TYR F 256 -57.93 43.63 34.89
C TYR F 256 -56.52 43.82 34.34
N GLU F 257 -55.76 42.73 34.23
CA GLU F 257 -54.41 42.77 33.69
C GLU F 257 -54.20 41.65 32.70
N GLU F 258 -53.28 41.86 31.76
CA GLU F 258 -52.94 40.83 30.77
C GLU F 258 -52.33 39.62 31.46
N GLY F 259 -53.05 38.51 31.46
CA GLY F 259 -52.97 37.15 31.94
C GLY F 259 -52.79 37.08 33.44
N ASN F 260 -53.52 37.94 34.16
CA ASN F 260 -53.44 38.01 35.60
C ASN F 260 -52.01 38.24 36.08
N GLU F 261 -51.35 39.23 35.49
CA GLU F 261 -49.98 39.57 35.86
C GLU F 261 -49.78 41.08 35.93
N MET F 262 -49.92 41.64 37.13
CA MET F 262 -49.66 43.05 37.36
C MET F 262 -48.18 43.23 37.71
N PHE F 263 -47.56 44.24 37.13
CA PHE F 263 -46.14 44.49 37.34
C PHE F 263 -45.95 45.65 38.33
N PHE F 264 -44.70 45.90 38.71
CA PHE F 264 -44.39 46.81 39.82
C PHE F 264 -44.76 48.27 39.56
N GLU F 265 -44.59 48.74 38.32
CA GLU F 265 -44.89 50.13 38.00
C GLU F 265 -46.36 50.44 38.27
N GLU F 266 -47.24 49.51 37.96
CA GLU F 266 -48.67 49.68 38.18
C GLU F 266 -49.03 49.47 39.64
N PHE F 267 -48.52 48.38 40.22
CA PHE F 267 -48.81 48.05 41.62
C PHE F 267 -48.33 49.14 42.55
N ASN F 268 -47.23 49.80 42.18
CA ASN F 268 -46.70 50.91 42.95
C ASN F 268 -47.62 52.13 42.89
N GLN F 269 -48.04 52.47 41.68
CA GLN F 269 -48.98 53.59 41.47
C GLN F 269 -50.28 53.34 42.22
N TYR F 270 -50.73 52.10 42.23
CA TYR F 270 -51.93 51.71 42.95
C TYR F 270 -51.78 51.97 44.45
N LEU F 271 -50.64 51.56 45.00
CA LEU F 271 -50.35 51.75 46.41
CA LEU F 271 -50.36 51.75 46.41
C LEU F 271 -50.29 53.23 46.76
N MET F 272 -49.74 54.04 45.86
CA MET F 272 -49.63 55.47 46.07
C MET F 272 -50.99 56.14 46.05
N ASP F 273 -51.87 55.70 45.16
CA ASP F 273 -53.18 56.30 45.01
C ASP F 273 -54.16 55.82 46.08
N ALA F 274 -54.07 54.54 46.42
CA ALA F 274 -55.05 53.92 47.31
C ALA F 274 -54.65 53.99 48.79
N LEU F 275 -53.40 53.67 49.09
CA LEU F 275 -52.92 53.57 50.46
CA LEU F 275 -52.93 53.59 50.47
C LEU F 275 -51.95 54.69 50.83
N ASN F 276 -51.62 55.54 49.86
CA ASN F 276 -50.72 56.66 50.10
C ASN F 276 -49.33 56.21 50.53
N THR F 277 -48.84 55.13 49.90
CA THR F 277 -47.51 54.62 50.18
C THR F 277 -46.85 54.10 48.91
N THR F 278 -45.58 53.71 49.03
CA THR F 278 -44.82 53.20 47.90
C THR F 278 -44.56 51.70 48.04
N LEU F 279 -44.19 51.07 46.92
CA LEU F 279 -43.89 49.64 46.91
C LEU F 279 -42.62 49.34 47.68
N GLU F 280 -41.62 50.21 47.52
CA GLU F 280 -40.35 50.09 48.24
C GLU F 280 -40.56 50.03 49.75
N ASN F 281 -41.24 51.03 50.28
CA ASN F 281 -41.42 51.16 51.72
C ASN F 281 -42.30 50.06 52.31
N SER F 282 -43.49 49.89 51.77
CA SER F 282 -44.51 49.07 52.41
C SER F 282 -44.29 47.55 52.28
N ILE F 283 -43.53 47.14 51.26
CA ILE F 283 -43.42 45.72 50.95
C ILE F 283 -41.97 45.30 50.65
N LEU F 284 -41.28 46.08 49.83
CA LEU F 284 -40.02 45.63 49.26
C LEU F 284 -38.90 45.56 50.30
N LEU F 285 -38.99 46.37 51.36
CA LEU F 285 -38.03 46.27 52.45
C LEU F 285 -38.10 44.90 53.11
N GLN F 286 -39.31 44.41 53.32
CA GLN F 286 -39.52 43.11 53.93
C GLN F 286 -39.03 41.98 53.03
N ILE F 287 -39.30 42.11 51.72
CA ILE F 287 -38.89 41.10 50.76
C ILE F 287 -37.36 40.97 50.74
N LYS F 288 -36.67 42.09 50.61
CA LYS F 288 -35.22 42.10 50.59
C LYS F 288 -34.65 41.54 51.89
N HIS F 289 -35.36 41.76 52.98
CA HIS F 289 -34.94 41.23 54.28
C HIS F 289 -35.10 39.71 54.34
N ILE F 290 -36.20 39.21 53.79
CA ILE F 290 -36.51 37.79 53.82
C ILE F 290 -35.57 37.00 52.90
N ILE F 291 -35.34 37.54 51.70
CA ILE F 291 -34.44 36.90 50.74
C ILE F 291 -33.03 36.77 51.33
N ARG F 292 -32.52 37.87 51.87
CA ARG F 292 -31.17 37.88 52.42
C ARG F 292 -31.05 36.98 53.64
N SER F 293 -32.09 36.98 54.47
CA SER F 293 -32.09 36.18 55.69
C SER F 293 -32.07 34.68 55.39
N CYS F 294 -32.80 34.28 54.36
CA CYS F 294 -32.88 32.87 53.97
C CYS F 294 -31.58 32.37 53.36
N LEU F 295 -30.93 33.20 52.56
CA LEU F 295 -29.74 32.80 51.84
C LEU F 295 -28.47 32.91 52.69
N MET F 296 -28.42 33.89 53.59
CA MET F 296 -27.28 34.01 54.49
CA MET F 296 -27.30 34.02 54.51
C MET F 296 -27.29 32.88 55.52
N CYS F 297 -28.46 32.26 55.70
CA CYS F 297 -28.61 31.17 56.64
C CYS F 297 -27.92 29.90 56.13
N ILE F 298 -28.13 29.60 54.85
CA ILE F 298 -27.61 28.37 54.25
C ILE F 298 -26.28 28.58 53.53
N GLU F 299 -25.78 29.82 53.53
CA GLU F 299 -24.54 30.16 52.85
C GLU F 299 -23.38 29.22 53.18
N PRO F 300 -23.08 29.01 54.48
CA PRO F 300 -21.93 28.16 54.81
C PRO F 300 -22.11 26.70 54.39
N ALA F 301 -23.31 26.32 53.98
CA ALA F 301 -23.61 24.93 53.65
C ALA F 301 -23.57 24.66 52.15
N ILE F 302 -23.57 25.72 51.34
CA ILE F 302 -23.66 25.58 49.88
C ILE F 302 -22.64 26.45 49.13
N SER F 303 -21.99 27.36 49.84
CA SER F 303 -21.04 28.27 49.22
C SER F 303 -19.92 27.53 48.49
N THR F 304 -19.57 28.03 47.30
CA THR F 304 -18.50 27.46 46.50
C THR F 304 -17.31 28.41 46.45
N LYS F 305 -16.99 28.99 47.60
CA LYS F 305 -15.92 29.98 47.69
C LYS F 305 -14.55 29.34 47.46
N HIS F 306 -14.28 28.25 48.16
CA HIS F 306 -12.99 27.57 48.07
C HIS F 306 -13.11 26.18 47.46
N LEU F 307 -14.11 25.98 46.61
CA LEU F 307 -14.33 24.67 45.99
C LEU F 307 -13.60 24.53 44.66
N HIS F 308 -13.55 23.29 44.16
CA HIS F 308 -12.87 22.98 42.91
C HIS F 308 -13.78 23.28 41.71
N TYR F 309 -15.07 23.45 41.97
CA TYR F 309 -15.99 23.99 40.98
C TYR F 309 -16.81 25.08 41.66
N GLN F 310 -17.53 25.88 40.87
CA GLN F 310 -18.30 26.99 41.41
C GLN F 310 -19.74 26.95 40.92
N SER F 311 -20.63 27.52 41.73
CA SER F 311 -22.06 27.50 41.46
C SER F 311 -22.69 28.89 41.45
N PHE F 312 -23.70 29.04 40.60
CA PHE F 312 -24.62 30.17 40.68
C PHE F 312 -26.01 29.57 40.53
N GLN F 313 -27.05 30.36 40.79
CA GLN F 313 -28.41 29.84 40.65
C GLN F 313 -29.45 30.94 40.69
N LEU F 314 -30.51 30.76 39.89
CA LEU F 314 -31.66 31.66 39.89
C LEU F 314 -32.76 31.08 40.75
N PHE F 315 -33.21 31.86 41.74
CA PHE F 315 -34.28 31.43 42.64
C PHE F 315 -35.55 32.24 42.39
N GLY F 316 -36.69 31.65 42.74
CA GLY F 316 -37.97 32.32 42.62
C GLY F 316 -38.72 32.33 43.95
N PHE F 317 -38.62 33.45 44.66
CA PHE F 317 -39.31 33.61 45.94
C PHE F 317 -40.76 34.04 45.72
N ASP F 318 -41.68 33.38 46.42
CA ASP F 318 -43.09 33.72 46.37
C ASP F 318 -43.56 34.28 47.70
N PHE F 319 -44.14 35.48 47.68
CA PHE F 319 -44.57 36.17 48.89
C PHE F 319 -46.07 36.46 48.92
N MET F 320 -46.57 36.70 50.13
CA MET F 320 -47.94 37.13 50.35
CA MET F 320 -47.94 37.16 50.32
C MET F 320 -47.94 38.43 51.16
N VAL F 321 -49.00 39.21 51.01
CA VAL F 321 -49.14 40.47 51.74
C VAL F 321 -50.52 40.56 52.38
N ASP F 322 -50.55 40.64 53.72
CA ASP F 322 -51.82 40.76 54.44
C ASP F 322 -52.32 42.19 54.37
N GLU F 323 -53.44 42.46 55.02
CA GLU F 323 -54.07 43.77 54.98
C GLU F 323 -53.27 44.80 55.77
N GLU F 324 -52.39 44.33 56.64
CA GLU F 324 -51.52 45.22 57.42
C GLU F 324 -50.25 45.56 56.66
N LEU F 325 -50.21 45.22 55.37
CA LEU F 325 -49.03 45.43 54.53
C LEU F 325 -47.81 44.72 55.11
N LYS F 326 -48.04 43.58 55.77
CA LYS F 326 -46.96 42.73 56.25
C LYS F 326 -46.71 41.60 55.25
N VAL F 327 -45.45 41.36 54.94
CA VAL F 327 -45.07 40.36 53.94
C VAL F 327 -44.87 38.99 54.60
N TRP F 328 -45.32 37.95 53.90
CA TRP F 328 -45.15 36.58 54.35
C TRP F 328 -44.50 35.74 53.25
N LEU F 329 -43.50 34.94 53.62
CA LEU F 329 -42.85 34.03 52.68
C LEU F 329 -43.70 32.77 52.50
N ILE F 330 -43.92 32.39 51.25
CA ILE F 330 -44.68 31.19 50.93
C ILE F 330 -43.73 30.03 50.63
N GLU F 331 -42.98 30.16 49.54
CA GLU F 331 -42.03 29.12 49.17
C GLU F 331 -40.89 29.71 48.33
N VAL F 332 -39.83 28.93 48.19
CA VAL F 332 -38.72 29.27 47.31
C VAL F 332 -38.65 28.25 46.20
N ASN F 333 -38.52 28.72 44.96
CA ASN F 333 -38.43 27.84 43.80
C ASN F 333 -37.03 27.80 43.22
N GLY F 334 -36.44 26.62 43.19
CA GLY F 334 -35.07 26.45 42.76
C GLY F 334 -34.90 26.34 41.26
N ALA F 335 -36.00 26.26 40.54
CA ALA F 335 -35.99 26.18 39.09
C ALA F 335 -37.16 26.96 38.50
N PRO F 336 -37.16 28.28 38.69
CA PRO F 336 -38.29 29.13 38.30
C PRO F 336 -38.32 29.50 36.82
N ALA F 337 -39.51 29.76 36.32
CA ALA F 337 -39.68 30.35 34.99
C ALA F 337 -39.89 31.86 35.17
N CYS F 338 -39.74 32.61 34.10
CA CYS F 338 -39.86 34.06 34.15
C CYS F 338 -41.16 34.52 33.49
N ALA F 339 -41.55 35.76 33.74
CA ALA F 339 -42.67 36.37 33.04
C ALA F 339 -42.25 36.59 31.58
N GLN F 340 -43.20 36.47 30.67
CA GLN F 340 -42.90 36.44 29.24
C GLN F 340 -42.10 37.65 28.76
N LYS F 341 -42.50 38.85 29.17
CA LYS F 341 -41.84 40.07 28.68
C LYS F 341 -40.56 40.37 29.43
N LEU F 342 -40.24 39.58 30.46
CA LEU F 342 -39.08 39.82 31.30
C LEU F 342 -37.93 38.84 31.03
N TYR F 343 -38.16 37.88 30.15
CA TYR F 343 -37.13 36.90 29.81
C TYR F 343 -35.88 37.56 29.22
N ALA F 344 -36.09 38.44 28.24
CA ALA F 344 -34.99 39.07 27.52
C ALA F 344 -34.04 39.82 28.45
N GLU F 345 -34.60 40.61 29.35
CA GLU F 345 -33.81 41.44 30.25
C GLU F 345 -33.15 40.60 31.35
N LEU F 346 -33.93 39.69 31.93
CA LEU F 346 -33.42 38.85 33.03
C LEU F 346 -32.31 37.92 32.54
N CYS F 347 -32.57 37.21 31.44
CA CYS F 347 -31.62 36.25 30.91
C CYS F 347 -30.30 36.91 30.52
N GLN F 348 -30.38 38.14 30.03
CA GLN F 348 -29.18 38.91 29.69
C GLN F 348 -28.39 39.22 30.96
N GLY F 349 -29.11 39.50 32.04
CA GLY F 349 -28.49 39.82 33.31
C GLY F 349 -27.79 38.63 33.93
N ILE F 350 -28.33 37.44 33.70
CA ILE F 350 -27.71 36.22 34.19
C ILE F 350 -26.36 36.01 33.52
N VAL F 351 -26.30 36.20 32.21
CA VAL F 351 -25.06 36.06 31.47
C VAL F 351 -24.06 37.14 31.89
N ASP F 352 -24.56 38.33 32.15
CA ASP F 352 -23.71 39.46 32.52
C ASP F 352 -23.03 39.26 33.87
N VAL F 353 -23.82 38.91 34.88
CA VAL F 353 -23.33 38.89 36.27
C VAL F 353 -22.85 37.52 36.72
N ALA F 354 -23.54 36.46 36.29
CA ALA F 354 -23.25 35.12 36.79
C ALA F 354 -22.26 34.36 35.90
N ILE F 355 -22.28 34.63 34.60
CA ILE F 355 -21.46 33.88 33.65
C ILE F 355 -20.28 34.70 33.15
N SER F 356 -20.54 35.89 32.61
CA SER F 356 -19.48 36.72 32.05
C SER F 356 -18.53 37.22 33.14
N SER F 357 -18.97 37.15 34.39
CA SER F 357 -18.13 37.52 35.52
C SER F 357 -16.98 36.53 35.70
N VAL F 358 -17.27 35.26 35.44
CA VAL F 358 -16.27 34.21 35.56
C VAL F 358 -15.53 34.01 34.23
N PHE F 359 -16.26 34.22 33.13
CA PHE F 359 -15.72 34.04 31.79
C PHE F 359 -15.88 35.33 30.96
N PRO F 360 -14.94 36.28 31.12
CA PRO F 360 -15.05 37.59 30.45
C PRO F 360 -15.05 37.49 28.93
N LEU F 361 -15.96 38.22 28.29
CA LEU F 361 -15.98 38.32 26.83
C LEU F 361 -14.94 39.33 26.37
N ALA F 362 -14.72 39.40 25.07
CA ALA F 362 -13.74 40.32 24.50
C ALA F 362 -14.25 41.75 24.58
N THR F 372 -25.98 51.26 35.49
CA THR F 372 -27.41 50.95 35.44
C THR F 372 -27.62 49.44 35.41
N SER F 373 -27.51 48.81 36.57
CA SER F 373 -27.73 47.37 36.69
C SER F 373 -29.21 47.06 36.86
N ILE F 374 -29.65 45.93 36.32
CA ILE F 374 -31.04 45.50 36.45
C ILE F 374 -31.27 44.79 37.78
N PHE F 375 -30.23 44.73 38.59
CA PHE F 375 -30.30 44.04 39.87
C PHE F 375 -30.05 44.97 41.05
N ILE F 376 -30.56 44.57 42.21
CA ILE F 376 -30.26 45.27 43.47
C ILE F 376 -29.42 44.34 44.33
N LYS F 377 -28.20 44.76 44.64
CA LYS F 377 -27.28 43.95 45.43
C LYS F 377 -27.71 43.97 46.90
N LEU F 378 -28.13 42.80 47.39
CA LEU F 378 -28.57 42.69 48.78
C LEU F 378 -27.39 42.54 49.74
N HIS F 379 -27.03 43.64 50.39
CA HIS F 379 -25.97 43.64 51.38
C HIS F 379 -26.32 44.56 52.54
N HIS F 380 -25.83 44.25 53.73
CA HIS F 380 -26.10 45.07 54.90
C HIS F 380 -25.15 44.71 56.04
N HIS F 381 -24.41 45.70 56.52
CA HIS F 381 -23.43 45.50 57.58
C HIS F 381 -23.72 46.39 58.78
N HIS F 382 -24.72 46.01 59.57
CA HIS F 382 -25.05 46.72 60.81
C HIS F 382 -24.16 46.23 61.95
N HIS F 383 -23.41 47.16 62.54
CA HIS F 383 -22.46 46.83 63.60
C HIS F 383 -23.12 46.81 64.97
N HIS F 384 -22.90 45.74 65.71
CA HIS F 384 -23.38 45.61 67.09
C HIS F 384 -22.77 44.38 67.75
PG GTP G . 3.11 -1.93 36.15
O1G GTP G . 4.37 -1.14 35.88
O2G GTP G . 3.39 -3.40 35.99
O3G GTP G . 2.03 -1.54 35.16
O3B GTP G . 2.59 -1.68 37.66
PB GTP G . 3.14 -0.50 38.61
O1B GTP G . 4.65 -0.50 38.65
O2B GTP G . 2.57 -0.68 39.99
O3A GTP G . 2.59 0.86 37.94
PA GTP G . 2.43 2.24 38.76
O1A GTP G . 3.41 3.24 38.16
O2A GTP G . 2.68 2.09 40.24
O5' GTP G . 0.93 2.72 38.46
C5' GTP G . 0.61 3.81 37.64
C4' GTP G . -0.06 4.91 38.46
O4' GTP G . 0.66 5.12 39.65
C3' GTP G . -0.11 6.22 37.71
O3' GTP G . -1.43 6.74 37.68
C2' GTP G . 0.78 7.15 38.50
O2' GTP G . 0.21 8.45 38.56
C1' GTP G . 0.92 6.50 39.86
N9 GTP G . 2.28 6.65 40.40
C8 GTP G . 3.41 6.02 39.95
N7 GTP G . 4.46 6.39 40.70
C5 GTP G . 4.02 7.25 41.65
C6 GTP G . 4.66 7.93 42.68
O6 GTP G . 5.88 7.79 42.84
N1 GTP G . 3.93 8.76 43.51
C2 GTP G . 2.58 8.91 43.32
N2 GTP G . 1.88 9.71 44.12
N3 GTP G . 1.94 8.23 42.30
C4 GTP G . 2.65 7.42 41.48
H4' GTP G . -1.08 4.59 38.69
H3' GTP G . 0.28 6.09 36.70
HO3' GTP G . -1.46 7.58 38.16
H2' GTP G . 1.76 7.20 38.02
HO2' GTP G . 0.03 8.68 39.50
H1' GTP G . 0.19 6.92 40.54
H8 GTP G . 3.45 5.32 39.11
HN1 GTP G . 4.42 9.30 44.26
HN21 GTP G . 0.88 9.82 43.98
HN22 GTP G . 2.35 10.21 44.88
MG MG H . 6.02 -0.71 36.97
CA CA I . 17.04 -1.43 71.07
CL CL J . -3.23 -15.77 61.78
O1 MES K . -1.26 -13.58 26.27
C2 MES K . -0.71 -14.79 26.76
C3 MES K . 0.24 -14.52 27.92
N4 MES K . 1.26 -13.58 27.48
C5 MES K . 0.73 -12.34 26.91
C6 MES K . -0.23 -12.72 25.79
C7 MES K . 2.30 -13.33 28.46
C8 MES K . 3.21 -14.55 28.53
S MES K . 4.58 -14.18 29.38
O1S MES K . 4.96 -15.35 30.20
O2S MES K . 5.67 -13.89 28.42
O3S MES K . 4.35 -13.01 30.26
H21 MES K . -1.51 -15.46 27.09
H22 MES K . -0.17 -15.30 25.96
H31 MES K . 0.72 -15.46 28.24
H32 MES K . -0.31 -14.11 28.77
HN4 MES K . 1.73 -14.04 26.71
H51 MES K . 1.54 -11.73 26.53
H52 MES K . 0.21 -11.77 27.69
H61 MES K . -0.67 -11.81 25.38
H62 MES K . 0.33 -13.21 24.99
H71 MES K . 1.86 -13.14 29.44
H72 MES K . 2.89 -12.45 28.17
H81 MES K . 3.45 -14.88 27.52
H82 MES K . 2.67 -15.37 29.04
PB GDP L . 11.40 -4.30 -2.50
O1B GDP L . 12.92 -4.26 -2.58
O2B GDP L . 10.95 -4.19 -1.06
O3B GDP L . 10.92 -5.60 -3.06
O3A GDP L . 10.79 -3.10 -3.37
PA GDP L . 10.73 -1.58 -2.84
O1A GDP L . 11.58 -0.71 -3.73
O2A GDP L . 11.20 -1.48 -1.42
O5' GDP L . 9.18 -1.21 -2.97
C5' GDP L . 8.73 -0.20 -3.87
C4' GDP L . 7.75 0.71 -3.15
O4' GDP L . 8.44 1.29 -2.04
C3' GDP L . 7.27 1.85 -4.03
O3' GDP L . 5.88 2.11 -3.79
C2' GDP L . 8.15 3.03 -3.64
O2' GDP L . 7.42 4.26 -3.67
C1' GDP L . 8.63 2.69 -2.24
N9 GDP L . 10.07 3.03 -2.10
C8 GDP L . 11.09 2.47 -2.76
N7 GDP L . 12.27 3.03 -2.37
C5 GDP L . 12.00 3.94 -1.43
C6 GDP L . 12.78 4.90 -0.61
O6 GDP L . 14.02 4.96 -0.69
N1 GDP L . 12.11 5.68 0.25
C2 GDP L . 10.77 5.64 0.37
N2 GDP L . 10.17 6.47 1.26
N3 GDP L . 9.99 4.80 -0.35
C4 GDP L . 10.54 3.94 -1.26
H4' GDP L . 6.89 0.13 -2.79
H3' GDP L . 7.45 1.60 -5.08
HO3' GDP L . 5.59 2.83 -4.37
H2' GDP L . 9.01 3.07 -4.32
HO2' GDP L . 7.07 4.41 -4.56
H1' GDP L . 8.04 3.26 -1.51
H8 GDP L . 11.00 1.69 -3.52
HN1 GDP L . 12.64 6.35 0.83
HN21 GDP L . 10.73 7.10 1.81
HN22 GDP L . 9.17 6.45 1.37
MG MG M . 12.43 -0.91 -5.76
CA CA N . 15.51 -20.58 -6.32
O1 MES O . 0.86 -10.54 16.50
C2 MES O . -0.43 -10.19 17.02
C3 MES O . -0.31 -9.35 18.28
N4 MES O . 0.58 -10.08 19.16
C5 MES O . 1.95 -10.20 18.68
C6 MES O . 1.98 -9.95 17.17
C7 MES O . 0.40 -9.74 20.58
C8 MES O . 1.50 -10.40 21.41
S MES O . 1.17 -10.24 23.03
O1S MES O . 1.46 -11.53 23.71
O2S MES O . 2.05 -9.20 23.59
O3S MES O . -0.25 -9.86 23.27
H21 MES O . -0.98 -11.10 17.25
H22 MES O . -0.99 -9.64 16.26
H31 MES O . 0.11 -8.36 18.04
H32 MES O . -1.29 -9.21 18.75
HN4 MES O . 0.24 -11.03 19.10
H51 MES O . 2.59 -9.46 19.18
H52 MES O . 2.35 -11.19 18.90
H61 MES O . 1.96 -8.88 16.99
H62 MES O . 2.90 -10.35 16.75
H71 MES O . -0.58 -10.10 20.92
H72 MES O . 0.44 -8.66 20.71
H81 MES O . 1.58 -11.46 21.15
H82 MES O . 2.46 -9.93 21.19
O1 MES P . -7.27 18.91 17.39
C2 MES P . -6.13 19.65 16.96
C3 MES P . -6.47 20.47 15.71
N4 MES P . -6.71 19.49 14.65
C5 MES P . -7.56 18.36 15.01
C6 MES P . -8.22 18.64 16.36
C7 MES P . -6.94 20.10 13.35
C8 MES P . -5.64 19.94 12.57
S MES P . -5.79 20.66 11.08
O1S MES P . -4.46 20.75 10.44
O2S MES P . -6.69 19.86 10.23
O3S MES P . -6.35 22.02 11.24
H21 MES P . -5.31 18.96 16.73
H22 MES P . -5.81 20.32 17.75
H31 MES P . -7.37 21.07 15.88
H32 MES P . -5.65 21.12 15.44
HN4 MES P . -5.81 19.06 14.54
H51 MES P . -6.96 17.46 15.08
H52 MES P . -8.32 18.21 14.25
H61 MES P . -8.88 19.50 16.27
H62 MES P . -8.83 17.78 16.65
H71 MES P . -7.76 19.60 12.84
H72 MES P . -7.20 21.16 13.46
H81 MES P . -5.42 18.88 12.44
H82 MES P . -4.82 20.41 13.13
MG MG Q . 17.35 -24.56 8.99
PG GTP R . 15.23 -17.67 -45.49
O1G GTP R . 16.38 -16.97 -46.18
O2G GTP R . 15.58 -19.13 -45.25
O3G GTP R . 13.99 -17.61 -46.35
O3B GTP R . 14.94 -16.97 -44.06
PB GTP R . 15.63 -15.59 -43.62
O1B GTP R . 17.11 -15.67 -43.86
O2B GTP R . 15.33 -15.33 -42.17
O3A GTP R . 14.98 -14.44 -44.55
PA GTP R . 15.00 -12.88 -44.13
O1A GTP R . 15.75 -12.11 -45.19
O2A GTP R . 15.64 -12.66 -42.78
O5' GTP R . 13.47 -12.44 -44.12
C5' GTP R . 12.89 -11.67 -45.16
C4' GTP R . 12.42 -10.34 -44.58
O4' GTP R . 13.39 -9.84 -43.70
C3' GTP R . 12.19 -9.30 -45.67
O3' GTP R . 10.88 -8.79 -45.61
C2' GTP R . 13.19 -8.21 -45.38
O2' GTP R . 12.61 -6.94 -45.54
C1' GTP R . 13.65 -8.47 -43.95
N9 GTP R . 15.10 -8.23 -43.78
C8 GTP R . 16.12 -8.99 -44.29
N7 GTP R . 17.29 -8.44 -43.90
C5 GTP R . 17.04 -7.34 -43.18
C6 GTP R . 17.87 -6.43 -42.56
O6 GTP R . 19.10 -6.55 -42.63
N1 GTP R . 17.33 -5.37 -41.86
C2 GTP R . 15.96 -5.23 -41.78
N2 GTP R . 15.43 -4.22 -41.11
N3 GTP R . 15.14 -6.15 -42.40
C4 GTP R . 15.66 -7.19 -43.09
H4' GTP R . 11.48 -10.51 -44.05
H3' GTP R . 12.39 -9.74 -46.65
HO3' GTP R . 10.92 -7.83 -45.40
H2' GTP R . 14.04 -8.32 -46.05
HO2' GTP R . 12.61 -6.47 -44.68
H1' GTP R . 13.09 -7.84 -43.27
H8 GTP R . 16.00 -9.90 -44.88
HN1 GTP R . 17.95 -4.67 -41.41
HN21 GTP R . 14.42 -4.12 -41.05
HN22 GTP R . 16.03 -3.54 -40.66
MG MG S . 18.28 -16.49 -45.38
CA CA T . 36.04 -7.64 -15.87
MG MG U . 17.41 -32.13 -84.50
PG GTP V . 15.07 -33.67 -83.80
O1G GTP V . 13.94 -34.59 -84.14
O2G GTP V . 15.34 -32.77 -84.99
O3G GTP V . 16.31 -34.47 -83.48
O3B GTP V . 14.65 -32.80 -82.52
PB GTP V . 15.30 -31.35 -82.30
O1B GTP V . 15.05 -30.92 -80.87
O2B GTP V . 16.77 -31.34 -82.63
O3A GTP V . 14.44 -30.46 -83.32
PA GTP V . 14.66 -28.87 -83.38
O1A GTP V . 14.79 -28.32 -81.98
O2A GTP V . 15.86 -28.53 -84.22
O5' GTP V . 13.33 -28.29 -84.08
C5' GTP V . 12.15 -28.14 -83.34
C4' GTP V . 11.74 -26.66 -83.37
O4' GTP V . 12.79 -25.89 -82.83
C3' GTP V . 11.47 -26.16 -84.77
O3' GTP V . 10.12 -25.81 -84.93
C2' GTP V . 12.34 -24.93 -84.94
O2' GTP V . 11.58 -23.84 -85.40
C1' GTP V . 12.95 -24.68 -83.56
N9 GTP V . 14.37 -24.32 -83.65
C8 GTP V . 15.40 -25.05 -84.15
N7 GTP V . 16.54 -24.34 -84.01
C5 GTP V . 16.25 -23.15 -83.43
C6 GTP V . 17.02 -22.06 -83.06
O6 GTP V . 18.24 -22.05 -83.26
N1 GTP V . 16.42 -20.97 -82.47
C2 GTP V . 15.06 -20.97 -82.24
N2 GTP V . 14.48 -19.92 -81.67
N3 GTP V . 14.31 -22.06 -82.60
C4 GTP V . 14.89 -23.13 -83.19
H4' GTP V . 10.83 -26.54 -82.77
H3' GTP V . 11.76 -26.92 -85.51
HO3' GTP V . 10.05 -24.85 -85.11
H2' GTP V . 13.14 -25.16 -85.64
HO2' GTP V . 11.60 -23.13 -84.72
H1' GTP V . 12.38 -23.89 -83.08
H8 GTP V . 15.33 -26.06 -84.58
HN1 GTP V . 16.99 -20.14 -82.20
HN21 GTP V . 13.48 -19.92 -81.50
HN22 GTP V . 15.04 -19.11 -81.39
C10 BKL W . 5.45 -33.52 -92.23
C13 BKL W . 5.97 -36.67 -91.52
C15 BKL W . 7.09 -37.07 -88.60
C21 BKL W . 10.32 -38.00 -90.61
C22 BKL W . 10.01 -38.72 -91.99
C24 BKL W . 8.50 -38.39 -93.99
C26 BKL W . 8.02 -36.70 -95.80
C28 BKL W . 9.35 -36.06 -95.65
C01 BKL W . 4.17 -33.01 -95.90
C02 BKL W . 3.89 -34.02 -96.82
C03 BKL W . 4.82 -35.01 -97.12
C04 BKL W . 6.07 -35.01 -96.49
C05 BKL W . 6.34 -33.99 -95.57
C06 BKL W . 5.40 -32.97 -95.26
N07 BKL W . 5.81 -32.00 -94.28
C08 BKL W . 5.85 -32.17 -92.86
O09 BKL W . 6.21 -31.24 -92.16
C11 BKL W . 6.52 -34.11 -91.27
C12 BKL W . 6.22 -35.47 -90.64
C14 BKL W . 6.74 -35.68 -89.21
C16 BKL W . 7.97 -37.97 -89.55
O17 BKL W . 8.41 -39.04 -88.72
C18 BKL W . 9.64 -39.60 -88.87
O19 BKL W . 9.79 -40.73 -88.44
N20 BKL W . 10.64 -38.86 -89.49
C23 BKL W . 9.14 -37.91 -92.92
C25 BKL W . 7.62 -37.61 -94.88
C27 BKL W . 7.07 -36.10 -96.84
O29 BKL W . 11.30 -39.00 -92.51
C30 BKL W . 11.98 -40.14 -92.07
C31 BKL W . 9.12 -37.13 -90.12
O32 BKL W . 11.42 -37.22 -90.87
C33 BKL W . 5.82 -37.77 -88.14
O34 BKL W . 5.37 -35.42 -89.51
O35 BKL W . 7.67 -34.32 -92.03
C36 BKL W . 6.21 -30.68 -94.78
O37 BKL W . 2.68 -34.09 -97.47
C38 BKL W . 2.39 -33.09 -98.40
CL3 BKL W . 2.98 -31.84 -95.58
H101 BKL W . 4.46 -33.46 -91.72
H102 BKL W . 5.27 -34.23 -93.07
H132 BKL W . 6.92 -37.06 -91.92
H133 BKL W . 5.32 -36.48 -92.38
H131 BKL W . 5.51 -37.50 -90.97
H151 BKL W . 7.70 -36.90 -87.67
H221 BKL W . 9.53 -39.70 -91.79
H241 BKL W . 8.44 -39.49 -94.10
H282 BKL W . 9.44 -35.56 -94.66
H283 BKL W . 9.56 -35.28 -96.39
H281 BKL W . 10.18 -36.77 -95.70
H031 BKL W . 4.57 -35.80 -97.85
H051 BKL W . 7.30 -33.96 -95.07
H111 BKL W . 6.72 -33.39 -90.43
H141 BKL W . 7.29 -34.85 -88.74
H161 BKL W . 7.34 -38.44 -90.35
H201 BKL W . 11.58 -38.94 -89.13
H231 BKL W . 9.00 -36.86 -92.63
H251 BKL W . 6.56 -37.72 -94.67
H272 BKL W . 6.48 -36.93 -97.28
H271 BKL W . 7.69 -35.76 -97.69
H301 BKL W . 13.06 -40.14 -92.28
H302 BKL W . 11.52 -40.97 -92.64
H303 BKL W . 11.83 -40.35 -91.00
H312 BKL W . 8.75 -36.46 -90.92
H311 BKL W . 9.48 -36.42 -89.35
H321 BKL W . 11.53 -36.56 -90.19
H333 BKL W . 5.52 -38.61 -88.78
H332 BKL W . 4.96 -37.08 -88.12
H331 BKL W . 5.87 -38.20 -87.14
H351 BKL W . 8.19 -33.52 -92.02
H362 BKL W . 6.08 -30.57 -95.87
H363 BKL W . 7.28 -30.49 -94.57
H361 BKL W . 5.65 -29.84 -94.32
H381 BKL W . 1.43 -32.62 -98.11
H383 BKL W . 2.31 -33.38 -99.46
H382 BKL W . 3.18 -32.33 -98.31
CA CA X . -10.54 -10.43 56.71
PG ACP Y . -45.50 24.69 41.53
O1G ACP Y . -44.22 25.11 42.23
O2G ACP Y . -45.81 23.20 41.63
O3G ACP Y . -45.47 25.13 40.06
PB ACP Y . -47.00 25.40 44.15
O1B ACP Y . -48.32 25.27 44.84
O2B ACP Y . -45.85 24.61 44.74
C3B ACP Y . -46.95 25.63 42.44
PA ACP Y . -47.25 27.37 46.33
O1A ACP Y . -46.92 28.80 46.71
O2A ACP Y . -47.49 26.33 47.35
O3A ACP Y . -46.67 26.98 44.94
O5' ACP Y . -49.07 27.74 46.00
C5' ACP Y . -49.36 28.84 45.32
C4' ACP Y . -50.72 29.57 45.83
O4' ACP Y . -51.26 28.95 46.97
C3' ACP Y . -50.41 31.01 46.33
O3' ACP Y . -50.41 32.03 45.37
C2' ACP Y . -51.54 31.31 47.30
O2' ACP Y . -52.63 31.82 46.57
C1' ACP Y . -51.87 29.88 47.82
N9 ACP Y . -51.30 29.69 49.17
C8 ACP Y . -50.25 28.80 49.48
N7 ACP Y . -49.94 28.84 50.81
C5 ACP Y . -50.83 29.78 51.38
C6 ACP Y . -50.98 30.25 52.71
N6 ACP Y . -50.21 29.80 53.77
N1 ACP Y . -51.96 31.20 52.98
C2 ACP Y . -52.72 31.64 51.91
N3 ACP Y . -52.65 31.27 50.61
C4 ACP Y . -51.68 30.31 50.36
H3B1 ACP Y . -46.85 26.66 42.08
H3B2 ACP Y . -47.84 25.32 41.89
H5'1 ACP Y . -49.65 28.70 44.25
H5'2 ACP Y . -48.59 29.63 45.34
H4' ACP Y . -51.49 29.55 45.03
H3' ACP Y . -49.51 31.12 46.94
HO3' ACP Y . -49.90 31.72 44.62
H2' ACP Y . -51.12 32.00 48.04
HO2' ACP Y . -52.30 32.51 46.00
H1' ACP Y . -52.98 29.73 47.95
H8 ACP Y . -49.78 28.19 48.71
HN61 ACP Y . -49.28 29.51 53.62
HN62 ACP Y . -50.54 29.74 54.72
H2 ACP Y . -53.47 32.39 52.16
#